data_3RHR
#
_entry.id   3RHR
#
_cell.length_a   258.736
_cell.length_b   194.226
_cell.length_c   97.067
_cell.angle_alpha   90.00
_cell.angle_beta   108.94
_cell.angle_gamma   90.00
#
_symmetry.space_group_name_H-M   'C 1 2 1'
#
loop_
_entity.id
_entity.type
_entity.pdbx_description
1 polymer 'Aldehyde dehydrogenase 1 family, member L1'
2 non-polymer 'NADPH DIHYDRO-NICOTINAMIDE-ADENINE-DINUCLEOTIDE PHOSPHATE'
3 non-polymer 'SULFATE ION'
4 non-polymer GLYCEROL
5 water water
#
_entity_poly.entity_id   1
_entity_poly.type   'polypeptide(L)'
_entity_poly.pdbx_seq_one_letter_code
;MRGSHHHHHTTGEDDESECVINYVEKAVNKLTLQMPYQLFIGGEFVDAEGSKTYNTINPTDGSVICQVSLAQVSDVDKAV
AAAKEAFENGLWGKINARDRGRLLYRLADVMEQHQEELATIEALDAGAVYTLALKTHVGMSIQTFRYFAGWCDKIQGATI
PINQARPNRNLTLTKKEPVGVCGIVIPWNYPLMMLSWKTAACLAAGNTVVIKPAQVTPLTALKFAELTLKAGIPKGVVNI
LPGSGSLVGQRLSDHPDVRKIGFTGSTEVGKHIMKSCALSNVKKVSLELGGKSPLIIFADCDLNKAVQMGMSSVFFNKGE
NAIAAGRLFVEESIHNQFVQKVVEEVEKMKIGNPLERDTNHGPQNHEAHLRKLVEYCQRGVKEGATLVCGGNQVPRPGFF
FQPTVFTDVEDHMYIAKEESFGPIMIISRFADGDVDAVLSRANATEFGLASGVFTRDINKALYVSDKLQAGTVFINTYNK
TDVAAPFGGFKQSGFGKDLGEAALNEYLRIKTVTFEY
;
_entity_poly.pdbx_strand_id   A,B,C,D
#
loop_
_chem_comp.id
_chem_comp.type
_chem_comp.name
_chem_comp.formula
GOL non-polymer GLYCEROL 'C3 H8 O3'
NDP non-polymer 'NADPH DIHYDRO-NICOTINAMIDE-ADENINE-DINUCLEOTIDE PHOSPHATE' 'C21 H30 N7 O17 P3'
SO4 non-polymer 'SULFATE ION' 'O4 S -2'
#
# COMPACT_ATOMS: atom_id res chain seq x y z
N VAL A 20 45.80 3.64 -7.44
CA VAL A 20 46.02 3.03 -8.79
C VAL A 20 45.64 1.54 -8.79
N ILE A 21 44.82 1.17 -9.77
CA ILE A 21 44.32 -0.20 -9.92
C ILE A 21 45.10 -0.92 -11.02
N ASN A 22 45.40 -2.19 -10.80
CA ASN A 22 45.94 -3.03 -11.85
C ASN A 22 44.84 -3.53 -12.78
N TYR A 23 45.05 -3.37 -14.08
CA TYR A 23 44.11 -3.84 -15.07
C TYR A 23 44.73 -4.84 -16.01
N VAL A 24 43.90 -5.74 -16.53
CA VAL A 24 44.20 -6.42 -17.76
C VAL A 24 43.62 -5.53 -18.86
N GLU A 25 44.50 -5.04 -19.72
CA GLU A 25 44.10 -4.16 -20.80
C GLU A 25 43.97 -4.93 -22.12
N LYS A 26 42.97 -4.60 -22.93
CA LYS A 26 42.73 -5.30 -24.18
C LYS A 26 42.05 -4.40 -25.19
N ALA A 27 42.62 -4.30 -26.40
CA ALA A 27 42.00 -3.54 -27.47
C ALA A 27 41.07 -4.48 -28.21
N VAL A 28 39.77 -4.20 -28.13
CA VAL A 28 38.77 -5.04 -28.77
C VAL A 28 37.49 -4.25 -28.95
N ASN A 29 36.75 -4.55 -30.03
CA ASN A 29 35.45 -3.95 -30.28
C ASN A 29 35.49 -2.42 -30.31
N LYS A 30 36.59 -1.85 -30.81
CA LYS A 30 36.71 -0.41 -31.03
C LYS A 30 36.86 0.39 -29.75
N LEU A 31 37.28 -0.28 -28.70
CA LEU A 31 37.56 0.41 -27.46
C LEU A 31 38.73 -0.32 -26.79
N THR A 32 39.20 0.24 -25.68
CA THR A 32 40.18 -0.38 -24.83
C THR A 32 39.49 -0.86 -23.55
N LEU A 33 39.46 -2.16 -23.31
CA LEU A 33 38.99 -2.69 -22.03
C LEU A 33 40.06 -2.49 -21.00
N GLN A 34 39.66 -2.04 -19.81
CA GLN A 34 40.55 -2.01 -18.65
C GLN A 34 39.88 -2.83 -17.55
N MET A 35 40.30 -4.09 -17.42
CA MET A 35 39.60 -5.05 -16.57
C MET A 35 40.33 -5.32 -15.26
N PRO A 36 39.73 -4.93 -14.13
CA PRO A 36 40.31 -5.33 -12.83
C PRO A 36 40.17 -6.85 -12.70
N TYR A 37 41.09 -7.51 -11.99
CA TYR A 37 41.13 -8.97 -12.00
C TYR A 37 41.32 -9.53 -10.58
N GLN A 38 41.39 -8.63 -9.62
CA GLN A 38 41.61 -8.97 -8.22
C GLN A 38 40.31 -8.96 -7.39
N LEU A 39 40.41 -9.47 -6.17
CA LEU A 39 39.29 -9.41 -5.22
C LEU A 39 39.01 -7.94 -4.93
N PHE A 40 37.76 -7.64 -4.62
CA PHE A 40 37.41 -6.29 -4.20
C PHE A 40 36.94 -6.33 -2.75
N ILE A 41 37.74 -5.76 -1.85
CA ILE A 41 37.47 -5.80 -0.40
C ILE A 41 37.72 -4.43 0.22
N GLY A 42 36.75 -3.92 0.98
CA GLY A 42 36.91 -2.65 1.68
C GLY A 42 37.38 -1.54 0.76
N GLY A 43 36.87 -1.56 -0.46
CA GLY A 43 37.11 -0.46 -1.41
C GLY A 43 38.44 -0.52 -2.12
N GLU A 44 39.14 -1.65 -2.02
CA GLU A 44 40.40 -1.76 -2.77
C GLU A 44 40.53 -3.11 -3.44
N PHE A 45 41.20 -3.12 -4.58
CA PHE A 45 41.50 -4.36 -5.28
C PHE A 45 42.74 -5.01 -4.67
N VAL A 46 42.64 -6.30 -4.34
CA VAL A 46 43.67 -7.00 -3.60
C VAL A 46 43.77 -8.45 -4.03
N ASP A 47 44.97 -9.00 -3.94
CA ASP A 47 45.17 -10.40 -4.23
C ASP A 47 44.48 -11.22 -3.14
N ALA A 48 44.13 -12.45 -3.49
CA ALA A 48 43.65 -13.45 -2.55
C ALA A 48 44.79 -13.96 -1.67
N GLU A 49 44.43 -14.68 -0.59
CA GLU A 49 45.44 -15.31 0.25
C GLU A 49 46.37 -16.19 -0.59
N GLY A 50 47.68 -16.04 -0.36
CA GLY A 50 48.70 -16.77 -1.10
C GLY A 50 48.80 -16.41 -2.57
N SER A 51 48.19 -15.28 -2.96
CA SER A 51 48.13 -14.84 -4.36
C SER A 51 47.62 -15.89 -5.35
N LYS A 52 46.74 -16.77 -4.88
CA LYS A 52 46.13 -17.76 -5.74
C LYS A 52 45.28 -17.12 -6.85
N THR A 53 45.31 -17.72 -8.02
CA THR A 53 44.56 -17.24 -9.16
C THR A 53 43.98 -18.42 -9.89
N TYR A 54 43.13 -18.12 -10.87
CA TYR A 54 42.59 -19.14 -11.77
C TYR A 54 42.34 -18.46 -13.11
N ASN A 55 42.07 -19.25 -14.14
CA ASN A 55 41.88 -18.73 -15.48
C ASN A 55 40.42 -18.54 -15.82
N THR A 56 40.09 -17.41 -16.43
CA THR A 56 38.77 -17.25 -17.03
C THR A 56 38.85 -17.42 -18.55
N ILE A 57 37.91 -18.16 -19.11
CA ILE A 57 38.00 -18.64 -20.49
C ILE A 57 36.99 -17.98 -21.42
N ASN A 58 37.48 -17.51 -22.56
CA ASN A 58 36.66 -16.89 -23.57
C ASN A 58 35.94 -18.00 -24.34
N PRO A 59 34.59 -18.02 -24.30
CA PRO A 59 33.90 -19.12 -25.00
C PRO A 59 33.83 -18.99 -26.53
N THR A 60 34.26 -17.88 -27.10
CA THR A 60 34.31 -17.74 -28.56
C THR A 60 35.49 -18.53 -29.18
N ASP A 61 36.60 -18.66 -28.46
CA ASP A 61 37.74 -19.38 -29.02
C ASP A 61 38.47 -20.32 -28.05
N GLY A 62 37.96 -20.45 -26.82
CA GLY A 62 38.58 -21.34 -25.85
C GLY A 62 39.82 -20.76 -25.20
N SER A 63 40.23 -19.55 -25.60
CA SER A 63 41.45 -18.96 -25.02
C SER A 63 41.28 -18.45 -23.58
N VAL A 64 42.40 -18.21 -22.91
CA VAL A 64 42.41 -17.65 -21.58
C VAL A 64 42.35 -16.13 -21.70
N ILE A 65 41.33 -15.51 -21.09
CA ILE A 65 41.24 -14.06 -21.15
C ILE A 65 42.33 -13.48 -20.24
N CYS A 66 42.39 -13.99 -19.02
CA CYS A 66 43.35 -13.54 -18.04
C CYS A 66 43.24 -14.39 -16.79
N GLN A 67 44.13 -14.11 -15.84
CA GLN A 67 44.13 -14.73 -14.52
C GLN A 67 43.31 -13.87 -13.57
N VAL A 68 42.54 -14.52 -12.70
CA VAL A 68 41.67 -13.82 -11.75
C VAL A 68 41.98 -14.29 -10.33
N SER A 69 42.05 -13.38 -9.35
CA SER A 69 42.27 -13.82 -7.96
C SER A 69 41.26 -14.89 -7.54
N LEU A 70 41.72 -15.84 -6.74
CA LEU A 70 40.87 -16.94 -6.29
C LEU A 70 40.65 -16.82 -4.78
N ALA A 71 39.48 -16.30 -4.40
CA ALA A 71 39.21 -15.97 -2.99
C ALA A 71 39.28 -17.21 -2.12
N GLN A 72 39.91 -17.04 -0.95
CA GLN A 72 39.99 -18.07 0.10
C GLN A 72 39.11 -17.71 1.32
N VAL A 73 38.97 -18.66 2.24
CA VAL A 73 38.11 -18.47 3.42
C VAL A 73 38.46 -17.18 4.16
N SER A 74 39.75 -16.90 4.32
CA SER A 74 40.14 -15.71 5.05
C SER A 74 39.82 -14.42 4.27
N ASP A 75 39.73 -14.54 2.95
CA ASP A 75 39.28 -13.42 2.13
C ASP A 75 37.76 -13.17 2.33
N VAL A 76 36.97 -14.23 2.39
CA VAL A 76 35.57 -14.09 2.75
C VAL A 76 35.43 -13.35 4.09
N ASP A 77 36.16 -13.80 5.11
CA ASP A 77 36.08 -13.19 6.43
C ASP A 77 36.46 -11.71 6.39
N LYS A 78 37.44 -11.36 5.58
CA LYS A 78 37.86 -9.97 5.41
C LYS A 78 36.76 -9.11 4.76
N ALA A 79 36.14 -9.66 3.72
CA ALA A 79 35.05 -9.02 3.00
C ALA A 79 33.85 -8.80 3.93
N VAL A 80 33.47 -9.85 4.66
CA VAL A 80 32.36 -9.75 5.62
C VAL A 80 32.65 -8.69 6.68
N ALA A 81 33.87 -8.69 7.23
CA ALA A 81 34.26 -7.70 8.23
C ALA A 81 34.21 -6.27 7.69
N ALA A 82 34.56 -6.11 6.40
CA ALA A 82 34.51 -4.78 5.78
C ALA A 82 33.06 -4.33 5.62
N ALA A 83 32.21 -5.25 5.15
CA ALA A 83 30.78 -5.02 4.99
C ALA A 83 30.14 -4.67 6.32
N LYS A 84 30.50 -5.41 7.36
CA LYS A 84 29.97 -5.19 8.69
C LYS A 84 30.34 -3.79 9.21
N GLU A 85 31.60 -3.44 9.07
CA GLU A 85 32.11 -2.14 9.47
C GLU A 85 31.47 -1.00 8.67
N ALA A 86 31.36 -1.16 7.35
CA ALA A 86 30.67 -0.19 6.51
C ALA A 86 29.21 0.01 6.96
N PHE A 87 28.52 -1.07 7.32
CA PHE A 87 27.15 -0.95 7.77
C PHE A 87 27.03 -0.29 9.15
N GLU A 88 27.83 -0.77 10.12
CA GLU A 88 27.71 -0.32 11.51
C GLU A 88 28.29 1.06 11.77
N ASN A 89 29.40 1.39 11.12
CA ASN A 89 30.10 2.63 11.45
C ASN A 89 30.39 3.58 10.30
N GLY A 90 30.35 3.06 9.07
CA GLY A 90 30.65 3.88 7.91
C GLY A 90 29.52 4.82 7.54
N LEU A 91 29.80 5.68 6.58
CA LEU A 91 28.87 6.67 6.06
C LEU A 91 27.54 6.07 5.56
N TRP A 92 27.58 4.87 4.99
CA TRP A 92 26.38 4.27 4.37
C TRP A 92 25.24 4.10 5.35
N GLY A 93 25.57 3.82 6.60
CA GLY A 93 24.54 3.60 7.60
C GLY A 93 24.08 4.90 8.23
N LYS A 94 24.66 6.02 7.81
CA LYS A 94 24.36 7.34 8.39
C LYS A 94 23.65 8.32 7.45
N ILE A 95 23.90 8.23 6.15
CA ILE A 95 23.32 9.18 5.19
C ILE A 95 21.81 9.02 5.09
N ASN A 96 21.12 10.07 4.70
CA ASN A 96 19.70 10.01 4.42
C ASN A 96 19.38 8.94 3.37
N ALA A 97 18.21 8.33 3.50
CA ALA A 97 17.68 7.43 2.48
C ALA A 97 17.76 8.10 1.09
N ARG A 98 17.39 9.37 1.03
CA ARG A 98 17.42 10.15 -0.21
C ARG A 98 18.82 10.20 -0.81
N ASP A 99 19.83 10.33 0.06
CA ASP A 99 21.20 10.48 -0.41
C ASP A 99 21.79 9.13 -0.85
N ARG A 100 21.38 8.07 -0.18
CA ARG A 100 21.66 6.71 -0.63
C ARG A 100 21.11 6.54 -2.06
N GLY A 101 19.88 7.00 -2.28
CA GLY A 101 19.26 7.04 -3.61
C GLY A 101 20.12 7.78 -4.61
N ARG A 102 20.61 8.98 -4.26
CA ARG A 102 21.49 9.74 -5.17
C ARG A 102 22.74 8.94 -5.57
N LEU A 103 23.37 8.28 -4.60
CA LEU A 103 24.56 7.48 -4.88
C LEU A 103 24.27 6.34 -5.84
N LEU A 104 23.12 5.68 -5.69
CA LEU A 104 22.76 4.59 -6.56
C LEU A 104 22.36 5.07 -7.96
N TYR A 105 21.71 6.24 -8.06
CA TYR A 105 21.46 6.85 -9.36
C TYR A 105 22.73 7.31 -10.08
C TYR A 105 22.80 7.13 -10.04
N ARG A 106 23.72 7.74 -9.31
CA ARG A 106 25.03 8.06 -9.84
C ARG A 106 25.75 6.79 -10.31
C ARG A 106 25.72 6.78 -10.32
N LEU A 107 25.61 5.71 -9.55
CA LEU A 107 26.18 4.43 -9.94
C LEU A 107 25.58 3.99 -11.28
N ALA A 108 24.26 4.11 -11.42
CA ALA A 108 23.62 3.81 -12.68
C ALA A 108 24.17 4.65 -13.83
N ASP A 109 24.38 5.94 -13.60
CA ASP A 109 24.97 6.83 -14.61
C ASP A 109 26.38 6.40 -15.03
N VAL A 110 27.21 6.07 -14.05
CA VAL A 110 28.57 5.63 -14.31
C VAL A 110 28.54 4.36 -15.15
N MET A 111 27.59 3.46 -14.85
CA MET A 111 27.44 2.24 -15.62
C MET A 111 27.08 2.57 -17.06
N GLU A 112 26.20 3.53 -17.23
CA GLU A 112 25.79 3.93 -18.57
C GLU A 112 26.99 4.53 -19.33
N GLN A 113 27.78 5.36 -18.65
CA GLN A 113 29.00 5.93 -19.23
C GLN A 113 29.98 4.84 -19.67
N HIS A 114 29.90 3.66 -19.06
CA HIS A 114 30.80 2.55 -19.40
C HIS A 114 30.03 1.43 -20.08
N GLN A 115 28.89 1.75 -20.69
CA GLN A 115 28.00 0.68 -21.19
C GLN A 115 28.65 -0.19 -22.26
N GLU A 116 29.38 0.43 -23.21
CA GLU A 116 30.03 -0.33 -24.29
C GLU A 116 31.10 -1.25 -23.75
N GLU A 117 31.91 -0.72 -22.83
CA GLU A 117 32.96 -1.51 -22.19
C GLU A 117 32.36 -2.70 -21.42
N LEU A 118 31.31 -2.46 -20.62
CA LEU A 118 30.69 -3.54 -19.85
C LEU A 118 30.10 -4.60 -20.76
N ALA A 119 29.46 -4.15 -21.84
CA ALA A 119 28.86 -5.10 -22.75
C ALA A 119 29.93 -5.91 -23.50
N THR A 120 31.07 -5.29 -23.79
CA THR A 120 32.17 -5.98 -24.46
C THR A 120 32.79 -7.03 -23.52
N ILE A 121 33.04 -6.64 -22.27
CA ILE A 121 33.52 -7.59 -21.25
C ILE A 121 32.57 -8.78 -21.14
N GLU A 122 31.27 -8.50 -21.12
CA GLU A 122 30.27 -9.55 -21.04
C GLU A 122 30.30 -10.46 -22.26
N ALA A 123 30.49 -9.89 -23.45
CA ALA A 123 30.64 -10.71 -24.66
C ALA A 123 31.86 -11.66 -24.54
N LEU A 124 32.98 -11.14 -24.04
CA LEU A 124 34.19 -11.92 -23.87
C LEU A 124 34.04 -13.03 -22.86
N ASP A 125 33.43 -12.70 -21.72
CA ASP A 125 33.50 -13.53 -20.54
C ASP A 125 32.38 -14.56 -20.55
N ALA A 126 31.25 -14.19 -21.13
CA ALA A 126 30.06 -15.03 -21.05
C ALA A 126 29.54 -15.45 -22.43
N GLY A 127 30.09 -14.84 -23.49
CA GLY A 127 29.65 -15.17 -24.83
C GLY A 127 28.40 -14.42 -25.23
N ALA A 128 28.06 -13.39 -24.47
CA ALA A 128 26.87 -12.59 -24.76
C ALA A 128 27.06 -11.83 -26.07
N VAL A 129 26.14 -12.04 -27.02
CA VAL A 129 26.12 -11.26 -28.23
C VAL A 129 26.06 -9.77 -27.87
N TYR A 130 27.01 -9.01 -28.41
CA TYR A 130 27.22 -7.64 -27.98
C TYR A 130 25.97 -6.76 -28.08
N THR A 131 25.24 -6.81 -29.19
CA THR A 131 24.04 -6.01 -29.33
C THR A 131 22.97 -6.38 -28.28
N LEU A 132 22.87 -7.66 -27.94
CA LEU A 132 21.99 -8.10 -26.86
C LEU A 132 22.54 -7.66 -25.50
N ALA A 133 23.84 -7.83 -25.27
CA ALA A 133 24.42 -7.43 -24.00
C ALA A 133 24.20 -5.95 -23.70
N LEU A 134 24.32 -5.12 -24.73
CA LEU A 134 24.16 -3.68 -24.60
C LEU A 134 22.76 -3.33 -24.11
N LYS A 135 21.77 -3.99 -24.70
CA LYS A 135 20.37 -3.73 -24.45
C LYS A 135 19.85 -4.44 -23.19
N THR A 136 20.34 -5.65 -22.91
CA THR A 136 19.79 -6.48 -21.84
C THR A 136 20.77 -6.62 -20.67
N HIS A 137 21.85 -7.37 -20.89
CA HIS A 137 22.82 -7.63 -19.82
C HIS A 137 23.18 -6.34 -19.10
N VAL A 138 23.49 -5.31 -19.88
CA VAL A 138 23.96 -4.05 -19.34
C VAL A 138 22.80 -3.04 -19.20
N GLY A 139 22.02 -2.90 -20.27
CA GLY A 139 20.89 -2.00 -20.34
C GLY A 139 19.91 -2.21 -19.21
N MET A 140 19.51 -3.45 -18.98
CA MET A 140 18.58 -3.73 -17.88
C MET A 140 19.23 -3.54 -16.51
N SER A 141 20.53 -3.83 -16.41
CA SER A 141 21.31 -3.56 -15.18
C SER A 141 21.27 -2.07 -14.81
N ILE A 142 21.46 -1.21 -15.81
CA ILE A 142 21.36 0.22 -15.62
C ILE A 142 19.94 0.63 -15.17
N GLN A 143 18.92 0.07 -15.82
CA GLN A 143 17.55 0.32 -15.39
C GLN A 143 17.30 -0.14 -13.94
N THR A 144 17.90 -1.27 -13.56
CA THR A 144 17.68 -1.83 -12.23
C THR A 144 18.16 -0.87 -11.16
N PHE A 145 19.38 -0.35 -11.32
CA PHE A 145 19.88 0.58 -10.32
C PHE A 145 19.08 1.87 -10.28
N ARG A 146 18.67 2.37 -11.44
CA ARG A 146 17.85 3.59 -11.47
C ARG A 146 16.51 3.36 -10.80
N TYR A 147 15.88 2.21 -11.09
CA TYR A 147 14.60 1.88 -10.52
C TYR A 147 14.69 1.85 -8.98
N PHE A 148 15.61 1.01 -8.46
CA PHE A 148 15.76 0.86 -7.01
C PHE A 148 16.28 2.11 -6.31
N ALA A 149 17.11 2.91 -6.99
CA ALA A 149 17.51 4.21 -6.43
C ALA A 149 16.27 5.05 -6.07
N GLY A 150 15.24 4.96 -6.90
CA GLY A 150 14.01 5.72 -6.70
C GLY A 150 13.21 5.23 -5.50
N TRP A 151 13.44 3.98 -5.08
CA TRP A 151 12.76 3.44 -3.92
C TRP A 151 13.31 3.92 -2.57
N CYS A 152 14.58 4.28 -2.51
CA CYS A 152 15.19 4.57 -1.21
C CYS A 152 14.34 5.44 -0.29
N ASP A 153 13.97 6.65 -0.71
CA ASP A 153 13.16 7.51 0.16
C ASP A 153 11.65 7.28 0.05
N LYS A 154 11.25 6.15 -0.53
CA LYS A 154 9.82 5.79 -0.63
C LYS A 154 9.48 4.46 0.05
N ILE A 155 10.48 3.88 0.71
CA ILE A 155 10.29 2.72 1.55
C ILE A 155 9.67 3.22 2.86
N GLN A 156 8.49 2.74 3.18
CA GLN A 156 7.66 3.30 4.26
C GLN A 156 7.09 2.23 5.16
N GLY A 157 7.02 2.53 6.46
CA GLY A 157 6.37 1.65 7.42
C GLY A 157 4.95 2.13 7.61
N ALA A 158 4.33 1.72 8.72
CA ALA A 158 2.91 1.99 8.96
C ALA A 158 2.67 2.61 10.34
N THR A 159 1.50 3.22 10.50
CA THR A 159 0.92 3.45 11.83
C THR A 159 -0.40 2.66 11.88
N ILE A 160 -0.67 1.99 13.00
CA ILE A 160 -1.65 0.90 13.05
C ILE A 160 -2.65 1.17 14.17
N PRO A 161 -3.97 1.11 13.87
CA PRO A 161 -4.99 1.46 14.88
C PRO A 161 -5.27 0.29 15.85
N ILE A 162 -4.29 -0.02 16.69
CA ILE A 162 -4.45 -1.07 17.72
C ILE A 162 -5.47 -0.70 18.81
N ASN A 163 -6.02 -1.72 19.48
CA ASN A 163 -6.82 -1.53 20.70
C ASN A 163 -6.10 -0.72 21.79
N GLN A 164 -6.83 0.18 22.43
CA GLN A 164 -6.26 1.15 23.38
C GLN A 164 -6.40 0.60 24.79
N ALA A 165 -5.30 0.63 25.54
CA ALA A 165 -5.27 0.21 26.95
C ALA A 165 -5.88 1.33 27.81
N ARG A 166 -7.20 1.48 27.71
CA ARG A 166 -7.95 2.52 28.41
C ARG A 166 -7.78 2.34 29.93
N PRO A 167 -7.68 3.46 30.68
CA PRO A 167 -7.88 4.84 30.24
C PRO A 167 -6.64 5.47 29.61
N ASN A 168 -5.62 4.68 29.28
CA ASN A 168 -4.47 5.22 28.53
C ASN A 168 -4.62 5.05 27.02
N ARG A 169 -3.63 5.55 26.29
CA ARG A 169 -3.60 5.50 24.84
C ARG A 169 -2.41 4.70 24.32
N ASN A 170 -2.53 4.19 23.10
CA ASN A 170 -1.43 3.51 22.44
C ASN A 170 -1.19 4.07 21.02
N LEU A 171 0.08 4.13 20.65
CA LEU A 171 0.49 4.40 19.29
C LEU A 171 1.38 3.24 18.85
N THR A 172 1.02 2.59 17.73
CA THR A 172 1.88 1.58 17.16
C THR A 172 2.28 1.98 15.75
N LEU A 173 3.59 1.97 15.53
CA LEU A 173 4.14 2.21 14.23
C LEU A 173 5.10 1.08 13.88
N THR A 174 5.42 0.99 12.58
CA THR A 174 6.47 0.10 12.14
C THR A 174 7.53 0.90 11.44
N LYS A 175 8.78 0.45 11.60
CA LYS A 175 9.93 1.01 10.92
C LYS A 175 10.51 -0.06 10.01
C LYS A 175 10.47 -0.07 10.00
N LYS A 176 10.76 0.30 8.76
CA LYS A 176 11.41 -0.61 7.82
C LYS A 176 12.90 -0.34 8.00
N GLU A 177 13.64 -1.38 8.36
CA GLU A 177 15.09 -1.23 8.59
C GLU A 177 15.86 -2.16 7.66
N PRO A 178 17.15 -1.86 7.41
CA PRO A 178 18.01 -2.79 6.67
C PRO A 178 18.22 -4.08 7.46
N VAL A 179 18.43 -5.20 6.77
CA VAL A 179 18.76 -6.43 7.47
C VAL A 179 20.21 -6.43 7.99
N GLY A 180 21.10 -5.75 7.28
CA GLY A 180 22.52 -5.69 7.67
C GLY A 180 23.43 -6.24 6.59
N VAL A 181 24.43 -7.03 6.99
CA VAL A 181 25.37 -7.59 6.02
C VAL A 181 24.71 -8.71 5.23
N CYS A 182 24.76 -8.61 3.89
CA CYS A 182 24.17 -9.64 3.04
C CYS A 182 25.21 -10.33 2.16
N GLY A 183 24.92 -11.58 1.80
CA GLY A 183 25.72 -12.30 0.84
C GLY A 183 24.85 -12.55 -0.36
N ILE A 184 25.43 -12.31 -1.54
CA ILE A 184 24.72 -12.56 -2.78
C ILE A 184 25.56 -13.54 -3.60
N VAL A 185 24.92 -14.63 -4.02
CA VAL A 185 25.60 -15.68 -4.74
C VAL A 185 24.84 -15.86 -6.03
N ILE A 186 25.54 -15.73 -7.16
CA ILE A 186 24.85 -15.71 -8.46
C ILE A 186 25.43 -16.68 -9.51
N PRO A 187 24.63 -16.98 -10.55
CA PRO A 187 25.05 -17.89 -11.63
C PRO A 187 25.74 -17.11 -12.76
N TRP A 188 25.99 -17.79 -13.87
CA TRP A 188 26.83 -17.26 -14.95
C TRP A 188 26.09 -16.84 -16.21
N ASN A 189 24.77 -17.07 -16.27
CA ASN A 189 24.06 -16.85 -17.55
C ASN A 189 23.96 -15.39 -17.94
N TYR A 190 23.73 -14.51 -16.96
CA TYR A 190 23.77 -13.06 -17.20
C TYR A 190 24.57 -12.47 -16.06
N PRO A 191 25.91 -12.53 -16.14
CA PRO A 191 26.73 -12.19 -14.97
C PRO A 191 26.41 -10.84 -14.34
N LEU A 192 26.44 -9.77 -15.13
CA LEU A 192 26.24 -8.42 -14.59
C LEU A 192 24.79 -8.22 -14.18
N MET A 193 23.87 -8.76 -14.98
CA MET A 193 22.45 -8.52 -14.77
C MET A 193 21.92 -9.21 -13.52
N MET A 194 22.37 -10.44 -13.26
CA MET A 194 21.99 -11.13 -12.02
C MET A 194 22.57 -10.43 -10.81
N LEU A 195 23.81 -9.95 -10.94
CA LEU A 195 24.44 -9.19 -9.87
C LEU A 195 23.60 -7.93 -9.59
N SER A 196 23.22 -7.23 -10.66
CA SER A 196 22.50 -5.95 -10.56
C SER A 196 21.09 -6.10 -9.98
N TRP A 197 20.34 -7.08 -10.46
CA TRP A 197 19.01 -7.35 -9.92
C TRP A 197 19.02 -7.36 -8.39
N LYS A 198 19.90 -8.21 -7.84
CA LYS A 198 19.93 -8.47 -6.42
C LYS A 198 20.64 -7.37 -5.67
N THR A 199 21.74 -6.87 -6.21
CA THR A 199 22.54 -5.87 -5.51
C THR A 199 21.80 -4.54 -5.40
N ALA A 200 21.14 -4.14 -6.49
CA ALA A 200 20.38 -2.88 -6.47
C ALA A 200 19.33 -2.86 -5.38
N ALA A 201 18.55 -3.94 -5.25
CA ALA A 201 17.53 -4.06 -4.21
C ALA A 201 18.18 -4.07 -2.82
N CYS A 202 19.27 -4.83 -2.72
CA CYS A 202 20.01 -4.97 -1.46
C CYS A 202 20.50 -3.60 -0.96
N LEU A 203 21.18 -2.86 -1.83
CA LEU A 203 21.75 -1.56 -1.46
C LEU A 203 20.67 -0.51 -1.26
N ALA A 204 19.65 -0.52 -2.12
CA ALA A 204 18.54 0.43 -1.97
C ALA A 204 17.93 0.30 -0.57
N ALA A 205 17.90 -0.91 -0.03
CA ALA A 205 17.32 -1.12 1.30
C ALA A 205 18.27 -0.73 2.43
N GLY A 206 19.48 -0.28 2.09
CA GLY A 206 20.41 0.25 3.11
C GLY A 206 21.41 -0.76 3.65
N ASN A 207 21.47 -1.93 3.01
CA ASN A 207 22.36 -3.00 3.41
C ASN A 207 23.76 -2.83 2.84
N THR A 208 24.71 -3.63 3.35
CA THR A 208 26.00 -3.79 2.69
C THR A 208 26.10 -5.25 2.23
N VAL A 209 27.08 -5.55 1.38
CA VAL A 209 27.02 -6.82 0.67
C VAL A 209 28.38 -7.42 0.30
N VAL A 210 28.46 -8.74 0.34
CA VAL A 210 29.56 -9.47 -0.26
C VAL A 210 29.01 -10.32 -1.40
N ILE A 211 29.51 -10.07 -2.61
CA ILE A 211 29.03 -10.76 -3.81
C ILE A 211 30.00 -11.87 -4.27
N LYS A 212 29.44 -13.05 -4.54
CA LYS A 212 30.20 -14.12 -5.19
C LYS A 212 29.67 -14.31 -6.59
N PRO A 213 30.37 -13.78 -7.61
CA PRO A 213 29.95 -14.14 -8.96
C PRO A 213 30.21 -15.63 -9.23
N ALA A 214 29.62 -16.19 -10.29
CA ALA A 214 29.96 -17.54 -10.70
C ALA A 214 31.44 -17.52 -10.99
N GLN A 215 32.14 -18.56 -10.55
CA GLN A 215 33.58 -18.63 -10.80
C GLN A 215 33.92 -18.47 -12.29
N VAL A 216 33.15 -19.08 -13.17
CA VAL A 216 33.44 -19.00 -14.60
C VAL A 216 33.22 -17.60 -15.24
N THR A 217 32.50 -16.71 -14.55
CA THR A 217 32.22 -15.36 -15.09
C THR A 217 32.44 -14.22 -14.08
N PRO A 218 33.72 -13.90 -13.78
CA PRO A 218 34.01 -12.87 -12.79
C PRO A 218 34.16 -11.43 -13.32
N LEU A 219 34.28 -11.25 -14.63
CA LEU A 219 34.88 -10.02 -15.12
C LEU A 219 34.00 -8.75 -15.03
N THR A 220 32.74 -8.83 -15.47
CA THR A 220 31.86 -7.66 -15.32
C THR A 220 31.58 -7.31 -13.84
N ALA A 221 31.55 -8.31 -12.97
CA ALA A 221 31.39 -8.04 -11.55
C ALA A 221 32.55 -7.18 -11.04
N LEU A 222 33.76 -7.50 -11.49
CA LEU A 222 34.95 -6.78 -11.01
C LEU A 222 35.01 -5.38 -11.63
N LYS A 223 34.59 -5.25 -12.88
CA LYS A 223 34.52 -3.93 -13.48
C LYS A 223 33.46 -3.09 -12.75
N PHE A 224 32.30 -3.68 -12.49
CA PHE A 224 31.23 -3.06 -11.68
C PHE A 224 31.80 -2.55 -10.34
N ALA A 225 32.58 -3.41 -9.67
CA ALA A 225 33.24 -3.02 -8.42
C ALA A 225 34.04 -1.73 -8.60
N GLU A 226 34.80 -1.63 -9.69
CA GLU A 226 35.53 -0.38 -9.97
C GLU A 226 34.57 0.79 -10.16
N LEU A 227 33.43 0.53 -10.80
CA LEU A 227 32.46 1.61 -11.03
C LEU A 227 31.83 2.11 -9.70
N THR A 228 31.78 1.27 -8.67
CA THR A 228 31.26 1.74 -7.38
C THR A 228 32.21 2.79 -6.78
N LEU A 229 33.50 2.66 -7.04
CA LEU A 229 34.46 3.70 -6.64
C LEU A 229 34.21 5.00 -7.39
N LYS A 230 34.05 4.92 -8.71
CA LYS A 230 33.79 6.11 -9.49
C LYS A 230 32.51 6.83 -9.02
N ALA A 231 31.53 6.06 -8.56
CA ALA A 231 30.24 6.60 -8.14
C ALA A 231 30.25 7.15 -6.70
N GLY A 232 31.31 6.86 -5.94
CA GLY A 232 31.41 7.34 -4.56
C GLY A 232 30.68 6.51 -3.51
N ILE A 233 30.37 5.25 -3.84
CA ILE A 233 29.86 4.32 -2.86
C ILE A 233 30.93 4.12 -1.78
N PRO A 234 30.59 4.34 -0.51
CA PRO A 234 31.57 4.19 0.58
C PRO A 234 32.26 2.81 0.58
N LYS A 235 33.53 2.82 1.01
N LYS A 235 33.55 2.81 0.91
CA LYS A 235 34.34 1.62 1.16
CA LYS A 235 34.32 1.57 0.91
C LYS A 235 33.65 0.59 2.02
C LYS A 235 33.76 0.61 1.95
N GLY A 236 33.66 -0.66 1.57
CA GLY A 236 33.07 -1.71 2.38
C GLY A 236 31.61 -2.05 2.07
N VAL A 237 30.92 -1.15 1.37
CA VAL A 237 29.49 -1.34 1.07
C VAL A 237 29.33 -2.47 0.05
N VAL A 238 30.21 -2.50 -0.94
CA VAL A 238 30.24 -3.54 -1.96
C VAL A 238 31.59 -4.26 -1.89
N ASN A 239 31.55 -5.58 -1.79
CA ASN A 239 32.74 -6.44 -1.79
C ASN A 239 32.51 -7.60 -2.74
N ILE A 240 33.51 -7.93 -3.55
CA ILE A 240 33.32 -8.94 -4.60
C ILE A 240 34.40 -10.03 -4.59
N LEU A 241 33.98 -11.29 -4.54
CA LEU A 241 34.89 -12.42 -4.30
C LEU A 241 34.78 -13.51 -5.38
N PRO A 242 35.52 -13.35 -6.49
CA PRO A 242 35.60 -14.45 -7.47
C PRO A 242 36.14 -15.68 -6.75
N GLY A 243 35.55 -16.84 -7.04
CA GLY A 243 35.91 -18.04 -6.30
C GLY A 243 34.81 -19.07 -6.37
N SER A 244 35.03 -20.21 -5.72
CA SER A 244 34.10 -21.32 -5.87
C SER A 244 32.93 -21.22 -4.91
N GLY A 245 31.78 -21.72 -5.34
CA GLY A 245 30.66 -21.87 -4.45
C GLY A 245 30.99 -22.73 -3.25
N SER A 246 31.65 -23.87 -3.50
CA SER A 246 31.89 -24.83 -2.42
C SER A 246 32.82 -24.25 -1.35
N LEU A 247 33.60 -23.23 -1.69
CA LEU A 247 34.46 -22.58 -0.72
C LEU A 247 33.95 -21.20 -0.28
N VAL A 248 33.84 -20.25 -1.21
CA VAL A 248 33.44 -18.88 -0.89
C VAL A 248 31.94 -18.80 -0.57
N GLY A 249 31.12 -19.40 -1.41
CA GLY A 249 29.68 -19.40 -1.22
C GLY A 249 29.32 -20.05 0.11
N GLN A 250 29.92 -21.21 0.34
CA GLN A 250 29.69 -21.97 1.56
C GLN A 250 30.00 -21.14 2.79
N ARG A 251 31.14 -20.46 2.79
CA ARG A 251 31.51 -19.65 3.94
C ARG A 251 30.55 -18.47 4.16
N LEU A 252 30.04 -17.87 3.08
CA LEU A 252 29.02 -16.82 3.21
C LEU A 252 27.74 -17.35 3.86
N SER A 253 27.29 -18.52 3.41
CA SER A 253 26.13 -19.17 4.04
C SER A 253 26.37 -19.50 5.53
N ASP A 254 27.60 -19.85 5.90
CA ASP A 254 27.96 -20.20 7.27
C ASP A 254 28.28 -19.01 8.18
N HIS A 255 28.56 -17.84 7.62
CA HIS A 255 29.19 -16.79 8.42
C HIS A 255 28.24 -16.23 9.50
N PRO A 256 28.72 -16.12 10.75
CA PRO A 256 27.85 -15.69 11.86
C PRO A 256 27.41 -14.23 11.74
N ASP A 257 28.17 -13.45 10.97
CA ASP A 257 27.87 -12.03 10.78
C ASP A 257 27.07 -11.75 9.51
N VAL A 258 26.86 -12.76 8.67
CA VAL A 258 26.00 -12.54 7.50
C VAL A 258 24.56 -12.78 7.97
N ARG A 259 23.63 -11.90 7.59
CA ARG A 259 22.25 -11.96 8.11
C ARG A 259 21.24 -12.34 7.07
N LYS A 260 21.68 -12.40 5.83
CA LYS A 260 20.81 -12.73 4.71
C LYS A 260 21.62 -13.15 3.50
N ILE A 261 21.16 -14.20 2.85
CA ILE A 261 21.71 -14.67 1.62
C ILE A 261 20.65 -14.48 0.53
N GLY A 262 21.09 -13.90 -0.60
CA GLY A 262 20.27 -13.87 -1.82
C GLY A 262 20.90 -14.83 -2.80
N PHE A 263 20.14 -15.81 -3.25
CA PHE A 263 20.72 -16.83 -4.09
C PHE A 263 19.91 -17.06 -5.37
N THR A 264 20.65 -17.16 -6.48
CA THR A 264 20.10 -17.56 -7.75
C THR A 264 21.00 -18.67 -8.31
N GLY A 265 20.39 -19.80 -8.69
CA GLY A 265 21.13 -20.91 -9.23
C GLY A 265 20.28 -22.16 -9.32
N SER A 266 20.93 -23.32 -9.27
CA SER A 266 20.22 -24.60 -9.41
C SER A 266 19.44 -24.92 -8.13
N THR A 267 18.39 -25.74 -8.29
CA THR A 267 17.59 -26.26 -7.17
C THR A 267 18.48 -26.98 -6.12
N GLU A 268 19.31 -27.92 -6.57
CA GLU A 268 20.17 -28.70 -5.63
C GLU A 268 21.08 -27.81 -4.76
N VAL A 269 21.66 -26.78 -5.34
CA VAL A 269 22.51 -25.89 -4.57
C VAL A 269 21.66 -24.98 -3.63
N GLY A 270 20.48 -24.58 -4.12
CA GLY A 270 19.54 -23.79 -3.33
C GLY A 270 19.19 -24.50 -2.03
N LYS A 271 18.88 -25.80 -2.15
CA LYS A 271 18.62 -26.66 -1.00
C LYS A 271 19.77 -26.59 0.01
N HIS A 272 21.00 -26.72 -0.50
CA HIS A 272 22.19 -26.73 0.35
C HIS A 272 22.41 -25.38 1.01
N ILE A 273 22.15 -24.30 0.26
CA ILE A 273 22.28 -22.93 0.78
C ILE A 273 21.30 -22.73 1.92
N MET A 274 20.04 -23.08 1.68
CA MET A 274 18.99 -22.97 2.69
C MET A 274 19.35 -23.76 3.95
N LYS A 275 19.81 -25.01 3.77
CA LYS A 275 20.31 -25.81 4.89
C LYS A 275 21.44 -25.10 5.65
N SER A 276 22.43 -24.57 4.93
CA SER A 276 23.55 -23.86 5.57
C SER A 276 23.11 -22.59 6.32
N CYS A 277 22.14 -21.86 5.76
CA CYS A 277 21.53 -20.73 6.46
C CYS A 277 20.91 -21.16 7.80
N ALA A 278 20.13 -22.24 7.78
CA ALA A 278 19.52 -22.77 9.00
C ALA A 278 20.55 -23.15 10.07
N LEU A 279 21.54 -23.95 9.69
CA LEU A 279 22.46 -24.54 10.65
C LEU A 279 23.41 -23.57 11.30
N SER A 280 23.62 -22.41 10.68
CA SER A 280 24.50 -21.40 11.27
C SER A 280 23.71 -20.52 12.22
N ASN A 281 23.01 -19.50 11.69
CA ASN A 281 22.37 -18.48 12.52
C ASN A 281 20.97 -18.07 12.06
N VAL A 282 20.25 -19.00 11.43
CA VAL A 282 18.95 -18.74 10.77
C VAL A 282 18.90 -17.44 9.96
N LYS A 283 19.99 -17.14 9.26
CA LYS A 283 20.00 -16.02 8.33
C LYS A 283 18.85 -16.15 7.34
N LYS A 284 18.28 -15.00 6.94
CA LYS A 284 17.23 -15.03 5.93
C LYS A 284 17.77 -15.52 4.61
N VAL A 285 16.90 -16.10 3.79
CA VAL A 285 17.33 -16.60 2.50
C VAL A 285 16.26 -16.37 1.42
N SER A 286 16.66 -16.05 0.20
CA SER A 286 15.75 -16.10 -0.95
C SER A 286 16.38 -17.00 -1.99
N LEU A 287 15.53 -17.71 -2.75
CA LEU A 287 16.01 -18.68 -3.72
C LEU A 287 15.32 -18.50 -5.08
N GLU A 288 16.12 -18.27 -6.11
CA GLU A 288 15.64 -18.26 -7.47
C GLU A 288 16.30 -19.47 -8.14
N LEU A 289 15.52 -20.52 -8.38
CA LEU A 289 16.10 -21.82 -8.74
C LEU A 289 15.79 -22.21 -10.18
N GLY A 290 15.74 -23.51 -10.46
CA GLY A 290 15.53 -23.92 -11.85
C GLY A 290 14.15 -23.62 -12.43
N GLY A 291 13.99 -23.88 -13.71
CA GLY A 291 12.68 -23.85 -14.37
C GLY A 291 12.53 -24.95 -15.39
N LYS A 292 11.30 -25.42 -15.57
CA LYS A 292 10.96 -26.23 -16.73
C LYS A 292 9.67 -25.65 -17.28
N SER A 293 9.80 -24.41 -17.79
CA SER A 293 8.66 -23.54 -18.02
C SER A 293 7.88 -23.91 -19.27
N PRO A 294 6.55 -24.09 -19.13
CA PRO A 294 5.77 -24.51 -20.29
C PRO A 294 5.19 -23.34 -21.09
N LEU A 295 5.19 -23.48 -22.41
CA LEU A 295 4.58 -22.50 -23.28
C LEU A 295 3.52 -23.22 -24.09
N ILE A 296 2.27 -22.80 -23.95
CA ILE A 296 1.13 -23.44 -24.59
C ILE A 296 0.63 -22.59 -25.75
N ILE A 297 0.66 -23.16 -26.96
CA ILE A 297 0.34 -22.42 -28.18
C ILE A 297 -0.94 -22.98 -28.79
N PHE A 298 -1.98 -22.16 -28.81
CA PHE A 298 -3.29 -22.53 -29.31
C PHE A 298 -3.45 -22.23 -30.78
N ALA A 299 -4.31 -22.99 -31.45
CA ALA A 299 -4.52 -22.83 -32.90
C ALA A 299 -5.07 -21.46 -33.25
N ASP A 300 -5.71 -20.79 -32.30
CA ASP A 300 -6.27 -19.46 -32.59
C ASP A 300 -5.29 -18.29 -32.42
N CYS A 301 -4.02 -18.58 -32.15
CA CYS A 301 -2.99 -17.54 -32.06
C CYS A 301 -2.60 -17.01 -33.45
N ASP A 302 -1.90 -15.88 -33.49
CA ASP A 302 -1.25 -15.41 -34.73
C ASP A 302 0.00 -16.28 -34.92
N LEU A 303 -0.04 -17.15 -35.93
CA LEU A 303 0.96 -18.22 -36.04
C LEU A 303 2.36 -17.71 -36.34
N ASN A 304 2.49 -16.79 -37.30
CA ASN A 304 3.79 -16.22 -37.62
C ASN A 304 4.43 -15.59 -36.37
N LYS A 305 3.64 -14.85 -35.61
CA LYS A 305 4.12 -14.19 -34.41
C LYS A 305 4.46 -15.21 -33.31
N ALA A 306 3.66 -16.28 -33.21
CA ALA A 306 3.96 -17.40 -32.31
C ALA A 306 5.30 -18.08 -32.60
N VAL A 307 5.64 -18.21 -33.88
CA VAL A 307 6.95 -18.74 -34.29
C VAL A 307 8.09 -17.84 -33.83
N GLN A 308 7.96 -16.53 -34.05
CA GLN A 308 8.96 -15.55 -33.63
C GLN A 308 9.14 -15.58 -32.11
N MET A 309 8.03 -15.43 -31.39
CA MET A 309 8.05 -15.42 -29.94
C MET A 309 8.43 -16.80 -29.35
N GLY A 310 7.95 -17.87 -29.99
CA GLY A 310 8.28 -19.23 -29.55
C GLY A 310 9.76 -19.52 -29.67
N MET A 311 10.34 -19.11 -30.79
CA MET A 311 11.77 -19.25 -30.95
C MET A 311 12.53 -18.44 -29.95
N SER A 312 12.13 -17.18 -29.80
CA SER A 312 12.74 -16.34 -28.80
C SER A 312 12.64 -16.96 -27.38
N SER A 313 11.52 -17.62 -27.08
CA SER A 313 11.28 -18.18 -25.75
C SER A 313 12.31 -19.25 -25.41
N VAL A 314 12.83 -19.92 -26.44
CA VAL A 314 13.84 -20.94 -26.27
C VAL A 314 15.27 -20.39 -26.45
N PHE A 315 15.49 -19.73 -27.58
CA PHE A 315 16.84 -19.42 -28.05
C PHE A 315 17.45 -18.13 -27.49
N PHE A 316 16.63 -17.27 -26.86
CA PHE A 316 17.14 -16.00 -26.32
C PHE A 316 18.38 -16.27 -25.47
N ASN A 317 19.45 -15.50 -25.71
CA ASN A 317 20.69 -15.64 -24.94
C ASN A 317 21.26 -17.09 -24.97
N LYS A 318 21.29 -17.69 -26.16
CA LYS A 318 21.67 -19.10 -26.35
C LYS A 318 21.00 -20.10 -25.36
N GLY A 319 19.75 -19.81 -24.98
CA GLY A 319 18.98 -20.67 -24.08
C GLY A 319 19.39 -20.63 -22.62
N GLU A 320 20.41 -19.84 -22.30
CA GLU A 320 20.95 -19.73 -20.93
C GLU A 320 20.15 -18.65 -20.19
N ASN A 321 19.00 -19.07 -19.70
CA ASN A 321 17.91 -18.20 -19.32
C ASN A 321 17.00 -19.07 -18.47
N ALA A 322 16.86 -18.74 -17.19
CA ALA A 322 16.12 -19.60 -16.27
C ALA A 322 14.63 -19.71 -16.63
N ILE A 323 14.09 -18.70 -17.30
CA ILE A 323 12.66 -18.71 -17.65
C ILE A 323 12.38 -19.19 -19.06
N ALA A 324 13.44 -19.63 -19.77
CA ALA A 324 13.28 -20.22 -21.10
C ALA A 324 12.17 -21.26 -21.10
N ALA A 325 11.34 -21.23 -22.13
CA ALA A 325 10.29 -22.21 -22.31
C ALA A 325 10.97 -23.57 -22.51
N GLY A 326 10.90 -24.42 -21.49
CA GLY A 326 11.56 -25.73 -21.49
C GLY A 326 10.68 -26.79 -22.12
N ARG A 327 9.51 -26.35 -22.57
CA ARG A 327 8.54 -27.25 -23.14
C ARG A 327 7.50 -26.44 -23.92
N LEU A 328 7.32 -26.73 -25.21
CA LEU A 328 6.26 -26.12 -26.00
C LEU A 328 5.17 -27.14 -26.32
N PHE A 329 3.94 -26.81 -25.92
CA PHE A 329 2.77 -27.64 -26.23
C PHE A 329 2.03 -26.91 -27.33
N VAL A 330 1.92 -27.56 -28.48
CA VAL A 330 1.36 -26.92 -29.66
C VAL A 330 0.11 -27.68 -30.11
N GLU A 331 -0.99 -26.95 -30.26
CA GLU A 331 -2.27 -27.53 -30.59
C GLU A 331 -2.18 -28.33 -31.91
N GLU A 332 -2.74 -29.54 -31.88
CA GLU A 332 -2.68 -30.53 -32.96
C GLU A 332 -2.79 -29.93 -34.36
N SER A 333 -3.83 -29.15 -34.60
CA SER A 333 -4.09 -28.62 -35.93
C SER A 333 -3.04 -27.66 -36.51
N ILE A 334 -2.25 -27.00 -35.66
CA ILE A 334 -1.19 -26.11 -36.17
C ILE A 334 0.21 -26.68 -35.97
N HIS A 335 0.32 -27.81 -35.27
CA HIS A 335 1.62 -28.36 -34.90
C HIS A 335 2.63 -28.47 -36.06
N ASN A 336 2.26 -29.18 -37.13
CA ASN A 336 3.22 -29.38 -38.23
C ASN A 336 3.58 -28.07 -38.91
N GLN A 337 2.59 -27.21 -39.11
CA GLN A 337 2.87 -25.93 -39.74
C GLN A 337 3.81 -25.08 -38.85
N PHE A 338 3.58 -25.10 -37.53
CA PHE A 338 4.48 -24.45 -36.57
C PHE A 338 5.90 -24.98 -36.67
N VAL A 339 6.06 -26.31 -36.66
CA VAL A 339 7.39 -26.91 -36.77
C VAL A 339 8.08 -26.57 -38.11
N GLN A 340 7.35 -26.65 -39.23
CA GLN A 340 7.90 -26.26 -40.55
C GLN A 340 8.47 -24.86 -40.49
N LYS A 341 7.71 -23.94 -39.89
CA LYS A 341 8.11 -22.53 -39.85
C LYS A 341 9.29 -22.30 -38.91
N VAL A 342 9.31 -22.98 -37.77
CA VAL A 342 10.45 -22.87 -36.86
C VAL A 342 11.73 -23.28 -37.57
N VAL A 343 11.70 -24.45 -38.21
CA VAL A 343 12.86 -24.97 -38.94
C VAL A 343 13.36 -23.97 -39.99
N GLU A 344 12.43 -23.40 -40.77
CA GLU A 344 12.76 -22.33 -41.71
C GLU A 344 13.47 -21.13 -41.07
N GLU A 345 13.04 -20.73 -39.89
CA GLU A 345 13.63 -19.58 -39.21
C GLU A 345 14.97 -19.90 -38.56
N VAL A 346 15.10 -21.11 -38.02
CA VAL A 346 16.35 -21.58 -37.43
C VAL A 346 17.49 -21.56 -38.47
N GLU A 347 17.17 -21.94 -39.71
CA GLU A 347 18.14 -21.97 -40.82
C GLU A 347 18.69 -20.58 -41.09
N LYS A 348 17.90 -19.55 -40.76
CA LYS A 348 18.32 -18.16 -40.97
C LYS A 348 19.22 -17.56 -39.89
N MET A 349 19.36 -18.25 -38.76
CA MET A 349 20.14 -17.71 -37.63
C MET A 349 21.63 -17.64 -37.99
N LYS A 350 22.27 -16.55 -37.58
CA LYS A 350 23.69 -16.41 -37.81
C LYS A 350 24.43 -16.71 -36.52
N ILE A 351 25.16 -17.82 -36.55
CA ILE A 351 25.96 -18.30 -35.43
C ILE A 351 27.38 -17.78 -35.59
N GLY A 352 27.95 -17.15 -34.57
CA GLY A 352 29.29 -16.62 -34.70
C GLY A 352 29.77 -15.76 -33.55
N ASN A 353 30.89 -15.10 -33.77
CA ASN A 353 31.50 -14.23 -32.79
C ASN A 353 30.47 -13.19 -32.29
N PRO A 354 30.24 -13.19 -30.97
CA PRO A 354 29.27 -12.30 -30.33
C PRO A 354 29.55 -10.81 -30.59
N LEU A 355 30.79 -10.47 -30.91
CA LEU A 355 31.17 -9.08 -31.22
C LEU A 355 30.80 -8.64 -32.63
N GLU A 356 30.55 -9.59 -33.51
CA GLU A 356 30.13 -9.27 -34.87
C GLU A 356 28.66 -8.86 -34.89
N ARG A 357 28.35 -7.76 -35.59
CA ARG A 357 27.00 -7.22 -35.58
C ARG A 357 25.93 -8.09 -36.23
N ASP A 358 26.30 -8.97 -37.17
CA ASP A 358 25.26 -9.86 -37.72
C ASP A 358 25.01 -11.13 -36.91
N THR A 359 25.84 -11.38 -35.89
CA THR A 359 25.66 -12.57 -35.07
C THR A 359 24.32 -12.46 -34.35
N ASN A 360 23.50 -13.50 -34.41
CA ASN A 360 22.39 -13.52 -33.52
C ASN A 360 22.34 -14.75 -32.62
N HIS A 361 23.38 -15.59 -32.69
CA HIS A 361 23.46 -16.73 -31.78
C HIS A 361 24.91 -16.95 -31.37
N GLY A 362 25.20 -16.63 -30.12
CA GLY A 362 26.58 -16.65 -29.62
C GLY A 362 26.96 -18.02 -29.09
N PRO A 363 28.18 -18.16 -28.57
CA PRO A 363 28.56 -19.48 -28.06
C PRO A 363 27.95 -19.74 -26.67
N GLN A 364 27.86 -21.01 -26.26
CA GLN A 364 27.49 -21.35 -24.88
C GLN A 364 28.54 -20.83 -23.93
N ASN A 365 28.17 -20.68 -22.67
CA ASN A 365 28.94 -19.89 -21.70
C ASN A 365 30.32 -20.48 -21.38
N HIS A 366 30.38 -21.80 -21.25
CA HIS A 366 31.62 -22.51 -20.93
C HIS A 366 31.56 -23.95 -21.43
N GLU A 367 32.73 -24.59 -21.44
CA GLU A 367 32.88 -25.91 -22.06
C GLU A 367 32.04 -27.02 -21.41
N ALA A 368 32.05 -27.09 -20.08
CA ALA A 368 31.29 -28.12 -19.38
C ALA A 368 29.81 -28.08 -19.77
N HIS A 369 29.30 -26.86 -19.98
CA HIS A 369 27.89 -26.70 -20.27
C HIS A 369 27.58 -27.16 -21.72
N LEU A 370 28.46 -26.81 -22.66
CA LEU A 370 28.37 -27.38 -24.02
C LEU A 370 28.28 -28.92 -23.98
N ARG A 371 29.21 -29.57 -23.27
CA ARG A 371 29.22 -31.03 -23.10
C ARG A 371 27.85 -31.52 -22.64
C ARG A 371 27.87 -31.55 -22.61
N LYS A 372 27.36 -30.91 -21.56
CA LYS A 372 26.06 -31.23 -20.96
C LYS A 372 24.95 -31.16 -22.00
N LEU A 373 24.96 -30.13 -22.84
CA LEU A 373 23.94 -29.99 -23.87
C LEU A 373 24.04 -31.09 -24.93
N VAL A 374 25.27 -31.45 -25.27
CA VAL A 374 25.52 -32.53 -26.23
C VAL A 374 24.95 -33.85 -25.67
N GLU A 375 25.28 -34.15 -24.42
CA GLU A 375 24.78 -35.35 -23.73
C GLU A 375 23.26 -35.31 -23.61
N TYR A 376 22.72 -34.15 -23.25
CA TYR A 376 21.29 -33.96 -23.07
C TYR A 376 20.53 -34.34 -24.34
N CYS A 377 21.03 -33.89 -25.49
CA CYS A 377 20.39 -34.22 -26.76
C CYS A 377 20.58 -35.70 -27.18
N GLN A 378 21.74 -36.27 -26.87
CA GLN A 378 21.95 -37.71 -27.12
C GLN A 378 20.82 -38.47 -26.42
N ARG A 379 20.61 -38.13 -25.15
CA ARG A 379 19.59 -38.76 -24.33
C ARG A 379 18.18 -38.61 -24.90
N GLY A 380 17.87 -37.43 -25.43
CA GLY A 380 16.60 -37.18 -26.09
C GLY A 380 16.39 -38.10 -27.27
N VAL A 381 17.44 -38.26 -28.09
CA VAL A 381 17.39 -39.14 -29.24
C VAL A 381 17.21 -40.60 -28.81
N LYS A 382 18.05 -41.04 -27.87
CA LYS A 382 18.01 -42.40 -27.34
C LYS A 382 16.63 -42.81 -26.80
N GLU A 383 15.98 -41.90 -26.06
CA GLU A 383 14.68 -42.20 -25.44
C GLU A 383 13.50 -42.08 -26.44
N GLY A 384 13.80 -41.69 -27.67
CA GLY A 384 12.80 -41.78 -28.73
C GLY A 384 12.19 -40.49 -29.25
N ALA A 385 12.71 -39.34 -28.81
CA ALA A 385 12.23 -38.06 -29.32
C ALA A 385 12.79 -37.85 -30.72
N THR A 386 12.03 -37.17 -31.58
CA THR A 386 12.46 -36.87 -32.93
C THR A 386 13.32 -35.61 -32.98
N LEU A 387 14.59 -35.78 -33.37
CA LEU A 387 15.50 -34.68 -33.55
C LEU A 387 15.30 -34.06 -34.92
N VAL A 388 14.55 -32.97 -34.97
CA VAL A 388 14.21 -32.31 -36.23
C VAL A 388 15.38 -31.50 -36.79
N CYS A 389 16.17 -30.88 -35.91
CA CYS A 389 17.39 -30.18 -36.33
C CYS A 389 18.31 -29.90 -35.15
N GLY A 390 19.59 -29.65 -35.43
CA GLY A 390 20.56 -29.34 -34.40
C GLY A 390 20.95 -30.56 -33.61
N GLY A 391 21.40 -30.36 -32.37
CA GLY A 391 21.79 -31.47 -31.53
C GLY A 391 23.27 -31.54 -31.29
N ASN A 392 24.05 -30.85 -32.11
CA ASN A 392 25.50 -30.99 -32.07
C ASN A 392 26.25 -29.70 -31.82
N GLN A 393 27.47 -29.82 -31.33
CA GLN A 393 28.40 -28.69 -31.36
C GLN A 393 28.57 -28.18 -32.79
N VAL A 394 28.66 -26.86 -32.94
CA VAL A 394 28.94 -26.23 -34.22
C VAL A 394 30.43 -26.39 -34.50
N PRO A 395 30.79 -26.88 -35.71
CA PRO A 395 32.21 -27.14 -36.00
C PRO A 395 33.03 -25.86 -36.23
N ARG A 396 33.30 -25.15 -35.15
CA ARG A 396 34.15 -23.95 -35.18
C ARG A 396 34.79 -23.76 -33.82
N PRO A 397 35.81 -22.88 -33.71
CA PRO A 397 36.42 -22.67 -32.38
C PRO A 397 35.40 -22.17 -31.33
N GLY A 398 35.68 -22.45 -30.06
CA GLY A 398 34.80 -22.08 -28.97
C GLY A 398 33.72 -23.11 -28.71
N PHE A 399 32.67 -22.70 -28.01
CA PHE A 399 31.73 -23.65 -27.48
C PHE A 399 30.33 -23.36 -27.99
N PHE A 400 30.20 -23.42 -29.31
CA PHE A 400 28.95 -23.16 -29.99
C PHE A 400 28.14 -24.42 -30.12
N PHE A 401 26.83 -24.29 -29.88
CA PHE A 401 25.91 -25.39 -29.97
C PHE A 401 24.80 -25.01 -30.93
N GLN A 402 24.34 -25.97 -31.72
CA GLN A 402 23.29 -25.75 -32.71
C GLN A 402 21.92 -25.50 -32.06
N PRO A 403 21.18 -24.48 -32.57
CA PRO A 403 19.78 -24.36 -32.22
C PRO A 403 19.08 -25.68 -32.57
N THR A 404 18.38 -26.25 -31.60
CA THR A 404 17.90 -27.62 -31.70
C THR A 404 16.39 -27.66 -31.55
N VAL A 405 15.73 -28.51 -32.34
CA VAL A 405 14.30 -28.70 -32.22
C VAL A 405 13.98 -30.18 -32.07
N PHE A 406 13.31 -30.55 -30.99
CA PHE A 406 12.76 -31.89 -30.81
C PHE A 406 11.24 -31.89 -30.97
N THR A 407 10.72 -32.91 -31.64
CA THR A 407 9.27 -33.15 -31.66
C THR A 407 8.97 -34.56 -31.14
N ASP A 408 7.70 -34.95 -31.13
CA ASP A 408 7.26 -36.23 -30.57
C ASP A 408 7.78 -36.43 -29.16
N VAL A 409 7.77 -35.36 -28.36
CA VAL A 409 8.22 -35.44 -26.97
C VAL A 409 7.06 -35.92 -26.09
N GLU A 410 7.30 -36.95 -25.30
CA GLU A 410 6.25 -37.55 -24.47
C GLU A 410 6.48 -37.21 -23.01
N ASP A 411 5.40 -37.05 -22.25
CA ASP A 411 5.45 -36.55 -20.86
C ASP A 411 6.44 -37.29 -19.96
N HIS A 412 6.71 -38.56 -20.22
CA HIS A 412 7.57 -39.38 -19.31
C HIS A 412 9.05 -39.20 -19.61
N MET A 413 9.33 -38.59 -20.77
CA MET A 413 10.71 -38.45 -21.24
C MET A 413 11.56 -37.55 -20.35
N TYR A 414 12.80 -37.97 -20.15
CA TYR A 414 13.81 -37.15 -19.51
C TYR A 414 13.80 -35.70 -20.04
N ILE A 415 13.78 -35.50 -21.35
CA ILE A 415 13.85 -34.15 -21.88
C ILE A 415 12.55 -33.35 -21.67
N ALA A 416 11.45 -34.06 -21.36
CA ALA A 416 10.22 -33.38 -20.92
C ALA A 416 10.28 -32.91 -19.46
N LYS A 417 11.23 -33.46 -18.69
CA LYS A 417 11.30 -33.21 -17.25
C LYS A 417 12.53 -32.38 -16.85
N GLU A 418 13.67 -32.58 -17.51
CA GLU A 418 14.91 -31.92 -17.12
C GLU A 418 15.15 -30.59 -17.84
N GLU A 419 15.60 -29.60 -17.07
CA GLU A 419 15.98 -28.29 -17.63
C GLU A 419 17.29 -28.41 -18.42
N SER A 420 17.27 -28.07 -19.71
CA SER A 420 18.49 -28.11 -20.52
C SER A 420 19.40 -26.89 -20.28
N PHE A 421 18.77 -25.72 -20.15
CA PHE A 421 19.47 -24.45 -20.03
C PHE A 421 20.27 -24.13 -21.30
N GLY A 422 19.80 -24.65 -22.44
CA GLY A 422 20.43 -24.43 -23.72
C GLY A 422 19.40 -24.20 -24.80
N PRO A 423 19.84 -23.98 -26.05
CA PRO A 423 18.92 -23.57 -27.10
C PRO A 423 18.19 -24.76 -27.73
N ILE A 424 17.37 -25.43 -26.93
CA ILE A 424 16.75 -26.68 -27.32
C ILE A 424 15.22 -26.60 -27.18
N MET A 425 14.55 -26.45 -28.31
CA MET A 425 13.10 -26.38 -28.34
C MET A 425 12.49 -27.79 -28.23
N ILE A 426 11.61 -28.00 -27.25
CA ILE A 426 11.11 -29.33 -26.91
C ILE A 426 9.58 -29.40 -27.09
N ILE A 427 9.14 -29.91 -28.24
CA ILE A 427 7.74 -29.81 -28.65
C ILE A 427 6.89 -31.08 -28.42
N SER A 428 5.69 -30.87 -27.85
CA SER A 428 4.65 -31.90 -27.70
C SER A 428 3.37 -31.37 -28.33
N ARG A 429 2.49 -32.28 -28.75
CA ARG A 429 1.17 -31.92 -29.26
C ARG A 429 0.16 -32.00 -28.13
N PHE A 430 -0.96 -31.32 -28.30
CA PHE A 430 -2.13 -31.62 -27.48
C PHE A 430 -3.34 -31.56 -28.39
N ALA A 431 -4.39 -32.27 -27.99
CA ALA A 431 -5.57 -32.44 -28.83
C ALA A 431 -6.34 -31.14 -28.96
N ASP A 432 -6.87 -30.90 -30.16
CA ASP A 432 -7.73 -29.76 -30.41
C ASP A 432 -8.83 -29.66 -29.36
N GLY A 433 -9.03 -28.46 -28.84
CA GLY A 433 -10.07 -28.24 -27.84
C GLY A 433 -9.71 -28.68 -26.43
N ASP A 434 -8.61 -29.40 -26.24
CA ASP A 434 -8.19 -29.71 -24.87
C ASP A 434 -7.73 -28.39 -24.28
N VAL A 435 -7.99 -28.19 -23.00
CA VAL A 435 -7.46 -27.04 -22.29
C VAL A 435 -7.00 -27.55 -20.95
N ASP A 436 -7.92 -28.18 -20.21
CA ASP A 436 -7.58 -28.73 -18.90
C ASP A 436 -6.53 -29.83 -18.99
N ALA A 437 -6.54 -30.61 -20.07
CA ALA A 437 -5.60 -31.72 -20.22
C ALA A 437 -4.19 -31.19 -20.42
N VAL A 438 -4.04 -30.23 -21.32
CA VAL A 438 -2.73 -29.61 -21.53
C VAL A 438 -2.23 -28.89 -20.27
N LEU A 439 -3.10 -28.12 -19.60
CA LEU A 439 -2.73 -27.51 -18.31
C LEU A 439 -2.14 -28.51 -17.33
N SER A 440 -2.80 -29.66 -17.17
CA SER A 440 -2.34 -30.70 -16.24
C SER A 440 -0.91 -31.14 -16.57
N ARG A 441 -0.66 -31.33 -17.86
CA ARG A 441 0.65 -31.77 -18.35
C ARG A 441 1.70 -30.68 -18.11
N ALA A 442 1.31 -29.44 -18.38
CA ALA A 442 2.19 -28.27 -18.18
C ALA A 442 2.51 -28.06 -16.71
N ASN A 443 1.55 -28.36 -15.81
CA ASN A 443 1.74 -28.20 -14.38
C ASN A 443 2.41 -29.39 -13.68
N ALA A 444 2.55 -30.51 -14.39
CA ALA A 444 3.15 -31.72 -13.82
C ALA A 444 4.68 -31.65 -13.73
N THR A 445 5.15 -30.77 -12.84
CA THR A 445 6.57 -30.56 -12.64
C THR A 445 6.75 -29.93 -11.26
N GLU A 446 7.89 -30.19 -10.64
CA GLU A 446 8.20 -29.58 -9.35
C GLU A 446 8.82 -28.18 -9.52
N PHE A 447 9.03 -27.77 -10.77
CA PHE A 447 9.43 -26.42 -11.09
C PHE A 447 8.18 -25.56 -11.23
N GLY A 448 8.37 -24.23 -11.18
CA GLY A 448 7.26 -23.31 -11.32
C GLY A 448 7.75 -21.88 -11.42
N LEU A 449 8.69 -21.64 -12.33
CA LEU A 449 9.31 -20.33 -12.43
C LEU A 449 8.57 -19.43 -13.43
N ALA A 450 8.24 -19.98 -14.59
CA ALA A 450 7.57 -19.18 -15.61
C ALA A 450 6.72 -20.08 -16.48
N SER A 451 6.06 -19.47 -17.45
CA SER A 451 5.09 -20.14 -18.28
C SER A 451 4.58 -19.11 -19.26
N GLY A 452 3.84 -19.56 -20.26
CA GLY A 452 3.35 -18.66 -21.29
C GLY A 452 2.23 -19.31 -22.06
N VAL A 453 1.41 -18.49 -22.70
CA VAL A 453 0.30 -18.99 -23.49
C VAL A 453 0.12 -18.02 -24.65
N PHE A 454 -0.05 -18.55 -25.87
CA PHE A 454 -0.37 -17.72 -27.03
C PHE A 454 -1.76 -18.11 -27.49
N THR A 455 -2.65 -17.12 -27.49
CA THR A 455 -4.02 -17.29 -27.95
C THR A 455 -4.65 -15.92 -28.18
N ARG A 456 -5.55 -15.81 -29.15
CA ARG A 456 -6.28 -14.54 -29.35
C ARG A 456 -7.56 -14.50 -28.52
N ASP A 457 -7.93 -15.64 -27.94
CA ASP A 457 -9.15 -15.78 -27.16
C ASP A 457 -8.97 -15.27 -25.72
N ILE A 458 -9.67 -14.19 -25.40
CA ILE A 458 -9.57 -13.58 -24.07
C ILE A 458 -9.88 -14.59 -22.95
N ASN A 459 -10.90 -15.40 -23.14
CA ASN A 459 -11.34 -16.33 -22.10
C ASN A 459 -10.35 -17.44 -21.79
N LYS A 460 -9.77 -18.01 -22.84
CA LYS A 460 -8.72 -19.01 -22.71
C LYS A 460 -7.47 -18.41 -22.05
N ALA A 461 -7.08 -17.20 -22.47
CA ALA A 461 -5.88 -16.53 -21.91
C ALA A 461 -6.00 -16.33 -20.39
N LEU A 462 -7.15 -15.78 -19.96
CA LEU A 462 -7.36 -15.49 -18.54
C LEU A 462 -7.46 -16.76 -17.72
N TYR A 463 -8.20 -17.73 -18.26
CA TYR A 463 -8.36 -19.03 -17.63
C TYR A 463 -7.03 -19.78 -17.52
N VAL A 464 -6.29 -19.86 -18.63
CA VAL A 464 -4.97 -20.53 -18.62
C VAL A 464 -4.00 -19.87 -17.64
N SER A 465 -3.99 -18.54 -17.60
CA SER A 465 -3.07 -17.87 -16.67
C SER A 465 -3.46 -18.09 -15.21
N ASP A 466 -4.75 -18.29 -14.92
CA ASP A 466 -5.17 -18.68 -13.56
C ASP A 466 -4.61 -20.04 -13.20
N LYS A 467 -4.65 -20.95 -14.16
CA LYS A 467 -4.37 -22.36 -13.90
C LYS A 467 -2.91 -22.75 -13.90
N LEU A 468 -2.06 -21.96 -14.58
CA LEU A 468 -0.65 -22.26 -14.66
C LEU A 468 0.01 -22.03 -13.32
N GLN A 469 0.76 -23.03 -12.87
CA GLN A 469 1.39 -22.98 -11.56
C GLN A 469 2.81 -22.42 -11.66
N ALA A 470 2.92 -21.14 -11.95
CA ALA A 470 4.25 -20.52 -12.10
C ALA A 470 4.23 -19.08 -11.69
N GLY A 471 5.38 -18.59 -11.24
CA GLY A 471 5.51 -17.23 -10.70
C GLY A 471 5.32 -16.11 -11.73
N THR A 472 5.54 -16.44 -13.00
CA THR A 472 5.26 -15.54 -14.11
C THR A 472 4.49 -16.27 -15.18
N VAL A 473 3.45 -15.63 -15.68
CA VAL A 473 2.73 -16.10 -16.85
C VAL A 473 2.76 -15.03 -17.94
N PHE A 474 3.35 -15.37 -19.09
CA PHE A 474 3.34 -14.47 -20.24
C PHE A 474 2.14 -14.80 -21.12
N ILE A 475 1.47 -13.76 -21.60
CA ILE A 475 0.34 -13.94 -22.50
C ILE A 475 0.64 -13.21 -23.79
N ASN A 476 0.75 -13.99 -24.88
CA ASN A 476 1.04 -13.44 -26.21
C ASN A 476 2.36 -12.70 -26.28
N THR A 477 3.29 -13.12 -25.43
CA THR A 477 4.66 -12.66 -25.49
C THR A 477 5.46 -13.66 -24.69
N TYR A 478 6.76 -13.44 -24.56
CA TYR A 478 7.60 -14.27 -23.70
C TYR A 478 8.87 -13.52 -23.40
N ASN A 479 9.52 -13.84 -22.29
CA ASN A 479 10.76 -13.16 -21.88
C ASN A 479 10.59 -11.68 -21.56
N LYS A 480 9.35 -11.22 -21.41
CA LYS A 480 9.14 -9.81 -21.13
C LYS A 480 9.23 -9.52 -19.63
N THR A 481 10.45 -9.51 -19.13
CA THR A 481 10.71 -9.09 -17.77
C THR A 481 10.84 -7.57 -17.73
N ASP A 482 10.71 -6.99 -16.54
CA ASP A 482 10.81 -5.55 -16.38
C ASP A 482 11.27 -5.28 -14.95
N VAL A 483 12.09 -4.25 -14.76
CA VAL A 483 12.65 -3.98 -13.42
C VAL A 483 11.57 -3.71 -12.35
N ALA A 484 10.36 -3.36 -12.79
CA ALA A 484 9.25 -3.07 -11.88
C ALA A 484 8.37 -4.28 -11.59
N ALA A 485 8.58 -5.38 -12.34
CA ALA A 485 7.71 -6.54 -12.28
C ALA A 485 8.38 -7.67 -11.49
N PRO A 486 7.78 -8.04 -10.33
CA PRO A 486 8.45 -9.02 -9.48
C PRO A 486 8.64 -10.37 -10.19
N PHE A 487 9.78 -11.00 -9.90
CA PHE A 487 10.23 -12.18 -10.61
C PHE A 487 10.69 -13.22 -9.57
N GLY A 488 10.04 -14.37 -9.57
CA GLY A 488 10.36 -15.45 -8.64
C GLY A 488 9.52 -16.70 -8.87
N GLY A 489 9.94 -17.81 -8.26
CA GLY A 489 9.34 -19.10 -8.53
C GLY A 489 8.37 -19.60 -7.48
N PHE A 490 7.59 -20.61 -7.87
CA PHE A 490 6.76 -21.40 -6.95
C PHE A 490 7.42 -22.77 -6.80
N LYS A 491 6.97 -23.56 -5.82
CA LYS A 491 7.43 -24.95 -5.64
C LYS A 491 8.96 -25.03 -5.55
N GLN A 492 9.57 -25.96 -6.26
CA GLN A 492 11.03 -26.10 -6.15
C GLN A 492 11.82 -25.10 -7.02
N SER A 493 11.13 -24.14 -7.65
CA SER A 493 11.81 -23.01 -8.27
C SER A 493 12.19 -21.95 -7.22
N GLY A 494 11.80 -22.18 -5.97
CA GLY A 494 12.23 -21.34 -4.86
C GLY A 494 11.14 -20.43 -4.30
N PHE A 495 11.58 -19.28 -3.78
CA PHE A 495 10.69 -18.29 -3.17
C PHE A 495 11.41 -16.95 -3.01
N GLY A 496 10.64 -15.88 -2.81
CA GLY A 496 11.17 -14.52 -2.79
C GLY A 496 11.23 -13.95 -4.20
N LYS A 497 11.18 -12.62 -4.29
CA LYS A 497 11.19 -11.95 -5.59
C LYS A 497 12.48 -11.17 -5.80
N ASP A 498 12.91 -11.17 -7.06
CA ASP A 498 13.81 -10.15 -7.55
C ASP A 498 12.95 -9.19 -8.38
N LEU A 499 13.40 -7.94 -8.47
CA LEU A 499 12.68 -6.89 -9.20
C LEU A 499 11.34 -6.48 -8.57
N GLY A 500 10.87 -5.28 -8.91
CA GLY A 500 9.66 -4.73 -8.33
C GLY A 500 9.80 -4.34 -6.87
N GLU A 501 8.75 -3.71 -6.36
CA GLU A 501 8.69 -3.36 -4.95
C GLU A 501 8.91 -4.61 -4.07
N ALA A 502 8.27 -5.72 -4.44
CA ALA A 502 8.39 -6.98 -3.70
C ALA A 502 9.82 -7.38 -3.35
N ALA A 503 10.78 -7.07 -4.21
CA ALA A 503 12.17 -7.46 -3.96
C ALA A 503 12.76 -6.82 -2.71
N LEU A 504 12.31 -5.61 -2.39
CA LEU A 504 12.78 -4.89 -1.20
C LEU A 504 12.48 -5.67 0.09
N ASN A 505 11.39 -6.41 0.07
CA ASN A 505 10.97 -7.12 1.25
C ASN A 505 11.96 -8.16 1.73
N GLU A 506 12.72 -8.76 0.81
CA GLU A 506 13.80 -9.72 1.15
C GLU A 506 14.97 -9.01 1.81
N TYR A 507 15.06 -7.71 1.64
CA TYR A 507 16.21 -6.98 2.12
C TYR A 507 15.90 -6.01 3.25
N LEU A 508 14.68 -6.09 3.78
CA LEU A 508 14.25 -5.21 4.87
C LEU A 508 13.77 -6.04 6.04
N ARG A 509 13.79 -5.46 7.23
CA ARG A 509 13.13 -6.07 8.38
C ARG A 509 12.13 -5.04 8.93
N ILE A 510 11.08 -5.51 9.57
CA ILE A 510 10.05 -4.63 10.15
C ILE A 510 10.19 -4.61 11.68
N LYS A 511 10.34 -3.41 12.24
CA LYS A 511 10.39 -3.25 13.68
C LYS A 511 9.09 -2.61 14.10
N THR A 512 8.38 -3.28 15.00
CA THR A 512 7.15 -2.74 15.54
C THR A 512 7.47 -1.96 16.81
N VAL A 513 7.00 -0.70 16.87
CA VAL A 513 7.21 0.14 18.04
C VAL A 513 5.86 0.56 18.61
N THR A 514 5.63 0.21 19.87
CA THR A 514 4.35 0.45 20.50
C THR A 514 4.55 1.27 21.77
N PHE A 515 3.96 2.47 21.78
CA PHE A 515 3.98 3.36 22.94
C PHE A 515 2.69 3.20 23.72
N GLU A 516 2.77 3.40 25.03
CA GLU A 516 1.59 3.76 25.81
C GLU A 516 1.81 5.17 26.35
N TYR A 517 0.77 5.99 26.33
CA TYR A 517 0.90 7.35 26.85
C TYR A 517 -0.41 7.82 27.45
N VAL B 20 -21.84 -37.98 15.70
CA VAL B 20 -21.55 -38.21 17.16
C VAL B 20 -20.05 -38.34 17.41
N ILE B 21 -19.53 -37.40 18.22
CA ILE B 21 -18.13 -37.31 18.56
C ILE B 21 -17.96 -37.86 19.98
N ASN B 22 -16.90 -38.65 20.21
CA ASN B 22 -16.55 -39.08 21.57
C ASN B 22 -15.92 -37.94 22.37
N TYR B 23 -16.38 -37.74 23.60
CA TYR B 23 -15.82 -36.72 24.47
C TYR B 23 -15.30 -37.27 25.78
N VAL B 24 -14.37 -36.54 26.37
CA VAL B 24 -14.08 -36.67 27.77
C VAL B 24 -14.90 -35.57 28.39
N GLU B 25 -15.84 -35.98 29.24
CA GLU B 25 -16.72 -35.08 29.94
C GLU B 25 -16.12 -34.80 31.31
N LYS B 26 -16.16 -33.54 31.74
CA LYS B 26 -15.68 -33.17 33.05
C LYS B 26 -16.50 -31.99 33.57
N ALA B 27 -16.99 -32.12 34.79
CA ALA B 27 -17.73 -31.03 35.42
C ALA B 27 -16.78 -30.22 36.30
N VAL B 28 -16.44 -29.02 35.83
CA VAL B 28 -15.54 -28.09 36.51
C VAL B 28 -15.95 -26.68 36.18
N ASN B 29 -15.65 -25.77 37.10
CA ASN B 29 -15.85 -24.35 36.88
C ASN B 29 -17.30 -23.99 36.55
N LYS B 30 -18.24 -24.72 37.15
CA LYS B 30 -19.67 -24.49 36.94
C LYS B 30 -20.07 -24.75 35.48
N LEU B 31 -19.31 -25.62 34.81
CA LEU B 31 -19.55 -25.99 33.43
C LEU B 31 -19.41 -27.49 33.30
N THR B 32 -19.95 -28.03 32.22
CA THR B 32 -19.67 -29.39 31.83
C THR B 32 -18.84 -29.30 30.55
N LEU B 33 -17.57 -29.63 30.66
CA LEU B 33 -16.68 -29.59 29.51
C LEU B 33 -16.92 -30.81 28.67
N GLN B 34 -16.87 -30.62 27.36
CA GLN B 34 -16.97 -31.73 26.43
C GLN B 34 -15.75 -31.70 25.52
N MET B 35 -14.75 -32.51 25.86
CA MET B 35 -13.42 -32.42 25.25
C MET B 35 -13.15 -33.57 24.29
N PRO B 36 -13.07 -33.27 22.97
CA PRO B 36 -12.60 -34.29 22.02
C PRO B 36 -11.17 -34.62 22.38
N TYR B 37 -10.72 -35.85 22.10
CA TYR B 37 -9.37 -36.29 22.49
C TYR B 37 -8.68 -37.06 21.37
N GLN B 38 -9.36 -37.16 20.23
CA GLN B 38 -8.85 -37.90 19.07
C GLN B 38 -8.20 -36.99 18.01
N LEU B 39 -7.56 -37.62 17.03
CA LEU B 39 -7.02 -36.90 15.87
C LEU B 39 -8.17 -36.31 15.06
N PHE B 40 -7.98 -35.12 14.52
CA PHE B 40 -8.96 -34.51 13.62
C PHE B 40 -8.42 -34.51 12.19
N ILE B 41 -8.99 -35.39 11.36
CA ILE B 41 -8.55 -35.60 10.00
C ILE B 41 -9.76 -35.63 9.08
N GLY B 42 -9.73 -34.83 8.02
CA GLY B 42 -10.77 -34.84 7.01
C GLY B 42 -12.15 -34.59 7.59
N GLY B 43 -12.21 -33.73 8.61
CA GLY B 43 -13.49 -33.36 9.20
C GLY B 43 -14.06 -34.39 10.15
N GLU B 44 -13.27 -35.40 10.51
CA GLU B 44 -13.72 -36.34 11.52
C GLU B 44 -12.70 -36.63 12.59
N PHE B 45 -13.21 -36.97 13.77
CA PHE B 45 -12.35 -37.38 14.86
C PHE B 45 -12.10 -38.88 14.75
N VAL B 46 -10.83 -39.26 14.68
CA VAL B 46 -10.48 -40.67 14.50
C VAL B 46 -9.31 -41.01 15.40
N ASP B 47 -9.18 -42.30 15.76
CA ASP B 47 -8.02 -42.73 16.51
C ASP B 47 -6.80 -42.70 15.61
N ALA B 48 -5.63 -42.56 16.26
CA ALA B 48 -4.36 -42.77 15.61
C ALA B 48 -4.23 -44.21 15.12
N GLU B 49 -3.23 -44.46 14.27
CA GLU B 49 -2.88 -45.81 13.86
C GLU B 49 -2.57 -46.67 15.08
N GLY B 50 -3.16 -47.87 15.10
CA GLY B 50 -3.00 -48.82 16.22
C GLY B 50 -3.60 -48.33 17.52
N SER B 51 -4.57 -47.42 17.41
CA SER B 51 -5.20 -46.77 18.57
C SER B 51 -4.26 -46.29 19.70
N LYS B 52 -3.03 -45.94 19.34
CA LYS B 52 -2.05 -45.43 20.32
C LYS B 52 -2.50 -44.12 20.98
N THR B 53 -2.15 -43.96 22.26
CA THR B 53 -2.54 -42.77 23.01
C THR B 53 -1.39 -42.35 23.92
N TYR B 54 -1.56 -41.19 24.57
CA TYR B 54 -0.66 -40.72 25.60
C TYR B 54 -1.47 -39.90 26.60
N ASN B 55 -0.87 -39.60 27.75
CA ASN B 55 -1.56 -38.84 28.79
C ASN B 55 -1.24 -37.36 28.71
N THR B 56 -2.28 -36.53 28.87
CA THR B 56 -2.06 -35.12 29.08
C THR B 56 -2.31 -34.80 30.54
N ILE B 57 -1.41 -33.99 31.11
CA ILE B 57 -1.25 -33.83 32.54
C ILE B 57 -1.67 -32.43 33.00
N ASN B 58 -2.53 -32.38 34.01
CA ASN B 58 -2.99 -31.16 34.64
C ASN B 58 -1.88 -30.61 35.54
N PRO B 59 -1.39 -29.39 35.25
CA PRO B 59 -0.26 -28.87 36.06
C PRO B 59 -0.65 -28.34 37.44
N THR B 60 -1.94 -28.21 37.73
CA THR B 60 -2.36 -27.78 39.07
C THR B 60 -2.14 -28.88 40.14
N ASP B 61 -2.30 -30.16 39.77
CA ASP B 61 -2.18 -31.26 40.73
C ASP B 61 -1.39 -32.46 40.22
N GLY B 62 -1.02 -32.47 38.95
CA GLY B 62 -0.20 -33.55 38.43
C GLY B 62 -1.01 -34.71 37.92
N SER B 63 -2.34 -34.63 38.04
CA SER B 63 -3.20 -35.71 37.60
C SER B 63 -3.26 -35.81 36.08
N VAL B 64 -3.65 -37.00 35.60
CA VAL B 64 -3.94 -37.22 34.20
C VAL B 64 -5.33 -36.66 33.92
N ILE B 65 -5.43 -35.80 32.90
CA ILE B 65 -6.72 -35.25 32.49
C ILE B 65 -7.49 -36.31 31.69
N CYS B 66 -6.81 -36.88 30.70
CA CYS B 66 -7.38 -37.94 29.89
C CYS B 66 -6.30 -38.50 28.97
N GLN B 67 -6.68 -39.50 28.20
CA GLN B 67 -5.82 -40.05 27.17
C GLN B 67 -6.13 -39.30 25.87
N VAL B 68 -5.13 -39.15 25.00
CA VAL B 68 -5.28 -38.41 23.73
C VAL B 68 -4.62 -39.22 22.62
N SER B 69 -5.23 -39.28 21.45
CA SER B 69 -4.62 -40.03 20.33
C SER B 69 -3.20 -39.54 20.00
N LEU B 70 -2.33 -40.49 19.66
CA LEU B 70 -0.93 -40.20 19.40
C LEU B 70 -0.63 -40.44 17.92
N ALA B 71 -0.71 -39.36 17.14
CA ALA B 71 -0.58 -39.46 15.68
C ALA B 71 0.73 -40.11 15.26
N GLN B 72 0.62 -40.95 14.22
CA GLN B 72 1.77 -41.63 13.63
C GLN B 72 2.01 -41.08 12.22
N VAL B 73 3.14 -41.46 11.62
CA VAL B 73 3.45 -41.06 10.25
C VAL B 73 2.27 -41.29 9.30
N SER B 74 1.63 -42.45 9.36
CA SER B 74 0.53 -42.73 8.41
C SER B 74 -0.64 -41.77 8.61
N ASP B 75 -0.81 -41.28 9.83
CA ASP B 75 -1.84 -40.28 10.14
C ASP B 75 -1.49 -38.89 9.55
N VAL B 76 -0.22 -38.49 9.67
CA VAL B 76 0.25 -37.24 9.06
C VAL B 76 -0.06 -37.29 7.56
N ASP B 77 0.32 -38.40 6.92
CA ASP B 77 0.04 -38.57 5.52
C ASP B 77 -1.44 -38.48 5.20
N LYS B 78 -2.29 -39.04 6.06
CA LYS B 78 -3.74 -38.95 5.84
C LYS B 78 -4.22 -37.51 5.95
N ALA B 79 -3.69 -36.79 6.94
CA ALA B 79 -4.08 -35.40 7.19
C ALA B 79 -3.63 -34.51 6.02
N VAL B 80 -2.40 -34.70 5.58
CA VAL B 80 -1.88 -33.93 4.46
C VAL B 80 -2.74 -34.22 3.20
N ALA B 81 -3.05 -35.50 2.97
CA ALA B 81 -3.87 -35.89 1.83
C ALA B 81 -5.24 -35.23 1.88
N ALA B 82 -5.81 -35.17 3.09
CA ALA B 82 -7.10 -34.51 3.29
C ALA B 82 -6.98 -33.02 2.99
N ALA B 83 -5.91 -32.39 3.49
CA ALA B 83 -5.68 -30.97 3.25
C ALA B 83 -5.53 -30.68 1.76
N LYS B 84 -4.78 -31.54 1.06
CA LYS B 84 -4.56 -31.41 -0.36
C LYS B 84 -5.86 -31.54 -1.19
N GLU B 85 -6.68 -32.54 -0.87
CA GLU B 85 -7.98 -32.69 -1.51
C GLU B 85 -8.86 -31.46 -1.28
N ALA B 86 -8.91 -30.99 -0.03
CA ALA B 86 -9.76 -29.87 0.34
C ALA B 86 -9.33 -28.62 -0.43
N PHE B 87 -8.03 -28.41 -0.56
CA PHE B 87 -7.51 -27.29 -1.32
C PHE B 87 -7.76 -27.42 -2.83
N GLU B 88 -7.38 -28.55 -3.40
CA GLU B 88 -7.45 -28.73 -4.85
C GLU B 88 -8.87 -28.91 -5.41
N ASN B 89 -9.71 -29.67 -4.71
CA ASN B 89 -11.03 -30.05 -5.24
C ASN B 89 -12.21 -29.67 -4.38
N GLY B 90 -11.97 -29.46 -3.09
CA GLY B 90 -13.04 -29.09 -2.16
C GLY B 90 -13.52 -27.66 -2.31
N LEU B 91 -14.59 -27.36 -1.58
CA LEU B 91 -15.27 -26.07 -1.60
C LEU B 91 -14.39 -24.88 -1.25
N TRP B 92 -13.46 -25.06 -0.31
CA TRP B 92 -12.59 -23.98 0.17
C TRP B 92 -11.85 -23.29 -0.95
N GLY B 93 -11.49 -24.07 -1.97
CA GLY B 93 -10.77 -23.56 -3.12
C GLY B 93 -11.67 -22.94 -4.18
N LYS B 94 -12.97 -22.98 -3.98
CA LYS B 94 -13.90 -22.51 -5.01
C LYS B 94 -14.69 -21.27 -4.58
N ILE B 95 -14.88 -21.10 -3.28
CA ILE B 95 -15.73 -20.01 -2.79
C ILE B 95 -15.07 -18.63 -2.97
N ASN B 96 -15.88 -17.58 -3.07
CA ASN B 96 -15.39 -16.21 -3.06
C ASN B 96 -14.54 -15.92 -1.82
N ALA B 97 -13.56 -15.03 -1.97
CA ALA B 97 -12.75 -14.59 -0.84
C ALA B 97 -13.66 -14.01 0.25
N ARG B 98 -14.68 -13.28 -0.17
CA ARG B 98 -15.66 -12.72 0.74
C ARG B 98 -16.36 -13.80 1.59
N ASP B 99 -16.66 -14.93 0.96
CA ASP B 99 -17.38 -16.01 1.62
C ASP B 99 -16.45 -16.82 2.51
N ARG B 100 -15.21 -17.04 2.07
CA ARG B 100 -14.17 -17.56 2.96
C ARG B 100 -14.10 -16.70 4.23
N GLY B 101 -14.14 -15.38 4.06
CA GLY B 101 -14.18 -14.44 5.18
C GLY B 101 -15.36 -14.66 6.10
N ARG B 102 -16.57 -14.79 5.51
CA ARG B 102 -17.78 -15.06 6.31
C ARG B 102 -17.61 -16.31 7.19
N LEU B 103 -17.03 -17.37 6.61
CA LEU B 103 -16.79 -18.60 7.38
C LEU B 103 -15.83 -18.40 8.53
N LEU B 104 -14.75 -17.63 8.31
CA LEU B 104 -13.83 -17.33 9.41
C LEU B 104 -14.48 -16.44 10.46
N TYR B 105 -15.33 -15.50 10.06
CA TYR B 105 -16.09 -14.69 11.04
C TYR B 105 -17.11 -15.51 11.85
C TYR B 105 -16.97 -15.62 11.88
N ARG B 106 -17.70 -16.51 11.19
CA ARG B 106 -18.60 -17.42 11.85
C ARG B 106 -17.80 -18.27 12.85
N LEU B 107 -16.64 -18.78 12.44
CA LEU B 107 -15.73 -19.51 13.34
C LEU B 107 -15.38 -18.69 14.61
N ALA B 108 -15.05 -17.40 14.43
CA ALA B 108 -14.83 -16.52 15.57
C ALA B 108 -16.05 -16.42 16.50
N ASP B 109 -17.25 -16.32 15.94
CA ASP B 109 -18.48 -16.30 16.75
C ASP B 109 -18.68 -17.57 17.54
N VAL B 110 -18.45 -18.70 16.88
CA VAL B 110 -18.57 -19.98 17.52
C VAL B 110 -17.57 -20.08 18.68
N MET B 111 -16.34 -19.59 18.46
CA MET B 111 -15.34 -19.57 19.52
C MET B 111 -15.80 -18.70 20.70
N GLU B 112 -16.43 -17.56 20.39
CA GLU B 112 -16.94 -16.67 21.44
C GLU B 112 -18.12 -17.27 22.21
N GLN B 113 -18.97 -18.02 21.51
CA GLN B 113 -20.07 -18.79 22.12
C GLN B 113 -19.54 -19.85 23.09
N HIS B 114 -18.31 -20.32 22.86
CA HIS B 114 -17.71 -21.35 23.71
C HIS B 114 -16.56 -20.80 24.54
N GLN B 115 -16.52 -19.49 24.79
CA GLN B 115 -15.31 -18.91 25.37
C GLN B 115 -14.99 -19.38 26.78
N GLU B 116 -16.01 -19.50 27.63
CA GLU B 116 -15.82 -19.96 29.01
C GLU B 116 -15.32 -21.39 29.02
N GLU B 117 -15.91 -22.22 28.17
CA GLU B 117 -15.49 -23.60 28.04
C GLU B 117 -14.04 -23.70 27.56
N LEU B 118 -13.66 -22.91 26.55
CA LEU B 118 -12.29 -22.94 26.01
C LEU B 118 -11.27 -22.46 27.03
N ALA B 119 -11.62 -21.39 27.74
CA ALA B 119 -10.74 -20.85 28.79
C ALA B 119 -10.56 -21.85 29.95
N THR B 120 -11.62 -22.58 30.29
CA THR B 120 -11.56 -23.64 31.30
C THR B 120 -10.67 -24.79 30.86
N ILE B 121 -10.84 -25.26 29.62
CA ILE B 121 -9.97 -26.29 29.07
C ILE B 121 -8.52 -25.83 29.10
N GLU B 122 -8.28 -24.57 28.77
CA GLU B 122 -6.93 -24.03 28.76
C GLU B 122 -6.36 -23.93 30.18
N ALA B 123 -7.20 -23.57 31.13
CA ALA B 123 -6.80 -23.58 32.54
C ALA B 123 -6.36 -24.99 32.96
N LEU B 124 -7.15 -26.01 32.62
CA LEU B 124 -6.79 -27.39 32.92
C LEU B 124 -5.52 -27.85 32.24
N ASP B 125 -5.42 -27.55 30.93
CA ASP B 125 -4.40 -28.16 30.09
C ASP B 125 -3.04 -27.47 30.23
N ALA B 126 -3.08 -26.15 30.46
CA ALA B 126 -1.87 -25.33 30.41
C ALA B 126 -1.57 -24.60 31.70
N GLY B 127 -2.52 -24.61 32.63
CA GLY B 127 -2.37 -23.91 33.90
C GLY B 127 -2.59 -22.42 33.75
N ALA B 128 -3.30 -22.02 32.69
CA ALA B 128 -3.54 -20.60 32.42
C ALA B 128 -4.59 -20.13 33.41
N VAL B 129 -4.31 -19.03 34.09
CA VAL B 129 -5.25 -18.47 35.02
C VAL B 129 -6.54 -18.14 34.26
N TYR B 130 -7.67 -18.65 34.74
CA TYR B 130 -8.94 -18.56 34.02
C TYR B 130 -9.31 -17.14 33.60
N THR B 131 -9.17 -16.17 34.50
CA THR B 131 -9.56 -14.81 34.15
C THR B 131 -8.68 -14.31 33.02
N LEU B 132 -7.42 -14.72 33.03
CA LEU B 132 -6.46 -14.31 32.02
C LEU B 132 -6.73 -15.04 30.71
N ALA B 133 -7.09 -16.31 30.81
CA ALA B 133 -7.35 -17.13 29.64
C ALA B 133 -8.56 -16.63 28.85
N LEU B 134 -9.55 -16.06 29.56
CA LEU B 134 -10.73 -15.50 28.91
C LEU B 134 -10.38 -14.28 28.09
N LYS B 135 -9.55 -13.42 28.64
CA LYS B 135 -9.22 -12.14 28.06
C LYS B 135 -8.10 -12.27 27.01
N THR B 136 -7.15 -13.20 27.22
CA THR B 136 -5.97 -13.35 26.37
C THR B 136 -5.94 -14.68 25.57
N HIS B 137 -5.68 -15.82 26.22
CA HIS B 137 -5.60 -17.10 25.52
C HIS B 137 -6.76 -17.28 24.54
N VAL B 138 -7.96 -16.96 25.01
CA VAL B 138 -9.17 -17.16 24.22
C VAL B 138 -9.61 -15.85 23.56
N GLY B 139 -9.65 -14.77 24.34
CA GLY B 139 -10.11 -13.47 23.85
C GLY B 139 -9.33 -13.00 22.62
N MET B 140 -8.01 -13.05 22.70
CA MET B 140 -7.19 -12.66 21.57
C MET B 140 -7.31 -13.66 20.40
N SER B 141 -7.58 -14.93 20.68
CA SER B 141 -7.76 -15.91 19.61
C SER B 141 -8.98 -15.53 18.77
N ILE B 142 -10.05 -15.17 19.46
CA ILE B 142 -11.29 -14.72 18.85
C ILE B 142 -11.04 -13.47 17.99
N GLN B 143 -10.33 -12.49 18.57
CA GLN B 143 -9.95 -11.27 17.82
C GLN B 143 -9.12 -11.59 16.59
N THR B 144 -8.23 -12.58 16.70
CA THR B 144 -7.37 -12.97 15.59
C THR B 144 -8.19 -13.46 14.41
N PHE B 145 -9.14 -14.37 14.64
CA PHE B 145 -10.00 -14.82 13.55
C PHE B 145 -10.87 -13.73 12.95
N ARG B 146 -11.44 -12.86 13.79
CA ARG B 146 -12.21 -11.74 13.27
C ARG B 146 -11.38 -10.79 12.41
N TYR B 147 -10.18 -10.46 12.89
CA TYR B 147 -9.25 -9.57 12.19
C TYR B 147 -8.92 -10.12 10.80
N PHE B 148 -8.37 -11.32 10.77
CA PHE B 148 -8.03 -11.95 9.50
C PHE B 148 -9.22 -12.25 8.60
N ALA B 149 -10.37 -12.56 9.18
CA ALA B 149 -11.59 -12.72 8.39
C ALA B 149 -11.83 -11.48 7.53
N GLY B 150 -11.55 -10.31 8.10
CA GLY B 150 -11.70 -9.03 7.39
C GLY B 150 -10.70 -8.85 6.26
N TRP B 151 -9.55 -9.54 6.32
CA TRP B 151 -8.54 -9.43 5.24
C TRP B 151 -8.91 -10.15 3.94
N CYS B 152 -9.69 -11.21 4.03
CA CYS B 152 -9.92 -12.11 2.88
C CYS B 152 -10.22 -11.39 1.56
N ASP B 153 -11.22 -10.51 1.54
CA ASP B 153 -11.57 -9.84 0.29
C ASP B 153 -10.85 -8.50 0.13
N LYS B 154 -9.79 -8.31 0.90
CA LYS B 154 -9.02 -7.08 0.86
C LYS B 154 -7.56 -7.34 0.56
N ILE B 155 -7.24 -8.60 0.29
CA ILE B 155 -5.90 -8.99 -0.17
C ILE B 155 -5.86 -8.69 -1.66
N GLN B 156 -4.94 -7.82 -2.05
CA GLN B 156 -4.96 -7.23 -3.40
C GLN B 156 -3.59 -7.31 -4.08
N GLY B 157 -3.59 -7.60 -5.38
CA GLY B 157 -2.38 -7.52 -6.17
C GLY B 157 -2.20 -6.11 -6.74
N ALA B 158 -1.44 -6.01 -7.82
CA ALA B 158 -1.03 -4.72 -8.35
C ALA B 158 -1.16 -4.67 -9.88
N THR B 159 -1.22 -3.46 -10.45
CA THR B 159 -0.98 -3.29 -11.87
C THR B 159 0.21 -2.37 -11.97
N ILE B 160 1.12 -2.66 -12.89
CA ILE B 160 2.48 -2.14 -12.81
C ILE B 160 2.85 -1.48 -14.12
N PRO B 161 3.38 -0.24 -14.06
CA PRO B 161 3.61 0.46 -15.34
C PRO B 161 4.96 0.09 -16.00
N ILE B 162 5.03 -1.13 -16.53
CA ILE B 162 6.24 -1.61 -17.23
C ILE B 162 6.52 -0.86 -18.54
N ASN B 163 7.77 -0.95 -19.01
CA ASN B 163 8.15 -0.41 -20.31
C ASN B 163 7.42 -1.15 -21.42
N GLN B 164 6.97 -0.44 -22.45
CA GLN B 164 6.11 -0.98 -23.51
C GLN B 164 6.94 -1.47 -24.68
N ALA B 165 6.65 -2.68 -25.15
CA ALA B 165 7.34 -3.24 -26.32
C ALA B 165 6.76 -2.56 -27.59
N ARG B 166 7.07 -1.27 -27.72
CA ARG B 166 6.57 -0.48 -28.85
C ARG B 166 6.97 -1.17 -30.18
N PRO B 167 6.09 -1.15 -31.20
CA PRO B 167 4.81 -0.44 -31.31
C PRO B 167 3.63 -1.18 -30.65
N ASN B 168 3.92 -2.24 -29.90
CA ASN B 168 2.89 -2.96 -29.16
C ASN B 168 2.73 -2.45 -27.73
N ARG B 169 1.75 -2.98 -27.01
CA ARG B 169 1.48 -2.57 -25.63
C ARG B 169 1.65 -3.72 -24.65
N ASN B 170 1.87 -3.37 -23.38
CA ASN B 170 1.94 -4.37 -22.31
C ASN B 170 1.08 -3.98 -21.13
N LEU B 171 0.42 -4.98 -20.55
CA LEU B 171 -0.21 -4.89 -19.26
C LEU B 171 0.48 -5.93 -18.35
N THR B 172 0.90 -5.49 -17.17
CA THR B 172 1.45 -6.36 -16.15
C THR B 172 0.65 -6.18 -14.88
N LEU B 173 0.14 -7.30 -14.37
CA LEU B 173 -0.58 -7.32 -13.13
C LEU B 173 0.03 -8.42 -12.25
N THR B 174 -0.21 -8.32 -10.94
CA THR B 174 0.08 -9.43 -10.04
C THR B 174 -1.19 -9.94 -9.41
N LYS B 175 -1.23 -11.25 -9.22
CA LYS B 175 -2.30 -11.94 -8.52
C LYS B 175 -1.68 -12.49 -7.24
C LYS B 175 -1.74 -12.58 -7.26
N LYS B 176 -2.39 -12.32 -6.12
CA LYS B 176 -1.99 -12.96 -4.86
C LYS B 176 -2.72 -14.28 -4.83
N GLU B 177 -2.00 -15.38 -4.64
CA GLU B 177 -2.63 -16.68 -4.61
C GLU B 177 -2.25 -17.40 -3.32
N PRO B 178 -3.11 -18.34 -2.84
CA PRO B 178 -2.71 -19.18 -1.69
C PRO B 178 -1.45 -19.98 -2.00
N VAL B 179 -0.64 -20.30 -0.99
CA VAL B 179 0.50 -21.19 -1.20
C VAL B 179 0.06 -22.65 -1.37
N GLY B 180 -1.06 -23.02 -0.77
CA GLY B 180 -1.50 -24.42 -0.82
C GLY B 180 -1.52 -25.05 0.56
N VAL B 181 -1.09 -26.32 0.63
CA VAL B 181 -1.13 -27.07 1.90
C VAL B 181 -0.03 -26.59 2.84
N CYS B 182 -0.41 -26.18 4.05
CA CYS B 182 0.54 -25.71 5.05
C CYS B 182 0.58 -26.62 6.26
N GLY B 183 1.73 -26.63 6.93
CA GLY B 183 1.88 -27.27 8.23
C GLY B 183 2.14 -26.18 9.25
N ILE B 184 1.47 -26.28 10.39
CA ILE B 184 1.68 -25.33 11.47
C ILE B 184 2.13 -26.13 12.70
N VAL B 185 3.27 -25.73 13.28
CA VAL B 185 3.82 -26.42 14.43
C VAL B 185 4.01 -25.37 15.52
N ILE B 186 3.38 -25.58 16.67
CA ILE B 186 3.31 -24.55 17.70
C ILE B 186 3.78 -25.04 19.08
N PRO B 187 4.07 -24.11 20.01
CA PRO B 187 4.52 -24.52 21.34
C PRO B 187 3.33 -24.57 22.32
N TRP B 188 3.66 -24.72 23.61
CA TRP B 188 2.69 -25.02 24.66
C TRP B 188 2.31 -23.86 25.59
N ASN B 189 2.96 -22.70 25.42
CA ASN B 189 2.72 -21.60 26.36
C ASN B 189 1.34 -20.93 26.27
N TYR B 190 0.81 -20.74 25.05
CA TYR B 190 -0.58 -20.32 24.85
C TYR B 190 -1.14 -21.21 23.75
N PRO B 191 -1.58 -22.42 24.10
CA PRO B 191 -1.92 -23.41 23.07
C PRO B 191 -2.93 -22.93 22.03
N LEU B 192 -4.07 -22.42 22.47
CA LEU B 192 -5.12 -21.96 21.55
C LEU B 192 -4.68 -20.70 20.80
N MET B 193 -4.02 -19.79 21.51
CA MET B 193 -3.70 -18.50 20.95
C MET B 193 -2.63 -18.60 19.87
N MET B 194 -1.59 -19.38 20.10
CA MET B 194 -0.55 -19.62 19.10
C MET B 194 -1.12 -20.31 17.88
N LEU B 195 -2.01 -21.26 18.10
CA LEU B 195 -2.70 -21.93 16.99
C LEU B 195 -3.48 -20.89 16.16
N SER B 196 -4.15 -19.97 16.86
CA SER B 196 -5.08 -19.02 16.26
C SER B 196 -4.36 -17.95 15.43
N TRP B 197 -3.31 -17.36 16.00
CA TRP B 197 -2.45 -16.44 15.29
C TRP B 197 -2.10 -16.93 13.90
N LYS B 198 -1.60 -18.17 13.82
CA LYS B 198 -1.05 -18.67 12.60
C LYS B 198 -2.14 -19.25 11.70
N THR B 199 -3.14 -19.90 12.30
CA THR B 199 -4.18 -20.57 11.56
C THR B 199 -5.11 -19.56 10.90
N ALA B 200 -5.40 -18.48 11.62
CA ALA B 200 -6.26 -17.43 11.10
C ALA B 200 -5.67 -16.84 9.83
N ALA B 201 -4.39 -16.45 9.86
CA ALA B 201 -3.72 -15.88 8.69
C ALA B 201 -3.63 -16.92 7.56
N CYS B 202 -3.23 -18.14 7.93
CA CYS B 202 -3.11 -19.24 6.99
C CYS B 202 -4.41 -19.45 6.22
N LEU B 203 -5.53 -19.49 6.95
CA LEU B 203 -6.82 -19.78 6.33
C LEU B 203 -7.35 -18.54 5.59
N ALA B 204 -7.12 -17.35 6.14
CA ALA B 204 -7.61 -16.15 5.47
C ALA B 204 -6.97 -15.99 4.07
N ALA B 205 -5.76 -16.50 3.91
CA ALA B 205 -5.06 -16.45 2.64
C ALA B 205 -5.52 -17.59 1.68
N GLY B 206 -6.42 -18.46 2.16
CA GLY B 206 -7.06 -19.45 1.30
C GLY B 206 -6.36 -20.80 1.29
N ASN B 207 -5.46 -20.99 2.22
CA ASN B 207 -4.74 -22.25 2.36
C ASN B 207 -5.54 -23.29 3.11
N THR B 208 -5.03 -24.52 3.13
CA THR B 208 -5.55 -25.56 4.03
C THR B 208 -4.37 -25.98 4.90
N VAL B 209 -4.65 -26.63 6.01
CA VAL B 209 -3.64 -26.76 7.03
C VAL B 209 -3.64 -28.09 7.80
N VAL B 210 -2.44 -28.52 8.17
CA VAL B 210 -2.26 -29.55 9.18
C VAL B 210 -1.53 -28.95 10.39
N ILE B 211 -2.19 -28.97 11.54
CA ILE B 211 -1.67 -28.40 12.77
C ILE B 211 -1.15 -29.46 13.75
N LYS B 212 0.05 -29.22 14.27
CA LYS B 212 0.62 -30.02 15.34
C LYS B 212 0.69 -29.19 16.60
N PRO B 213 -0.26 -29.37 17.53
CA PRO B 213 -0.06 -28.67 18.81
C PRO B 213 1.10 -29.30 19.54
N ALA B 214 1.62 -28.61 20.54
CA ALA B 214 2.65 -29.20 21.40
C ALA B 214 2.06 -30.45 22.03
N GLN B 215 2.83 -31.55 22.07
CA GLN B 215 2.30 -32.77 22.63
C GLN B 215 1.68 -32.59 24.03
N VAL B 216 2.32 -31.78 24.89
CA VAL B 216 1.84 -31.61 26.26
C VAL B 216 0.54 -30.80 26.42
N THR B 217 0.07 -30.14 25.35
CA THR B 217 -1.14 -29.30 25.41
C THR B 217 -2.07 -29.45 24.18
N PRO B 218 -2.75 -30.60 24.07
CA PRO B 218 -3.52 -30.80 22.83
C PRO B 218 -4.98 -30.39 22.91
N LEU B 219 -5.48 -30.03 24.09
CA LEU B 219 -6.93 -30.04 24.31
C LEU B 219 -7.72 -28.89 23.68
N THR B 220 -7.24 -27.66 23.80
CA THR B 220 -7.98 -26.56 23.15
C THR B 220 -7.89 -26.68 21.63
N ALA B 221 -6.77 -27.21 21.11
CA ALA B 221 -6.65 -27.44 19.67
C ALA B 221 -7.76 -28.39 19.19
N LEU B 222 -7.98 -29.47 19.95
CA LEU B 222 -8.96 -30.46 19.55
C LEU B 222 -10.39 -29.92 19.69
N LYS B 223 -10.61 -29.08 20.70
CA LYS B 223 -11.91 -28.46 20.87
C LYS B 223 -12.14 -27.44 19.75
N PHE B 224 -11.10 -26.63 19.47
CA PHE B 224 -11.11 -25.74 18.30
C PHE B 224 -11.51 -26.51 17.03
N ALA B 225 -10.93 -27.69 16.83
CA ALA B 225 -11.26 -28.52 15.66
C ALA B 225 -12.75 -28.79 15.58
N GLU B 226 -13.36 -29.17 16.70
CA GLU B 226 -14.79 -29.40 16.75
C GLU B 226 -15.53 -28.10 16.39
N LEU B 227 -15.03 -26.97 16.86
CA LEU B 227 -15.67 -25.70 16.54
C LEU B 227 -15.63 -25.37 15.04
N THR B 228 -14.63 -25.89 14.31
CA THR B 228 -14.61 -25.67 12.86
C THR B 228 -15.80 -26.37 12.19
N LEU B 229 -16.19 -27.54 12.72
CA LEU B 229 -17.38 -28.25 12.28
C LEU B 229 -18.64 -27.44 12.51
N LYS B 230 -18.77 -26.93 13.73
CA LYS B 230 -19.92 -26.10 14.09
C LYS B 230 -20.00 -24.86 13.22
N ALA B 231 -18.84 -24.36 12.78
CA ALA B 231 -18.77 -23.12 11.96
C ALA B 231 -18.97 -23.41 10.46
N GLY B 232 -18.85 -24.67 10.08
CA GLY B 232 -19.07 -25.06 8.69
C GLY B 232 -17.83 -24.92 7.81
N ILE B 233 -16.66 -24.94 8.42
CA ILE B 233 -15.42 -24.98 7.66
C ILE B 233 -15.39 -26.33 6.90
N PRO B 234 -15.29 -26.29 5.56
CA PRO B 234 -15.30 -27.54 4.77
C PRO B 234 -14.32 -28.58 5.30
N LYS B 235 -14.70 -29.85 5.18
N LYS B 235 -14.70 -29.85 5.23
CA LYS B 235 -13.87 -30.95 5.66
CA LYS B 235 -13.89 -30.93 5.77
C LYS B 235 -12.50 -30.95 5.00
C LYS B 235 -12.54 -31.02 5.04
N GLY B 236 -11.48 -31.18 5.82
CA GLY B 236 -10.11 -31.25 5.30
C GLY B 236 -9.34 -29.93 5.33
N VAL B 237 -10.04 -28.81 5.48
CA VAL B 237 -9.37 -27.51 5.55
C VAL B 237 -8.51 -27.40 6.82
N VAL B 238 -9.02 -27.93 7.93
CA VAL B 238 -8.28 -27.93 9.20
C VAL B 238 -8.09 -29.37 9.66
N ASN B 239 -6.83 -29.73 9.92
CA ASN B 239 -6.53 -31.06 10.41
C ASN B 239 -5.58 -30.91 11.56
N ILE B 240 -5.84 -31.63 12.65
CA ILE B 240 -5.06 -31.44 13.87
C ILE B 240 -4.54 -32.76 14.38
N LEU B 241 -3.23 -32.82 14.61
CA LEU B 241 -2.54 -34.06 14.98
C LEU B 241 -1.74 -33.95 16.29
N PRO B 242 -2.37 -34.24 17.44
CA PRO B 242 -1.57 -34.32 18.67
C PRO B 242 -0.50 -35.41 18.51
N GLY B 243 0.70 -35.14 19.05
CA GLY B 243 1.83 -36.01 18.77
C GLY B 243 3.17 -35.29 18.88
N SER B 244 4.26 -36.05 18.69
CA SER B 244 5.58 -35.51 18.93
C SER B 244 6.11 -34.74 17.71
N GLY B 245 6.91 -33.73 18.02
CA GLY B 245 7.65 -33.01 17.01
C GLY B 245 8.55 -33.91 16.19
N SER B 246 9.28 -34.81 16.84
CA SER B 246 10.29 -35.59 16.12
C SER B 246 9.67 -36.64 15.20
N LEU B 247 8.40 -36.95 15.41
CA LEU B 247 7.69 -37.83 14.50
C LEU B 247 6.73 -37.04 13.60
N VAL B 248 5.75 -36.38 14.20
CA VAL B 248 4.69 -35.71 13.44
C VAL B 248 5.18 -34.42 12.81
N GLY B 249 5.86 -33.60 13.61
CA GLY B 249 6.38 -32.32 13.12
C GLY B 249 7.37 -32.55 11.99
N GLN B 250 8.27 -33.50 12.21
CA GLN B 250 9.28 -33.88 11.26
C GLN B 250 8.67 -34.32 9.93
N ARG B 251 7.64 -35.15 9.99
CA ARG B 251 7.02 -35.63 8.74
C ARG B 251 6.36 -34.48 7.95
N LEU B 252 5.68 -33.57 8.64
CA LEU B 252 5.18 -32.33 8.04
C LEU B 252 6.27 -31.54 7.31
N SER B 253 7.44 -31.38 7.94
CA SER B 253 8.55 -30.67 7.31
C SER B 253 9.10 -31.39 6.08
N ASP B 254 9.00 -32.72 6.08
CA ASP B 254 9.56 -33.55 5.01
C ASP B 254 8.58 -33.78 3.89
N HIS B 255 7.30 -33.58 4.16
CA HIS B 255 6.28 -34.01 3.22
C HIS B 255 6.38 -33.32 1.86
N PRO B 256 6.28 -34.10 0.76
CA PRO B 256 6.43 -33.51 -0.57
C PRO B 256 5.22 -32.68 -1.02
N ASP B 257 4.08 -32.86 -0.36
CA ASP B 257 2.87 -32.14 -0.73
C ASP B 257 2.64 -30.90 0.15
N VAL B 258 3.44 -30.76 1.20
CA VAL B 258 3.37 -29.57 2.05
C VAL B 258 4.26 -28.49 1.41
N ARG B 259 3.72 -27.28 1.28
CA ARG B 259 4.41 -26.20 0.58
C ARG B 259 4.91 -25.07 1.48
N LYS B 260 4.51 -25.10 2.75
CA LYS B 260 4.88 -24.07 3.72
C LYS B 260 4.74 -24.57 5.14
N ILE B 261 5.74 -24.29 5.97
CA ILE B 261 5.71 -24.61 7.38
C ILE B 261 5.69 -23.28 8.16
N GLY B 262 4.74 -23.13 9.08
CA GLY B 262 4.76 -22.02 10.00
C GLY B 262 5.18 -22.55 11.35
N PHE B 263 6.30 -22.06 11.86
CA PHE B 263 6.84 -22.61 13.09
C PHE B 263 7.06 -21.56 14.19
N THR B 264 6.61 -21.90 15.39
CA THR B 264 6.90 -21.12 16.58
C THR B 264 7.46 -22.10 17.63
N GLY B 265 8.63 -21.79 18.18
CA GLY B 265 9.25 -22.68 19.17
C GLY B 265 10.65 -22.25 19.49
N SER B 266 11.51 -23.21 19.82
CA SER B 266 12.92 -22.91 20.15
C SER B 266 13.77 -22.66 18.91
N THR B 267 14.85 -21.91 19.09
CA THR B 267 15.84 -21.68 18.03
C THR B 267 16.39 -23.00 17.48
N GLU B 268 16.76 -23.93 18.36
CA GLU B 268 17.39 -25.18 17.87
C GLU B 268 16.43 -26.04 17.04
N VAL B 269 15.18 -26.15 17.46
CA VAL B 269 14.20 -26.89 16.67
C VAL B 269 13.93 -26.15 15.35
N GLY B 270 13.88 -24.81 15.43
CA GLY B 270 13.70 -23.94 14.26
C GLY B 270 14.77 -24.14 13.20
N LYS B 271 16.03 -24.26 13.61
CA LYS B 271 17.13 -24.56 12.69
C LYS B 271 16.83 -25.87 11.96
N HIS B 272 16.50 -26.90 12.76
CA HIS B 272 16.21 -28.21 12.23
C HIS B 272 15.01 -28.22 11.28
N ILE B 273 13.97 -27.46 11.62
CA ILE B 273 12.81 -27.32 10.72
C ILE B 273 13.19 -26.66 9.38
N MET B 274 13.96 -25.59 9.43
CA MET B 274 14.36 -24.90 8.21
C MET B 274 15.20 -25.84 7.34
N LYS B 275 16.11 -26.56 7.99
CA LYS B 275 16.96 -27.52 7.31
C LYS B 275 16.11 -28.59 6.62
N SER B 276 15.05 -29.03 7.30
CA SER B 276 14.17 -30.08 6.75
C SER B 276 13.32 -29.55 5.59
N CYS B 277 12.94 -28.27 5.64
CA CYS B 277 12.22 -27.66 4.52
C CYS B 277 13.14 -27.61 3.28
N ALA B 278 14.40 -27.24 3.53
CA ALA B 278 15.46 -27.21 2.50
C ALA B 278 15.64 -28.56 1.80
N LEU B 279 15.90 -29.60 2.59
CA LEU B 279 16.25 -30.93 2.07
C LEU B 279 15.11 -31.68 1.40
N SER B 280 13.87 -31.30 1.68
CA SER B 280 12.75 -31.95 1.04
C SER B 280 12.41 -31.26 -0.27
N ASN B 281 11.66 -30.16 -0.23
CA ASN B 281 11.17 -29.52 -1.46
C ASN B 281 11.24 -27.98 -1.44
N VAL B 282 12.24 -27.42 -0.75
CA VAL B 282 12.32 -25.98 -0.48
C VAL B 282 10.95 -25.35 -0.20
N LYS B 283 10.16 -26.02 0.62
CA LYS B 283 8.93 -25.44 1.12
C LYS B 283 9.26 -24.14 1.85
N LYS B 284 8.36 -23.18 1.73
CA LYS B 284 8.50 -21.90 2.45
C LYS B 284 8.47 -22.17 3.95
N VAL B 285 9.17 -21.34 4.71
CA VAL B 285 9.19 -21.45 6.15
C VAL B 285 9.22 -20.08 6.84
N SER B 286 8.58 -20.00 8.00
CA SER B 286 8.71 -18.83 8.86
C SER B 286 8.93 -19.33 10.27
N LEU B 287 9.71 -18.57 11.03
CA LEU B 287 10.26 -19.02 12.28
C LEU B 287 10.09 -17.93 13.33
N GLU B 288 9.35 -18.27 14.38
CA GLU B 288 9.22 -17.42 15.57
C GLU B 288 9.96 -18.19 16.67
N LEU B 289 11.15 -17.72 17.04
CA LEU B 289 12.02 -18.53 17.88
C LEU B 289 12.17 -17.93 19.28
N GLY B 290 13.28 -18.22 19.96
CA GLY B 290 13.44 -17.74 21.34
C GLY B 290 13.65 -16.23 21.52
N GLY B 291 13.71 -15.79 22.77
CA GLY B 291 14.04 -14.41 23.08
C GLY B 291 14.81 -14.23 24.36
N LYS B 292 15.61 -13.17 24.41
CA LYS B 292 16.26 -12.73 25.66
C LYS B 292 16.12 -11.21 25.64
N SER B 293 14.89 -10.79 25.80
CA SER B 293 14.49 -9.41 25.50
C SER B 293 14.87 -8.49 26.62
N PRO B 294 15.55 -7.38 26.28
CA PRO B 294 15.98 -6.41 27.29
C PRO B 294 14.94 -5.34 27.53
N LEU B 295 14.82 -4.93 28.79
CA LEU B 295 13.94 -3.85 29.18
C LEU B 295 14.81 -2.86 29.93
N ILE B 296 14.93 -1.65 29.38
CA ILE B 296 15.77 -0.62 29.96
C ILE B 296 14.89 0.41 30.67
N ILE B 297 15.15 0.58 31.96
CA ILE B 297 14.37 1.48 32.81
C ILE B 297 15.23 2.65 33.30
N PHE B 298 14.94 3.84 32.81
CA PHE B 298 15.69 5.04 33.15
C PHE B 298 15.13 5.70 34.42
N ALA B 299 16.00 6.43 35.12
CA ALA B 299 15.64 7.15 36.36
C ALA B 299 14.50 8.14 36.17
N ASP B 300 14.38 8.69 34.96
CA ASP B 300 13.35 9.70 34.72
C ASP B 300 12.01 9.10 34.33
N CYS B 301 11.81 7.80 34.61
CA CYS B 301 10.55 7.15 34.32
C CYS B 301 9.58 7.42 35.46
N ASP B 302 8.33 7.01 35.26
CA ASP B 302 7.34 6.99 36.32
C ASP B 302 7.58 5.69 37.10
N LEU B 303 8.14 5.80 38.30
CA LEU B 303 8.67 4.62 38.99
C LEU B 303 7.64 3.54 39.34
N ASN B 304 6.55 3.95 39.98
CA ASN B 304 5.51 3.00 40.35
C ASN B 304 4.92 2.30 39.12
N LYS B 305 4.75 3.04 38.04
CA LYS B 305 4.29 2.49 36.77
C LYS B 305 5.31 1.46 36.24
N ALA B 306 6.59 1.83 36.28
CA ALA B 306 7.70 0.95 35.89
C ALA B 306 7.73 -0.35 36.68
N VAL B 307 7.43 -0.27 37.97
CA VAL B 307 7.33 -1.46 38.80
C VAL B 307 6.19 -2.36 38.33
N GLN B 308 5.01 -1.77 38.15
CA GLN B 308 3.84 -2.49 37.63
C GLN B 308 4.11 -3.16 36.29
N MET B 309 4.64 -2.40 35.34
CA MET B 309 4.88 -2.98 34.02
C MET B 309 6.13 -3.85 33.97
N GLY B 310 7.12 -3.53 34.81
CA GLY B 310 8.34 -4.35 34.92
C GLY B 310 7.96 -5.75 35.35
N MET B 311 7.12 -5.81 36.38
CA MET B 311 6.66 -7.07 36.90
C MET B 311 5.84 -7.84 35.89
N SER B 312 4.94 -7.12 35.23
CA SER B 312 4.15 -7.71 34.17
C SER B 312 5.04 -8.24 33.04
N SER B 313 6.07 -7.50 32.65
CA SER B 313 6.97 -7.90 31.56
C SER B 313 7.64 -9.24 31.81
N VAL B 314 7.83 -9.58 33.09
CA VAL B 314 8.43 -10.85 33.49
C VAL B 314 7.38 -11.90 33.84
N PHE B 315 6.47 -11.55 34.75
CA PHE B 315 5.59 -12.55 35.36
C PHE B 315 4.32 -12.93 34.58
N PHE B 316 3.94 -12.12 33.60
CA PHE B 316 2.72 -12.36 32.83
C PHE B 316 2.67 -13.80 32.35
N ASN B 317 1.50 -14.44 32.48
CA ASN B 317 1.35 -15.84 32.05
C ASN B 317 2.45 -16.77 32.61
N LYS B 318 2.72 -16.58 33.91
CA LYS B 318 3.80 -17.30 34.64
C LYS B 318 5.16 -17.34 33.91
N GLY B 319 5.44 -16.27 33.15
CA GLY B 319 6.70 -16.09 32.44
C GLY B 319 6.82 -16.94 31.19
N GLU B 320 5.78 -17.73 30.89
CA GLU B 320 5.80 -18.59 29.71
C GLU B 320 5.32 -17.76 28.52
N ASN B 321 6.25 -16.94 28.05
CA ASN B 321 5.96 -15.81 27.19
C ASN B 321 7.27 -15.48 26.43
N ALA B 322 7.25 -15.75 25.12
CA ALA B 322 8.46 -15.60 24.29
C ALA B 322 9.03 -14.18 24.30
N ILE B 323 8.18 -13.19 24.53
CA ILE B 323 8.65 -11.80 24.52
C ILE B 323 8.91 -11.24 25.92
N ALA B 324 8.72 -12.07 26.95
CA ALA B 324 9.02 -11.67 28.34
C ALA B 324 10.38 -10.98 28.43
N ALA B 325 10.45 -9.93 29.23
CA ALA B 325 11.72 -9.27 29.45
C ALA B 325 12.66 -10.25 30.19
N GLY B 326 13.74 -10.62 29.51
CA GLY B 326 14.71 -11.61 30.00
C GLY B 326 15.87 -10.97 30.75
N ARG B 327 15.99 -9.64 30.61
CA ARG B 327 16.89 -8.81 31.41
C ARG B 327 16.22 -7.46 31.61
N LEU B 328 16.35 -6.92 32.82
CA LEU B 328 15.97 -5.56 33.11
C LEU B 328 17.24 -4.82 33.48
N PHE B 329 17.51 -3.73 32.77
CA PHE B 329 18.60 -2.82 33.08
C PHE B 329 17.99 -1.60 33.75
N VAL B 330 18.39 -1.32 34.99
CA VAL B 330 17.78 -0.24 35.77
C VAL B 330 18.85 0.78 36.10
N GLU B 331 18.58 2.06 35.84
CA GLU B 331 19.58 3.11 36.08
C GLU B 331 19.99 3.12 37.55
N GLU B 332 21.28 3.37 37.80
CA GLU B 332 21.85 3.24 39.16
C GLU B 332 21.04 3.97 40.24
N SER B 333 20.67 5.23 40.01
CA SER B 333 20.03 6.02 41.05
C SER B 333 18.62 5.55 41.50
N ILE B 334 17.94 4.73 40.72
CA ILE B 334 16.60 4.28 41.10
C ILE B 334 16.56 2.79 41.32
N HIS B 335 17.70 2.13 41.15
CA HIS B 335 17.76 0.66 41.19
C HIS B 335 17.28 0.04 42.51
N ASN B 336 17.85 0.50 43.63
CA ASN B 336 17.48 -0.05 44.95
C ASN B 336 16.01 0.18 45.27
N GLN B 337 15.52 1.40 45.03
CA GLN B 337 14.11 1.70 45.22
C GLN B 337 13.21 0.83 44.32
N PHE B 338 13.62 0.66 43.06
CA PHE B 338 12.91 -0.23 42.15
C PHE B 338 12.83 -1.66 42.71
N VAL B 339 13.97 -2.21 43.14
CA VAL B 339 14.00 -3.57 43.70
C VAL B 339 13.11 -3.69 44.94
N GLN B 340 13.18 -2.71 45.84
CA GLN B 340 12.32 -2.67 47.02
C GLN B 340 10.85 -2.71 46.63
N LYS B 341 10.46 -1.85 45.70
CA LYS B 341 9.05 -1.80 45.28
C LYS B 341 8.60 -3.08 44.60
N VAL B 342 9.46 -3.68 43.77
CA VAL B 342 9.14 -4.97 43.15
C VAL B 342 8.89 -6.05 44.22
N VAL B 343 9.77 -6.12 45.21
CA VAL B 343 9.61 -7.10 46.30
C VAL B 343 8.29 -6.91 47.05
N GLU B 344 7.94 -5.66 47.35
CA GLU B 344 6.67 -5.35 48.01
C GLU B 344 5.48 -5.88 47.22
N GLU B 345 5.53 -5.73 45.89
CA GLU B 345 4.43 -6.13 45.02
C GLU B 345 4.40 -7.63 44.77
N VAL B 346 5.59 -8.24 44.71
CA VAL B 346 5.72 -9.70 44.52
C VAL B 346 5.06 -10.43 45.68
N GLU B 347 5.29 -9.94 46.90
CA GLU B 347 4.67 -10.53 48.10
C GLU B 347 3.14 -10.50 48.05
N LYS B 348 2.56 -9.60 47.28
CA LYS B 348 1.10 -9.50 47.18
C LYS B 348 0.50 -10.45 46.14
N MET B 349 1.34 -11.08 45.32
CA MET B 349 0.81 -11.95 44.26
C MET B 349 0.19 -13.19 44.89
N LYS B 350 -0.97 -13.59 44.39
CA LYS B 350 -1.65 -14.72 44.97
C LYS B 350 -1.44 -15.94 44.09
N ILE B 351 -0.67 -16.90 44.61
CA ILE B 351 -0.39 -18.14 43.88
C ILE B 351 -1.49 -19.14 44.15
N GLY B 352 -1.99 -19.84 43.13
CA GLY B 352 -3.07 -20.81 43.35
C GLY B 352 -3.66 -21.50 42.13
N ASN B 353 -4.73 -22.25 42.37
CA ASN B 353 -5.48 -22.91 41.30
C ASN B 353 -5.92 -21.87 40.28
N PRO B 354 -5.58 -22.06 39.00
CA PRO B 354 -5.96 -21.12 37.92
C PRO B 354 -7.46 -20.84 37.83
N LEU B 355 -8.29 -21.82 38.22
CA LEU B 355 -9.74 -21.68 38.22
C LEU B 355 -10.29 -20.80 39.32
N GLU B 356 -9.46 -20.45 40.29
CA GLU B 356 -9.92 -19.63 41.41
C GLU B 356 -9.77 -18.16 41.08
N ARG B 357 -10.86 -17.43 41.25
CA ARG B 357 -10.94 -16.04 40.80
C ARG B 357 -9.89 -15.12 41.40
N ASP B 358 -9.41 -15.42 42.62
CA ASP B 358 -8.40 -14.56 43.25
C ASP B 358 -6.94 -14.88 42.85
N THR B 359 -6.74 -15.97 42.11
CA THR B 359 -5.39 -16.36 41.67
C THR B 359 -4.75 -15.31 40.73
N ASN B 360 -3.53 -14.89 41.05
CA ASN B 360 -2.69 -14.04 40.18
C ASN B 360 -1.67 -14.83 39.38
N HIS B 361 -1.19 -15.93 39.94
CA HIS B 361 -0.03 -16.64 39.40
C HIS B 361 -0.34 -18.13 39.43
N GLY B 362 -0.50 -18.71 38.25
CA GLY B 362 -0.85 -20.13 38.14
C GLY B 362 0.40 -21.00 38.10
N PRO B 363 0.22 -22.32 37.93
CA PRO B 363 1.34 -23.25 37.85
C PRO B 363 2.06 -23.14 36.51
N GLN B 364 3.31 -23.60 36.46
CA GLN B 364 4.02 -23.74 35.21
C GLN B 364 3.36 -24.84 34.41
N ASN B 365 3.65 -24.87 33.12
CA ASN B 365 2.88 -25.63 32.15
C ASN B 365 2.95 -27.15 32.32
N HIS B 366 4.14 -27.64 32.65
CA HIS B 366 4.39 -29.07 32.81
C HIS B 366 5.67 -29.30 33.63
N GLU B 367 5.85 -30.54 34.09
CA GLU B 367 6.88 -30.87 35.07
C GLU B 367 8.32 -30.63 34.59
N ALA B 368 8.61 -31.07 33.38
CA ALA B 368 9.95 -30.92 32.82
C ALA B 368 10.36 -29.46 32.83
N HIS B 369 9.40 -28.58 32.55
CA HIS B 369 9.71 -27.16 32.50
C HIS B 369 9.98 -26.62 33.89
N LEU B 370 9.15 -26.99 34.86
CA LEU B 370 9.42 -26.65 36.27
C LEU B 370 10.84 -27.09 36.70
N ARG B 371 11.21 -28.33 36.36
CA ARG B 371 12.55 -28.86 36.70
C ARG B 371 13.64 -27.92 36.16
N LYS B 372 13.53 -27.55 34.89
CA LYS B 372 14.44 -26.61 34.22
C LYS B 372 14.55 -25.26 34.93
N LEU B 373 13.44 -24.74 35.45
CA LEU B 373 13.45 -23.45 36.13
C LEU B 373 14.17 -23.53 37.48
N VAL B 374 13.97 -24.64 38.19
CA VAL B 374 14.70 -24.89 39.43
C VAL B 374 16.22 -24.92 39.20
N GLU B 375 16.63 -25.68 38.19
CA GLU B 375 18.04 -25.77 37.77
C GLU B 375 18.57 -24.41 37.37
N TYR B 376 17.78 -23.68 36.56
CA TYR B 376 18.13 -22.34 36.10
C TYR B 376 18.53 -21.46 37.28
N CYS B 377 17.68 -21.43 38.31
CA CYS B 377 17.92 -20.59 39.49
C CYS B 377 19.04 -21.11 40.42
N GLN B 378 19.27 -22.42 40.43
CA GLN B 378 20.42 -23.01 41.13
C GLN B 378 21.68 -22.44 40.50
N ARG B 379 21.71 -22.46 39.17
CA ARG B 379 22.86 -21.97 38.43
C ARG B 379 23.11 -20.47 38.62
N GLY B 380 22.03 -19.69 38.67
CA GLY B 380 22.13 -18.26 38.93
C GLY B 380 22.79 -17.97 40.27
N VAL B 381 22.38 -18.72 41.29
CA VAL B 381 22.96 -18.55 42.63
C VAL B 381 24.42 -19.01 42.59
N LYS B 382 24.65 -20.14 41.96
CA LYS B 382 26.00 -20.69 41.86
C LYS B 382 26.96 -19.69 41.22
N GLU B 383 26.55 -19.11 40.07
CA GLU B 383 27.43 -18.20 39.34
C GLU B 383 27.53 -16.81 39.99
N GLY B 384 26.82 -16.59 41.09
CA GLY B 384 27.10 -15.42 41.91
C GLY B 384 26.14 -14.25 41.88
N ALA B 385 24.97 -14.42 41.24
CA ALA B 385 23.93 -13.38 41.31
C ALA B 385 23.22 -13.40 42.67
N THR B 386 22.68 -12.25 43.08
CA THR B 386 21.95 -12.11 44.33
C THR B 386 20.49 -12.54 44.17
N LEU B 387 20.11 -13.63 44.84
CA LEU B 387 18.73 -14.08 44.84
C LEU B 387 17.93 -13.27 45.86
N VAL B 388 17.13 -12.31 45.39
CA VAL B 388 16.35 -11.46 46.28
C VAL B 388 15.08 -12.16 46.77
N CYS B 389 14.46 -12.98 45.91
CA CYS B 389 13.32 -13.77 46.33
C CYS B 389 12.99 -14.87 45.34
N GLY B 390 12.27 -15.89 45.80
CA GLY B 390 11.83 -16.99 44.97
C GLY B 390 12.98 -17.90 44.63
N GLY B 391 12.89 -18.50 43.45
CA GLY B 391 13.92 -19.39 42.96
C GLY B 391 13.56 -20.86 43.08
N ASN B 392 12.41 -21.15 43.69
CA ASN B 392 12.07 -22.53 44.10
C ASN B 392 10.66 -22.95 43.71
N GLN B 393 10.45 -24.25 43.54
CA GLN B 393 9.10 -24.81 43.45
C GLN B 393 8.31 -24.43 44.70
N VAL B 394 7.09 -23.96 44.51
CA VAL B 394 6.21 -23.65 45.64
C VAL B 394 5.80 -24.97 46.30
N PRO B 395 5.86 -25.03 47.66
CA PRO B 395 5.42 -26.27 48.30
C PRO B 395 3.89 -26.41 48.25
N ARG B 396 3.42 -27.14 47.24
CA ARG B 396 2.01 -27.51 47.12
C ARG B 396 1.97 -28.48 45.96
N PRO B 397 0.82 -29.17 45.75
CA PRO B 397 0.77 -30.08 44.58
C PRO B 397 0.95 -29.35 43.23
N GLY B 398 1.23 -30.12 42.19
CA GLY B 398 1.41 -29.58 40.86
C GLY B 398 2.77 -28.97 40.65
N PHE B 399 2.87 -28.06 39.66
CA PHE B 399 4.15 -27.60 39.17
C PHE B 399 4.29 -26.08 39.24
N PHE B 400 4.11 -25.55 40.44
CA PHE B 400 4.13 -24.15 40.74
C PHE B 400 5.54 -23.70 41.06
N PHE B 401 5.87 -22.47 40.63
CA PHE B 401 7.21 -21.92 40.80
C PHE B 401 7.07 -20.53 41.36
N GLN B 402 7.89 -20.22 42.36
CA GLN B 402 7.80 -18.98 43.10
C GLN B 402 8.31 -17.83 42.20
N PRO B 403 7.52 -16.74 42.04
CA PRO B 403 8.04 -15.56 41.34
C PRO B 403 9.38 -15.15 41.91
N THR B 404 10.35 -14.95 41.02
CA THR B 404 11.76 -14.87 41.38
C THR B 404 12.37 -13.53 40.95
N VAL B 405 13.25 -12.99 41.80
CA VAL B 405 13.98 -11.79 41.48
C VAL B 405 15.47 -11.99 41.76
N PHE B 406 16.29 -11.80 40.72
CA PHE B 406 17.74 -11.78 40.82
C PHE B 406 18.27 -10.36 40.63
N THR B 407 19.23 -9.95 41.45
CA THR B 407 19.95 -8.70 41.21
C THR B 407 21.45 -8.99 41.08
N ASP B 408 22.24 -7.92 40.94
CA ASP B 408 23.69 -8.04 40.71
C ASP B 408 24.01 -9.02 39.57
N VAL B 409 23.22 -9.01 38.52
CA VAL B 409 23.50 -9.88 37.37
C VAL B 409 24.55 -9.20 36.48
N GLU B 410 25.60 -9.94 36.12
CA GLU B 410 26.68 -9.40 35.29
C GLU B 410 26.56 -10.02 33.90
N ASP B 411 27.07 -9.33 32.88
CA ASP B 411 26.83 -9.70 31.48
C ASP B 411 27.34 -11.08 31.09
N HIS B 412 28.40 -11.55 31.75
CA HIS B 412 28.97 -12.87 31.43
C HIS B 412 28.16 -14.03 32.02
N MET B 413 27.24 -13.74 32.94
CA MET B 413 26.51 -14.82 33.61
C MET B 413 25.57 -15.57 32.69
N TYR B 414 25.38 -16.85 32.97
CA TYR B 414 24.49 -17.72 32.24
C TYR B 414 23.07 -17.17 32.22
N ILE B 415 22.63 -16.65 33.34
CA ILE B 415 21.26 -16.13 33.41
C ILE B 415 21.13 -14.76 32.69
N ALA B 416 22.26 -14.13 32.37
CA ALA B 416 22.26 -12.95 31.51
C ALA B 416 22.07 -13.32 30.03
N LYS B 417 22.34 -14.58 29.70
CA LYS B 417 22.34 -15.00 28.30
C LYS B 417 21.22 -15.94 27.93
N GLU B 418 20.81 -16.78 28.89
CA GLU B 418 19.92 -17.88 28.57
C GLU B 418 18.46 -17.49 28.86
N GLU B 419 17.56 -17.95 28.00
CA GLU B 419 16.14 -17.68 28.17
C GLU B 419 15.55 -18.63 29.22
N SER B 420 14.95 -18.06 30.26
CA SER B 420 14.34 -18.86 31.32
C SER B 420 12.98 -19.43 30.89
N PHE B 421 12.17 -18.59 30.25
CA PHE B 421 10.78 -18.91 29.91
C PHE B 421 9.96 -19.18 31.19
N GLY B 422 10.33 -18.49 32.26
CA GLY B 422 9.65 -18.61 33.52
C GLY B 422 9.61 -17.29 34.25
N PRO B 423 9.02 -17.27 35.46
CA PRO B 423 8.77 -16.02 36.14
C PRO B 423 9.98 -15.53 36.91
N ILE B 424 11.05 -15.22 36.18
CA ILE B 424 12.34 -14.89 36.79
C ILE B 424 12.85 -13.53 36.30
N MET B 425 12.73 -12.53 37.17
CA MET B 425 13.20 -11.19 36.89
C MET B 425 14.71 -11.09 37.11
N ILE B 426 15.44 -10.68 36.07
CA ILE B 426 16.90 -10.75 36.06
C ILE B 426 17.47 -9.33 35.89
N ILE B 427 17.86 -8.71 37.00
CA ILE B 427 18.18 -7.28 37.02
C ILE B 427 19.66 -6.93 37.02
N SER B 428 20.07 -6.04 36.11
CA SER B 428 21.40 -5.42 36.13
C SER B 428 21.29 -3.91 36.26
N ARG B 429 22.34 -3.28 36.77
CA ARG B 429 22.45 -1.82 36.88
C ARG B 429 23.12 -1.24 35.65
N PHE B 430 22.85 0.02 35.36
CA PHE B 430 23.73 0.79 34.48
C PHE B 430 23.99 2.15 35.09
N ALA B 431 25.11 2.76 34.75
CA ALA B 431 25.50 4.05 35.31
C ALA B 431 24.53 5.14 34.87
N ASP B 432 24.26 6.07 35.78
CA ASP B 432 23.47 7.26 35.46
C ASP B 432 24.04 7.97 34.23
N GLY B 433 23.17 8.23 33.25
CA GLY B 433 23.57 8.94 32.02
C GLY B 433 24.16 8.08 30.91
N ASP B 434 24.23 6.77 31.09
CA ASP B 434 25.08 5.90 30.24
C ASP B 434 24.34 5.18 29.08
N VAL B 435 23.61 5.95 28.25
CA VAL B 435 22.67 5.43 27.20
C VAL B 435 23.25 4.40 26.18
N ASP B 436 24.30 4.79 25.47
CA ASP B 436 24.94 3.89 24.50
C ASP B 436 25.53 2.60 25.11
N ALA B 437 26.12 2.72 26.30
CA ALA B 437 26.72 1.57 26.99
C ALA B 437 25.63 0.56 27.35
N VAL B 438 24.50 1.02 27.89
CA VAL B 438 23.42 0.09 28.21
C VAL B 438 22.82 -0.55 26.94
N LEU B 439 22.64 0.26 25.88
CA LEU B 439 22.22 -0.28 24.59
C LEU B 439 23.10 -1.43 24.08
N SER B 440 24.41 -1.23 24.15
CA SER B 440 25.37 -2.23 23.72
C SER B 440 25.15 -3.52 24.50
N ARG B 441 25.03 -3.38 25.81
CA ARG B 441 24.78 -4.53 26.67
C ARG B 441 23.46 -5.20 26.30
N ALA B 442 22.43 -4.38 26.06
CA ALA B 442 21.10 -4.88 25.71
C ALA B 442 21.09 -5.61 24.36
N ASN B 443 21.95 -5.18 23.44
CA ASN B 443 22.02 -5.77 22.10
C ASN B 443 22.99 -6.94 21.97
N ALA B 444 23.75 -7.22 23.03
CA ALA B 444 24.80 -8.23 22.98
C ALA B 444 24.22 -9.63 23.13
N THR B 445 23.36 -10.03 22.20
CA THR B 445 22.68 -11.31 22.22
C THR B 445 22.34 -11.66 20.79
N GLU B 446 22.28 -12.95 20.51
CA GLU B 446 21.89 -13.45 19.20
C GLU B 446 20.36 -13.50 19.05
N PHE B 447 19.65 -13.26 20.16
CA PHE B 447 18.20 -13.08 20.09
C PHE B 447 17.87 -11.63 19.70
N GLY B 448 16.61 -11.40 19.33
CA GLY B 448 16.09 -10.07 19.03
C GLY B 448 14.60 -10.13 18.76
N LEU B 449 13.85 -10.71 19.71
CA LEU B 449 12.41 -10.87 19.57
C LEU B 449 11.68 -9.60 20.02
N ALA B 450 12.01 -9.10 21.21
CA ALA B 450 11.34 -7.93 21.75
C ALA B 450 12.31 -7.13 22.62
N SER B 451 11.84 -6.03 23.19
CA SER B 451 12.66 -5.12 23.96
C SER B 451 11.70 -4.06 24.48
N GLY B 452 12.15 -3.27 25.45
CA GLY B 452 11.33 -2.21 25.99
C GLY B 452 12.18 -1.13 26.63
N VAL B 453 11.59 0.05 26.79
CA VAL B 453 12.26 1.16 27.44
C VAL B 453 11.19 1.93 28.22
N PHE B 454 11.52 2.31 29.46
CA PHE B 454 10.67 3.17 30.28
C PHE B 454 11.43 4.46 30.50
N THR B 455 10.83 5.56 30.06
CA THR B 455 11.41 6.87 30.26
C THR B 455 10.33 7.87 29.93
N ARG B 456 10.36 9.03 30.57
CA ARG B 456 9.43 10.10 30.25
C ARG B 456 10.03 10.99 29.17
N ASP B 457 11.31 10.77 28.88
CA ASP B 457 12.07 11.62 27.97
C ASP B 457 11.91 11.15 26.51
N ILE B 458 11.21 11.98 25.73
CA ILE B 458 10.91 11.69 24.33
C ILE B 458 12.16 11.38 23.47
N ASN B 459 13.23 12.15 23.68
CA ASN B 459 14.47 11.98 22.95
C ASN B 459 15.14 10.64 23.23
N LYS B 460 15.21 10.26 24.50
CA LYS B 460 15.70 8.95 24.88
C LYS B 460 14.83 7.83 24.32
N ALA B 461 13.50 7.97 24.43
CA ALA B 461 12.59 6.93 23.97
C ALA B 461 12.75 6.67 22.47
N LEU B 462 12.80 7.75 21.70
CA LEU B 462 12.93 7.61 20.24
C LEU B 462 14.31 7.04 19.84
N TYR B 463 15.35 7.56 20.47
CA TYR B 463 16.71 7.13 20.20
C TYR B 463 16.91 5.67 20.60
N VAL B 464 16.51 5.32 21.82
CA VAL B 464 16.65 3.95 22.30
C VAL B 464 15.88 2.99 21.38
N SER B 465 14.68 3.35 20.99
CA SER B 465 13.93 2.46 20.12
C SER B 465 14.57 2.31 18.73
N ASP B 466 15.24 3.34 18.20
CA ASP B 466 16.01 3.14 16.96
C ASP B 466 17.12 2.09 17.15
N LYS B 467 17.81 2.17 18.27
CA LYS B 467 19.03 1.38 18.49
C LYS B 467 18.79 -0.05 18.95
N LEU B 468 17.65 -0.35 19.55
CA LEU B 468 17.40 -1.70 20.04
C LEU B 468 17.27 -2.66 18.86
N GLN B 469 18.03 -3.75 18.90
CA GLN B 469 18.05 -4.71 17.81
C GLN B 469 16.97 -5.79 18.04
N ALA B 470 15.71 -5.39 17.97
CA ALA B 470 14.60 -6.32 18.24
C ALA B 470 13.39 -5.99 17.36
N GLY B 471 12.58 -7.01 17.09
CA GLY B 471 11.43 -6.92 16.21
C GLY B 471 10.26 -6.13 16.74
N THR B 472 10.20 -6.01 18.07
CA THR B 472 9.22 -5.18 18.75
C THR B 472 9.95 -4.40 19.84
N VAL B 473 9.71 -3.09 19.88
CA VAL B 473 10.15 -2.24 20.97
C VAL B 473 8.92 -1.66 21.67
N PHE B 474 8.80 -1.91 22.97
CA PHE B 474 7.74 -1.29 23.76
C PHE B 474 8.27 -0.06 24.45
N ILE B 475 7.48 1.01 24.43
CA ILE B 475 7.87 2.24 25.08
C ILE B 475 6.81 2.59 26.12
N ASN B 476 7.24 2.58 27.39
CA ASN B 476 6.39 2.87 28.55
C ASN B 476 5.21 1.94 28.70
N THR B 477 5.41 0.70 28.24
CA THR B 477 4.42 -0.36 28.39
C THR B 477 5.17 -1.65 28.11
N TYR B 478 4.50 -2.81 28.25
CA TYR B 478 5.13 -4.06 27.86
C TYR B 478 4.06 -5.11 27.56
N ASN B 479 4.39 -6.13 26.76
CA ASN B 479 3.43 -7.20 26.40
C ASN B 479 2.18 -6.70 25.67
N LYS B 480 2.26 -5.47 25.15
CA LYS B 480 1.15 -4.87 24.44
C LYS B 480 1.14 -5.38 22.98
N THR B 481 0.73 -6.63 22.78
CA THR B 481 0.62 -7.14 21.44
C THR B 481 -0.79 -6.82 20.93
N ASP B 482 -1.00 -6.95 19.64
CA ASP B 482 -2.32 -6.65 19.07
C ASP B 482 -2.46 -7.43 17.78
N VAL B 483 -3.66 -7.93 17.50
CA VAL B 483 -3.84 -8.74 16.30
C VAL B 483 -3.46 -7.99 15.00
N ALA B 484 -3.42 -6.65 15.05
CA ALA B 484 -3.11 -5.83 13.86
C ALA B 484 -1.63 -5.43 13.76
N ALA B 485 -0.89 -5.62 14.86
CA ALA B 485 0.51 -5.21 14.93
C ALA B 485 1.43 -6.42 14.71
N PRO B 486 2.21 -6.41 13.62
CA PRO B 486 3.02 -7.59 13.30
C PRO B 486 4.07 -7.93 14.38
N PHE B 487 4.37 -9.22 14.50
CA PHE B 487 5.11 -9.76 15.62
C PHE B 487 6.10 -10.80 15.07
N GLY B 488 7.39 -10.55 15.25
CA GLY B 488 8.41 -11.44 14.71
C GLY B 488 9.78 -10.97 15.15
N GLY B 489 10.76 -11.84 15.03
CA GLY B 489 12.09 -11.57 15.56
C GLY B 489 13.13 -11.19 14.51
N PHE B 490 14.25 -10.68 14.99
CA PHE B 490 15.44 -10.50 14.18
C PHE B 490 16.50 -11.54 14.62
N LYS B 491 17.62 -11.59 13.89
CA LYS B 491 18.76 -12.45 14.23
C LYS B 491 18.31 -13.89 14.46
N GLN B 492 18.68 -14.52 15.57
CA GLN B 492 18.34 -15.94 15.76
C GLN B 492 16.94 -16.14 16.39
N SER B 493 16.21 -15.05 16.57
CA SER B 493 14.80 -15.15 16.95
C SER B 493 13.92 -15.47 15.75
N GLY B 494 14.52 -15.58 14.56
CA GLY B 494 13.78 -15.99 13.36
C GLY B 494 13.48 -14.90 12.33
N PHE B 495 12.44 -15.12 11.52
CA PHE B 495 12.00 -14.17 10.47
C PHE B 495 10.55 -14.45 10.11
N GLY B 496 9.89 -13.49 9.46
CA GLY B 496 8.47 -13.58 9.16
C GLY B 496 7.64 -13.09 10.33
N LYS B 497 6.42 -12.64 10.07
CA LYS B 497 5.56 -12.11 11.12
C LYS B 497 4.32 -12.97 11.30
N ASP B 498 3.91 -13.07 12.56
CA ASP B 498 2.53 -13.38 12.91
C ASP B 498 1.85 -12.06 13.23
N LEU B 499 0.53 -12.01 13.00
CA LEU B 499 -0.32 -10.83 13.21
C LEU B 499 -0.06 -9.70 12.20
N GLY B 500 -1.05 -8.82 12.06
CA GLY B 500 -1.00 -7.73 11.10
C GLY B 500 -1.11 -8.16 9.65
N GLU B 501 -1.19 -7.17 8.76
CA GLU B 501 -1.16 -7.43 7.34
C GLU B 501 0.08 -8.26 6.94
N ALA B 502 1.23 -7.94 7.53
CA ALA B 502 2.47 -8.64 7.20
C ALA B 502 2.36 -10.15 7.33
N ALA B 503 1.53 -10.66 8.24
CA ALA B 503 1.47 -12.11 8.44
C ALA B 503 0.97 -12.82 7.20
N LEU B 504 0.14 -12.13 6.41
CA LEU B 504 -0.46 -12.72 5.21
C LEU B 504 0.57 -13.10 4.17
N ASN B 505 1.65 -12.31 4.07
CA ASN B 505 2.68 -12.55 3.07
C ASN B 505 3.38 -13.90 3.18
N GLU B 506 3.46 -14.45 4.39
CA GLU B 506 3.98 -15.79 4.63
C GLU B 506 3.09 -16.87 4.02
N TYR B 507 1.82 -16.54 3.80
CA TYR B 507 0.80 -17.51 3.40
C TYR B 507 0.28 -17.26 1.99
N LEU B 508 0.89 -16.32 1.30
CA LEU B 508 0.51 -16.01 -0.08
C LEU B 508 1.70 -16.15 -0.99
N ARG B 509 1.43 -16.34 -2.28
CA ARG B 509 2.45 -16.23 -3.29
C ARG B 509 2.00 -15.18 -4.32
N ILE B 510 2.96 -14.58 -5.00
CA ILE B 510 2.68 -13.56 -6.01
C ILE B 510 2.92 -14.11 -7.42
N LYS B 511 1.88 -14.10 -8.26
CA LYS B 511 2.02 -14.49 -9.67
C LYS B 511 1.99 -13.23 -10.52
N THR B 512 3.03 -13.04 -11.33
CA THR B 512 3.08 -11.92 -12.27
C THR B 512 2.52 -12.38 -13.62
N VAL B 513 1.63 -11.58 -14.18
CA VAL B 513 1.00 -11.90 -15.46
C VAL B 513 1.25 -10.72 -16.38
N THR B 514 1.91 -10.99 -17.51
CA THR B 514 2.32 -9.94 -18.42
C THR B 514 1.76 -10.24 -19.82
N PHE B 515 0.92 -9.34 -20.31
CA PHE B 515 0.29 -9.47 -21.60
C PHE B 515 1.08 -8.59 -22.57
N GLU B 516 1.17 -9.03 -23.83
CA GLU B 516 1.40 -8.09 -24.92
C GLU B 516 0.13 -8.03 -25.79
N TYR B 517 -0.24 -6.83 -26.21
CA TYR B 517 -1.40 -6.64 -27.11
C TYR B 517 -1.15 -5.50 -28.06
N VAL C 20 16.17 32.56 -31.33
CA VAL C 20 16.82 32.83 -30.01
C VAL C 20 15.80 33.46 -29.05
N ILE C 21 15.81 33.01 -27.80
CA ILE C 21 14.95 33.54 -26.75
C ILE C 21 15.42 34.96 -26.37
N ASN C 22 14.48 35.90 -26.25
CA ASN C 22 14.81 37.22 -25.72
C ASN C 22 14.98 37.18 -24.20
N TYR C 23 16.04 37.82 -23.72
CA TYR C 23 16.31 37.86 -22.28
C TYR C 23 16.38 39.27 -21.75
N VAL C 24 16.02 39.43 -20.48
CA VAL C 24 16.52 40.56 -19.73
C VAL C 24 17.83 40.09 -19.12
N GLU C 25 18.87 40.87 -19.38
CA GLU C 25 20.21 40.53 -18.95
C GLU C 25 20.61 41.43 -17.79
N LYS C 26 21.20 40.85 -16.74
CA LYS C 26 21.60 41.64 -15.58
C LYS C 26 22.87 41.06 -14.96
N ALA C 27 23.90 41.88 -14.87
CA ALA C 27 25.15 41.49 -14.21
C ALA C 27 24.97 41.73 -12.72
N VAL C 28 24.91 40.66 -11.96
CA VAL C 28 24.61 40.74 -10.53
C VAL C 28 25.06 39.46 -9.84
N ASN C 29 25.56 39.59 -8.62
CA ASN C 29 25.91 38.45 -7.80
C ASN C 29 26.96 37.54 -8.46
N LYS C 30 27.89 38.16 -9.19
CA LYS C 30 28.97 37.50 -9.97
C LYS C 30 28.47 36.75 -11.20
N LEU C 31 27.22 36.94 -11.57
CA LEU C 31 26.66 36.18 -12.69
C LEU C 31 26.10 37.16 -13.71
N THR C 32 25.90 36.67 -14.93
CA THR C 32 25.10 37.41 -15.90
C THR C 32 23.78 36.67 -16.01
N LEU C 33 22.76 37.13 -15.30
CA LEU C 33 21.46 36.49 -15.38
C LEU C 33 20.88 36.67 -16.77
N GLN C 34 20.26 35.63 -17.30
CA GLN C 34 19.53 35.75 -18.56
C GLN C 34 18.09 35.33 -18.24
N MET C 35 17.22 36.34 -18.13
CA MET C 35 15.86 36.14 -17.66
C MET C 35 14.83 36.32 -18.77
N PRO C 36 14.21 35.21 -19.21
CA PRO C 36 13.07 35.36 -20.13
C PRO C 36 11.99 36.19 -19.44
N TYR C 37 11.15 36.86 -20.23
CA TYR C 37 10.17 37.79 -19.68
C TYR C 37 8.84 37.66 -20.37
N GLN C 38 8.74 36.72 -21.30
CA GLN C 38 7.53 36.53 -22.08
C GLN C 38 6.71 35.33 -21.61
N LEU C 39 5.50 35.19 -22.14
CA LEU C 39 4.69 34.00 -21.91
C LEU C 39 5.40 32.79 -22.49
N PHE C 40 5.19 31.64 -21.86
CA PHE C 40 5.72 30.39 -22.36
C PHE C 40 4.55 29.51 -22.77
N ILE C 41 4.35 29.38 -24.08
CA ILE C 41 3.23 28.61 -24.67
C ILE C 41 3.76 27.69 -25.76
N GLY C 42 3.32 26.43 -25.72
CA GLY C 42 3.73 25.43 -26.68
C GLY C 42 5.23 25.38 -26.95
N GLY C 43 6.05 25.52 -25.91
CA GLY C 43 7.49 25.42 -26.08
C GLY C 43 8.16 26.68 -26.61
N GLU C 44 7.42 27.77 -26.70
CA GLU C 44 7.97 29.01 -27.25
C GLU C 44 7.71 30.16 -26.30
N PHE C 45 8.65 31.10 -26.21
CA PHE C 45 8.42 32.35 -25.50
C PHE C 45 7.81 33.34 -26.48
N VAL C 46 6.66 33.90 -26.12
CA VAL C 46 5.88 34.75 -27.02
C VAL C 46 5.28 35.89 -26.25
N ASP C 47 5.12 37.03 -26.91
CA ASP C 47 4.40 38.17 -26.33
C ASP C 47 2.96 37.81 -26.05
N ALA C 48 2.33 38.53 -25.13
CA ALA C 48 0.91 38.41 -24.88
C ALA C 48 0.11 39.09 -26.01
N GLU C 49 -1.19 38.81 -26.05
CA GLU C 49 -2.09 39.52 -26.96
C GLU C 49 -1.85 41.02 -26.82
N GLY C 50 -1.80 41.71 -27.96
CA GLY C 50 -1.63 43.15 -27.99
C GLY C 50 -0.31 43.63 -27.42
N SER C 51 0.63 42.70 -27.24
CA SER C 51 1.92 42.96 -26.63
C SER C 51 1.83 43.67 -25.26
N LYS C 52 0.77 43.41 -24.53
CA LYS C 52 0.64 43.97 -23.19
C LYS C 52 1.75 43.47 -22.24
N THR C 53 2.21 44.37 -21.38
CA THR C 53 3.22 44.06 -20.37
C THR C 53 2.87 44.71 -19.02
N TYR C 54 3.62 44.32 -17.99
CA TYR C 54 3.54 44.95 -16.67
C TYR C 54 4.93 44.90 -16.06
N ASN C 55 5.16 45.70 -15.02
CA ASN C 55 6.44 45.75 -14.33
C ASN C 55 6.50 44.79 -13.15
N THR C 56 7.63 44.11 -13.01
CA THR C 56 7.91 43.37 -11.79
C THR C 56 8.91 44.19 -10.98
N ILE C 57 8.69 44.26 -9.67
CA ILE C 57 9.39 45.23 -8.81
C ILE C 57 10.37 44.56 -7.88
N ASN C 58 11.59 45.09 -7.77
CA ASN C 58 12.59 44.60 -6.84
C ASN C 58 12.28 45.08 -5.42
N PRO C 59 11.99 44.16 -4.48
CA PRO C 59 11.59 44.66 -3.16
C PRO C 59 12.74 45.21 -2.30
N THR C 60 13.98 45.05 -2.74
CA THR C 60 15.13 45.56 -1.97
C THR C 60 15.27 47.09 -2.10
N ASP C 61 14.85 47.64 -3.24
CA ASP C 61 14.97 49.06 -3.49
C ASP C 61 13.77 49.63 -4.23
N GLY C 62 12.72 48.84 -4.43
CA GLY C 62 11.53 49.35 -5.10
C GLY C 62 11.68 49.66 -6.59
N SER C 63 12.84 49.35 -7.18
CA SER C 63 13.03 49.58 -8.63
C SER C 63 12.29 48.55 -9.51
N VAL C 64 12.03 48.94 -10.75
CA VAL C 64 11.49 48.02 -11.73
C VAL C 64 12.61 47.09 -12.20
N ILE C 65 12.39 45.79 -12.14
CA ILE C 65 13.42 44.85 -12.63
C ILE C 65 13.37 44.86 -14.14
N CYS C 66 12.15 44.71 -14.69
CA CYS C 66 11.90 44.61 -16.11
C CYS C 66 10.38 44.54 -16.38
N GLN C 67 10.01 44.62 -17.65
CA GLN C 67 8.63 44.42 -18.09
C GLN C 67 8.43 42.93 -18.42
N VAL C 68 7.23 42.41 -18.18
CA VAL C 68 6.92 41.01 -18.34
C VAL C 68 5.59 40.96 -19.08
N SER C 69 5.46 40.05 -20.04
CA SER C 69 4.19 39.91 -20.77
C SER C 69 3.07 39.67 -19.80
N LEU C 70 1.91 40.24 -20.14
CA LEU C 70 0.72 40.17 -19.32
C LEU C 70 -0.33 39.37 -20.09
N ALA C 71 -0.49 38.09 -19.73
CA ALA C 71 -1.38 37.15 -20.42
C ALA C 71 -2.83 37.64 -20.49
N GLN C 72 -3.42 37.50 -21.67
CA GLN C 72 -4.85 37.76 -21.87
C GLN C 72 -5.62 36.45 -21.96
N VAL C 73 -6.94 36.54 -22.02
CA VAL C 73 -7.78 35.34 -22.15
C VAL C 73 -7.36 34.48 -23.34
N SER C 74 -7.12 35.11 -24.50
CA SER C 74 -6.79 34.34 -25.68
C SER C 74 -5.49 33.58 -25.49
N ASP C 75 -4.60 34.13 -24.65
CA ASP C 75 -3.35 33.48 -24.29
C ASP C 75 -3.59 32.27 -23.39
N VAL C 76 -4.51 32.39 -22.46
CA VAL C 76 -4.90 31.22 -21.68
C VAL C 76 -5.41 30.12 -22.62
N ASP C 77 -6.31 30.48 -23.55
CA ASP C 77 -6.88 29.49 -24.48
C ASP C 77 -5.80 28.81 -25.32
N LYS C 78 -4.79 29.57 -25.73
CA LYS C 78 -3.68 29.00 -26.49
C LYS C 78 -2.85 28.03 -25.65
N ALA C 79 -2.61 28.41 -24.39
CA ALA C 79 -1.80 27.58 -23.49
C ALA C 79 -2.52 26.26 -23.22
N VAL C 80 -3.82 26.34 -22.93
CA VAL C 80 -4.62 25.15 -22.68
C VAL C 80 -4.69 24.24 -23.94
N ALA C 81 -4.88 24.86 -25.11
CA ALA C 81 -4.84 24.13 -26.40
C ALA C 81 -3.49 23.42 -26.60
N ALA C 82 -2.39 24.09 -26.26
CA ALA C 82 -1.07 23.47 -26.36
C ALA C 82 -0.93 22.29 -25.37
N ALA C 83 -1.36 22.50 -24.13
CA ALA C 83 -1.34 21.44 -23.12
C ALA C 83 -2.20 20.24 -23.52
N LYS C 84 -3.37 20.49 -24.06
CA LYS C 84 -4.28 19.44 -24.51
C LYS C 84 -3.69 18.60 -25.65
N GLU C 85 -3.11 19.28 -26.63
CA GLU C 85 -2.47 18.62 -27.75
C GLU C 85 -1.27 17.81 -27.28
N ALA C 86 -0.47 18.40 -26.38
CA ALA C 86 0.70 17.69 -25.85
C ALA C 86 0.29 16.40 -25.11
N PHE C 87 -0.79 16.46 -24.35
CA PHE C 87 -1.29 15.29 -23.63
C PHE C 87 -1.89 14.23 -24.57
N GLU C 88 -2.76 14.66 -25.50
CA GLU C 88 -3.50 13.74 -26.37
C GLU C 88 -2.68 13.13 -27.50
N ASN C 89 -1.84 13.93 -28.17
CA ASN C 89 -1.12 13.45 -29.35
C ASN C 89 0.39 13.56 -29.29
N GLY C 90 0.91 14.35 -28.35
CA GLY C 90 2.35 14.56 -28.25
C GLY C 90 3.06 13.41 -27.56
N LEU C 91 4.39 13.48 -27.56
CA LEU C 91 5.28 12.46 -27.04
C LEU C 91 5.03 12.12 -25.57
N TRP C 92 4.69 13.14 -24.78
CA TRP C 92 4.50 12.98 -23.34
C TRP C 92 3.45 11.94 -23.00
N GLY C 93 2.43 11.85 -23.84
CA GLY C 93 1.36 10.89 -23.60
C GLY C 93 1.68 9.48 -24.08
N LYS C 94 2.82 9.30 -24.74
CA LYS C 94 3.16 8.00 -25.34
C LYS C 94 4.34 7.28 -24.71
N ILE C 95 5.30 8.03 -24.15
CA ILE C 95 6.51 7.43 -23.55
C ILE C 95 6.19 6.54 -22.33
N ASN C 96 7.05 5.57 -22.06
CA ASN C 96 6.98 4.84 -20.79
C ASN C 96 7.01 5.76 -19.55
N ALA C 97 6.30 5.34 -18.51
CA ALA C 97 6.37 5.99 -17.19
C ALA C 97 7.82 6.17 -16.79
N ARG C 98 8.61 5.12 -17.02
CA ARG C 98 10.02 5.13 -16.65
C ARG C 98 10.78 6.25 -17.38
N ASP C 99 10.42 6.49 -18.62
CA ASP C 99 11.11 7.48 -19.45
C ASP C 99 10.63 8.89 -19.11
N ARG C 100 9.38 9.00 -18.69
CA ARG C 100 8.88 10.23 -18.11
C ARG C 100 9.69 10.57 -16.87
N GLY C 101 9.93 9.57 -16.03
CA GLY C 101 10.81 9.73 -14.87
C GLY C 101 12.18 10.26 -15.21
N ARG C 102 12.82 9.69 -16.25
CA ARG C 102 14.15 10.12 -16.72
C ARG C 102 14.15 11.60 -17.07
N LEU C 103 13.11 12.07 -17.77
CA LEU C 103 13.02 13.48 -18.17
C LEU C 103 12.88 14.38 -16.96
N LEU C 104 12.09 13.97 -15.98
CA LEU C 104 11.91 14.77 -14.78
C LEU C 104 13.21 14.79 -13.95
N TYR C 105 13.92 13.65 -13.89
CA TYR C 105 15.25 13.62 -13.23
C TYR C 105 16.17 14.61 -13.93
C TYR C 105 16.26 14.51 -13.93
N ARG C 106 16.21 14.52 -15.27
CA ARG C 106 17.06 15.41 -16.08
C ARG C 106 16.69 16.89 -15.84
N LEU C 107 15.39 17.20 -15.79
CA LEU C 107 14.95 18.55 -15.42
C LEU C 107 15.54 19.01 -14.07
N ALA C 108 15.48 18.14 -13.06
CA ALA C 108 16.13 18.43 -11.78
C ALA C 108 17.63 18.74 -11.95
N ASP C 109 18.33 17.91 -12.73
CA ASP C 109 19.75 18.13 -13.02
C ASP C 109 19.99 19.50 -13.64
N VAL C 110 19.17 19.86 -14.61
CA VAL C 110 19.30 21.15 -15.25
C VAL C 110 19.10 22.27 -14.24
N MET C 111 18.07 22.15 -13.39
CA MET C 111 17.83 23.12 -12.33
C MET C 111 19.05 23.22 -11.42
N GLU C 112 19.66 22.08 -11.08
CA GLU C 112 20.86 22.11 -10.23
C GLU C 112 22.03 22.80 -10.90
N GLN C 113 22.21 22.54 -12.20
CA GLN C 113 23.24 23.25 -12.96
C GLN C 113 23.00 24.77 -12.96
N HIS C 114 21.74 25.21 -12.84
CA HIS C 114 21.40 26.64 -12.84
C HIS C 114 21.02 27.16 -11.46
N GLN C 115 21.42 26.45 -10.39
CA GLN C 115 20.87 26.78 -9.07
C GLN C 115 21.24 28.16 -8.54
N GLU C 116 22.48 28.62 -8.77
CA GLU C 116 22.91 29.94 -8.34
C GLU C 116 22.14 31.02 -9.07
N GLU C 117 21.96 30.84 -10.38
CA GLU C 117 21.19 31.79 -11.18
C GLU C 117 19.73 31.85 -10.72
N LEU C 118 19.10 30.68 -10.51
CA LEU C 118 17.72 30.63 -10.01
C LEU C 118 17.63 31.30 -8.65
N ALA C 119 18.61 31.07 -7.78
CA ALA C 119 18.52 31.64 -6.43
C ALA C 119 18.69 33.17 -6.47
N THR C 120 19.58 33.64 -7.35
CA THR C 120 19.76 35.08 -7.56
C THR C 120 18.50 35.72 -8.11
N ILE C 121 17.89 35.08 -9.10
CA ILE C 121 16.63 35.59 -9.64
C ILE C 121 15.56 35.66 -8.54
N GLU C 122 15.52 34.65 -7.67
CA GLU C 122 14.55 34.63 -6.58
C GLU C 122 14.84 35.75 -5.56
N ALA C 123 16.13 36.00 -5.29
CA ALA C 123 16.55 37.10 -4.43
C ALA C 123 16.02 38.43 -4.98
N LEU C 124 16.22 38.64 -6.28
CA LEU C 124 15.75 39.84 -6.96
C LEU C 124 14.23 40.01 -7.00
N ASP C 125 13.52 38.93 -7.32
CA ASP C 125 12.09 39.02 -7.64
C ASP C 125 11.22 38.94 -6.39
N ALA C 126 11.69 38.17 -5.41
CA ALA C 126 10.90 37.87 -4.22
C ALA C 126 11.52 38.40 -2.92
N GLY C 127 12.75 38.92 -2.98
CA GLY C 127 13.46 39.37 -1.79
C GLY C 127 13.93 38.22 -0.93
N ALA C 128 13.99 37.02 -1.52
CA ALA C 128 14.51 35.84 -0.83
C ALA C 128 16.00 36.01 -0.53
N VAL C 129 16.37 35.88 0.74
CA VAL C 129 17.78 35.90 1.15
C VAL C 129 18.56 34.83 0.35
N TYR C 130 19.65 35.26 -0.31
CA TYR C 130 20.34 34.39 -1.25
C TYR C 130 20.79 33.04 -0.65
N THR C 131 21.42 33.06 0.52
CA THR C 131 21.84 31.80 1.14
C THR C 131 20.64 30.85 1.35
N LEU C 132 19.48 31.42 1.68
CA LEU C 132 18.30 30.63 1.95
C LEU C 132 17.70 30.11 0.64
N ALA C 133 17.69 30.98 -0.36
CA ALA C 133 17.14 30.67 -1.66
C ALA C 133 17.88 29.49 -2.31
N LEU C 134 19.21 29.47 -2.17
CA LEU C 134 20.01 28.32 -2.62
C LEU C 134 19.56 27.02 -2.02
N LYS C 135 19.42 27.02 -0.69
CA LYS C 135 19.19 25.82 0.08
C LYS C 135 17.71 25.40 0.11
N THR C 136 16.79 26.36 0.08
CA THR C 136 15.38 26.07 0.26
C THR C 136 14.59 26.37 -1.03
N HIS C 137 14.42 27.65 -1.37
CA HIS C 137 13.67 28.00 -2.59
C HIS C 137 14.07 27.16 -3.78
N VAL C 138 15.37 27.06 -4.04
CA VAL C 138 15.88 26.36 -5.20
C VAL C 138 16.21 24.90 -4.82
N GLY C 139 16.96 24.71 -3.73
CA GLY C 139 17.37 23.36 -3.31
C GLY C 139 16.23 22.37 -3.13
N MET C 140 15.16 22.79 -2.45
CA MET C 140 14.03 21.90 -2.25
C MET C 140 13.25 21.67 -3.55
N SER C 141 13.25 22.67 -4.44
CA SER C 141 12.59 22.54 -5.74
C SER C 141 13.25 21.40 -6.52
N ILE C 142 14.59 21.37 -6.48
CA ILE C 142 15.38 20.29 -7.10
C ILE C 142 15.05 18.94 -6.46
N GLN C 143 15.05 18.87 -5.13
CA GLN C 143 14.65 17.66 -4.43
C GLN C 143 13.26 17.19 -4.86
N THR C 144 12.34 18.14 -5.06
CA THR C 144 10.95 17.81 -5.40
C THR C 144 10.87 17.06 -6.73
N PHE C 145 11.58 17.57 -7.74
CA PHE C 145 11.60 16.94 -9.05
C PHE C 145 12.26 15.55 -9.02
N ARG C 146 13.38 15.43 -8.32
CA ARG C 146 14.05 14.13 -8.18
C ARG C 146 13.16 13.13 -7.47
N TYR C 147 12.50 13.59 -6.42
CA TYR C 147 11.63 12.73 -5.64
C TYR C 147 10.50 12.19 -6.52
N PHE C 148 9.76 13.12 -7.17
CA PHE C 148 8.60 12.70 -7.97
C PHE C 148 9.00 11.94 -9.23
N ALA C 149 10.16 12.25 -9.80
CA ALA C 149 10.74 11.46 -10.89
C ALA C 149 10.77 9.98 -10.53
N GLY C 150 11.17 9.67 -9.29
CA GLY C 150 11.24 8.29 -8.79
C GLY C 150 9.90 7.59 -8.68
N TRP C 151 8.81 8.36 -8.54
CA TRP C 151 7.46 7.81 -8.46
C TRP C 151 6.87 7.31 -9.78
N CYS C 152 7.29 7.88 -10.91
CA CYS C 152 6.63 7.59 -12.18
C CYS C 152 6.41 6.11 -12.43
N ASP C 153 7.46 5.28 -12.32
CA ASP C 153 7.29 3.86 -12.60
C ASP C 153 6.89 3.02 -11.37
N LYS C 154 6.46 3.69 -10.31
CA LYS C 154 6.05 3.01 -9.08
C LYS C 154 4.61 3.36 -8.69
N ILE C 155 3.93 4.11 -9.54
CA ILE C 155 2.50 4.35 -9.42
C ILE C 155 1.78 3.08 -9.89
N GLN C 156 1.06 2.44 -8.99
CA GLN C 156 0.48 1.12 -9.25
C GLN C 156 -1.00 1.06 -8.93
N GLY C 157 -1.75 0.32 -9.74
CA GLY C 157 -3.14 0.02 -9.43
C GLY C 157 -3.23 -1.30 -8.67
N ALA C 158 -4.42 -1.89 -8.64
CA ALA C 158 -4.69 -3.07 -7.83
C ALA C 158 -5.27 -4.22 -8.65
N THR C 159 -5.22 -5.42 -8.09
CA THR C 159 -6.13 -6.47 -8.54
C THR C 159 -6.91 -6.89 -7.31
N ILE C 160 -8.22 -7.07 -7.50
CA ILE C 160 -9.20 -7.10 -6.40
C ILE C 160 -9.99 -8.42 -6.44
N PRO C 161 -10.11 -9.12 -5.27
CA PRO C 161 -10.82 -10.41 -5.22
C PRO C 161 -12.34 -10.24 -5.08
N ILE C 162 -12.99 -9.78 -6.13
CA ILE C 162 -14.43 -9.61 -6.13
C ILE C 162 -15.15 -10.95 -6.15
N ASN C 163 -16.43 -10.94 -5.78
CA ASN C 163 -17.30 -12.10 -5.91
C ASN C 163 -17.43 -12.57 -7.36
N GLN C 164 -17.40 -13.89 -7.56
CA GLN C 164 -17.41 -14.50 -8.88
C GLN C 164 -18.83 -14.76 -9.34
N ALA C 165 -19.13 -14.33 -10.56
CA ALA C 165 -20.42 -14.61 -11.20
C ALA C 165 -20.47 -16.08 -11.66
N ARG C 166 -20.45 -17.01 -10.69
CA ARG C 166 -20.43 -18.45 -10.97
C ARG C 166 -21.60 -18.84 -11.88
N PRO C 167 -21.43 -19.82 -12.78
CA PRO C 167 -20.26 -20.69 -13.03
C PRO C 167 -19.10 -20.00 -13.77
N ASN C 168 -19.23 -18.71 -14.05
CA ASN C 168 -18.16 -17.98 -14.69
C ASN C 168 -17.16 -17.36 -13.70
N ARG C 169 -16.14 -16.69 -14.23
CA ARG C 169 -15.10 -16.08 -13.41
C ARG C 169 -14.99 -14.58 -13.70
N ASN C 170 -14.43 -13.85 -12.74
CA ASN C 170 -14.24 -12.42 -12.91
C ASN C 170 -12.82 -12.03 -12.53
N LEU C 171 -12.25 -11.09 -13.28
CA LEU C 171 -11.01 -10.43 -12.92
C LEU C 171 -11.32 -8.96 -12.81
N THR C 172 -10.97 -8.35 -11.67
CA THR C 172 -11.12 -6.93 -11.50
C THR C 172 -9.76 -6.32 -11.21
N LEU C 173 -9.39 -5.32 -12.00
CA LEU C 173 -8.16 -4.61 -11.76
C LEU C 173 -8.46 -3.11 -11.78
N THR C 174 -7.55 -2.33 -11.24
CA THR C 174 -7.61 -0.89 -11.41
C THR C 174 -6.40 -0.42 -12.17
N LYS C 175 -6.60 0.62 -12.96
CA LYS C 175 -5.52 1.29 -13.68
C LYS C 175 -5.45 2.72 -13.15
C LYS C 175 -5.43 2.75 -13.21
N LYS C 176 -4.24 3.18 -12.83
CA LYS C 176 -4.03 4.58 -12.43
C LYS C 176 -3.74 5.35 -13.71
N GLU C 177 -4.52 6.39 -14.00
CA GLU C 177 -4.31 7.14 -15.23
C GLU C 177 -4.11 8.61 -14.91
N PRO C 178 -3.45 9.38 -15.81
CA PRO C 178 -3.40 10.82 -15.63
C PRO C 178 -4.81 11.44 -15.70
N VAL C 179 -4.98 12.61 -15.08
CA VAL C 179 -6.24 13.34 -15.20
C VAL C 179 -6.33 14.09 -16.53
N GLY C 180 -5.19 14.52 -17.06
CA GLY C 180 -5.14 15.27 -18.32
C GLY C 180 -4.62 16.68 -18.10
N VAL C 181 -5.28 17.65 -18.72
CA VAL C 181 -4.81 19.03 -18.66
C VAL C 181 -5.08 19.62 -17.28
N CYS C 182 -4.02 20.13 -16.63
CA CYS C 182 -4.16 20.75 -15.33
C CYS C 182 -3.81 22.23 -15.35
N GLY C 183 -4.44 22.98 -14.45
CA GLY C 183 -4.07 24.34 -14.19
C GLY C 183 -3.47 24.43 -12.81
N ILE C 184 -2.38 25.16 -12.67
CA ILE C 184 -1.75 25.38 -11.37
C ILE C 184 -1.64 26.89 -11.09
N VAL C 185 -2.20 27.31 -9.95
CA VAL C 185 -2.23 28.71 -9.58
C VAL C 185 -1.54 28.84 -8.23
N ILE C 186 -0.51 29.67 -8.17
CA ILE C 186 0.35 29.71 -7.00
C ILE C 186 0.59 31.13 -6.48
N PRO C 187 1.15 31.21 -5.24
CA PRO C 187 1.35 32.54 -4.67
C PRO C 187 2.81 32.97 -4.80
N TRP C 188 3.16 34.01 -4.07
CA TRP C 188 4.41 34.72 -4.32
C TRP C 188 5.48 34.49 -3.26
N ASN C 189 5.16 33.76 -2.20
CA ASN C 189 6.11 33.71 -1.08
C ASN C 189 7.36 32.86 -1.35
N TYR C 190 7.19 31.70 -2.00
CA TYR C 190 8.32 30.91 -2.54
C TYR C 190 7.96 30.58 -3.99
N PRO C 191 8.19 31.52 -4.91
CA PRO C 191 7.70 31.40 -6.29
C PRO C 191 8.09 30.09 -7.02
N LEU C 192 9.39 29.81 -7.10
CA LEU C 192 9.86 28.57 -7.71
C LEU C 192 9.44 27.31 -6.95
N MET C 193 9.46 27.40 -5.62
CA MET C 193 9.24 26.21 -4.81
C MET C 193 7.77 25.79 -4.84
N MET C 194 6.86 26.76 -4.74
CA MET C 194 5.44 26.42 -4.85
C MET C 194 5.16 25.88 -6.23
N LEU C 195 5.80 26.45 -7.24
CA LEU C 195 5.62 25.94 -8.61
C LEU C 195 6.08 24.48 -8.67
N SER C 196 7.24 24.24 -8.06
CA SER C 196 7.91 22.95 -8.11
C SER C 196 7.15 21.85 -7.38
N TRP C 197 6.70 22.16 -6.16
CA TRP C 197 5.88 21.23 -5.40
C TRP C 197 4.74 20.68 -6.26
N LYS C 198 3.94 21.56 -6.82
CA LYS C 198 2.73 21.11 -7.50
C LYS C 198 3.03 20.53 -8.90
N THR C 199 3.98 21.14 -9.61
CA THR C 199 4.29 20.78 -10.99
C THR C 199 4.99 19.44 -11.05
N ALA C 200 5.90 19.20 -10.11
CA ALA C 200 6.59 17.91 -10.10
C ALA C 200 5.60 16.78 -9.94
N ALA C 201 4.65 16.89 -9.01
CA ALA C 201 3.65 15.82 -8.81
C ALA C 201 2.75 15.71 -10.04
N CYS C 202 2.36 16.86 -10.58
CA CYS C 202 1.50 16.94 -11.73
C CYS C 202 2.10 16.22 -12.93
N LEU C 203 3.36 16.51 -13.25
CA LEU C 203 4.04 15.93 -14.41
C LEU C 203 4.41 14.46 -14.16
N ALA C 204 4.81 14.12 -12.94
CA ALA C 204 5.14 12.73 -12.61
C ALA C 204 3.97 11.80 -12.85
N ALA C 205 2.76 12.31 -12.63
CA ALA C 205 1.56 11.53 -12.84
C ALA C 205 1.14 11.52 -14.33
N GLY C 206 1.91 12.19 -15.19
CA GLY C 206 1.66 12.05 -16.63
C GLY C 206 0.79 13.13 -17.25
N ASN C 207 0.45 14.15 -16.48
CA ASN C 207 -0.40 15.23 -16.95
C ASN C 207 0.39 16.29 -17.70
N THR C 208 -0.33 17.23 -18.31
CA THR C 208 0.32 18.42 -18.84
C THR C 208 -0.28 19.61 -18.10
N VAL C 209 0.36 20.78 -18.19
CA VAL C 209 -0.02 21.84 -17.28
C VAL C 209 0.08 23.25 -17.83
N VAL C 210 -0.83 24.10 -17.37
CA VAL C 210 -0.71 25.55 -17.53
C VAL C 210 -0.56 26.14 -16.12
N ILE C 211 0.53 26.88 -15.93
CA ILE C 211 0.88 27.39 -14.62
C ILE C 211 0.68 28.91 -14.62
N LYS C 212 -0.02 29.39 -13.61
CA LYS C 212 -0.14 30.83 -13.37
C LYS C 212 0.66 31.21 -12.13
N PRO C 213 1.86 31.80 -12.32
CA PRO C 213 2.59 32.30 -11.15
C PRO C 213 1.88 33.53 -10.60
N ALA C 214 2.17 33.89 -9.35
CA ALA C 214 1.64 35.14 -8.80
C ALA C 214 2.09 36.25 -9.71
N GLN C 215 1.19 37.16 -10.04
CA GLN C 215 1.60 38.25 -10.91
C GLN C 215 2.87 38.99 -10.40
N VAL C 216 2.98 39.21 -9.10
CA VAL C 216 4.15 39.97 -8.59
C VAL C 216 5.51 39.24 -8.70
N THR C 217 5.47 37.92 -8.93
CA THR C 217 6.70 37.10 -8.96
C THR C 217 6.75 36.11 -10.13
N PRO C 218 6.95 36.61 -11.37
CA PRO C 218 6.91 35.73 -12.54
C PRO C 218 8.27 35.13 -12.94
N LEU C 219 9.37 35.69 -12.44
CA LEU C 219 10.67 35.49 -13.07
C LEU C 219 11.29 34.10 -12.96
N THR C 220 11.35 33.51 -11.76
CA THR C 220 11.86 32.14 -11.69
C THR C 220 10.97 31.16 -12.45
N ALA C 221 9.66 31.42 -12.50
CA ALA C 221 8.77 30.56 -13.27
C ALA C 221 9.18 30.58 -14.74
N LEU C 222 9.52 31.77 -15.23
CA LEU C 222 9.85 31.90 -16.66
C LEU C 222 11.22 31.31 -16.95
N LYS C 223 12.15 31.47 -16.01
CA LYS C 223 13.47 30.84 -16.14
C LYS C 223 13.31 29.31 -16.12
N PHE C 224 12.46 28.83 -15.21
CA PHE C 224 12.12 27.40 -15.14
C PHE C 224 11.58 26.87 -16.48
N ALA C 225 10.65 27.61 -17.09
CA ALA C 225 10.13 27.27 -18.42
C ALA C 225 11.27 27.00 -19.43
N GLU C 226 12.26 27.88 -19.45
CA GLU C 226 13.41 27.71 -20.35
C GLU C 226 14.17 26.44 -19.99
N LEU C 227 14.32 26.18 -18.71
CA LEU C 227 14.99 24.97 -18.29
C LEU C 227 14.25 23.70 -18.75
N THR C 228 12.92 23.75 -18.88
CA THR C 228 12.19 22.56 -19.39
C THR C 228 12.60 22.29 -20.85
N LEU C 229 12.89 23.35 -21.61
CA LEU C 229 13.45 23.21 -22.97
C LEU C 229 14.83 22.54 -22.94
N LYS C 230 15.73 23.03 -22.09
CA LYS C 230 17.06 22.46 -21.99
C LYS C 230 16.96 21.00 -21.57
N ALA C 231 15.91 20.65 -20.82
CA ALA C 231 15.81 19.29 -20.30
C ALA C 231 15.14 18.33 -21.30
N GLY C 232 14.62 18.88 -22.39
CA GLY C 232 13.92 18.06 -23.37
C GLY C 232 12.50 17.66 -22.98
N ILE C 233 11.87 18.42 -22.07
CA ILE C 233 10.44 18.25 -21.86
C ILE C 233 9.71 18.64 -23.15
N PRO C 234 8.90 17.73 -23.72
CA PRO C 234 8.19 17.99 -24.99
C PRO C 234 7.38 19.29 -24.97
N LYS C 235 7.32 19.97 -26.10
N LYS C 235 7.29 19.94 -26.12
CA LYS C 235 6.65 21.28 -26.17
CA LYS C 235 6.56 21.20 -26.27
C LYS C 235 5.16 21.15 -25.90
C LYS C 235 5.13 21.06 -25.80
N GLY C 236 4.64 22.07 -25.07
CA GLY C 236 3.25 22.08 -24.63
C GLY C 236 2.95 21.34 -23.32
N VAL C 237 3.89 20.53 -22.85
CA VAL C 237 3.71 19.88 -21.55
C VAL C 237 3.64 20.91 -20.40
N VAL C 238 4.49 21.94 -20.49
CA VAL C 238 4.54 23.02 -19.49
C VAL C 238 4.27 24.35 -20.17
N ASN C 239 3.26 25.05 -19.68
CA ASN C 239 2.97 26.39 -20.16
C ASN C 239 2.84 27.33 -18.98
N ILE C 240 3.39 28.53 -19.11
CA ILE C 240 3.45 29.46 -18.00
C ILE C 240 2.94 30.84 -18.43
N LEU C 241 1.93 31.32 -17.70
CA LEU C 241 1.27 32.58 -18.04
C LEU C 241 1.28 33.60 -16.90
N PRO C 242 2.31 34.46 -16.85
CA PRO C 242 2.27 35.58 -15.91
C PRO C 242 1.07 36.44 -16.24
N GLY C 243 0.39 36.93 -15.21
CA GLY C 243 -0.84 37.69 -15.39
C GLY C 243 -1.65 37.62 -14.11
N SER C 244 -2.84 38.19 -14.16
CA SER C 244 -3.61 38.33 -12.96
C SER C 244 -4.46 37.11 -12.64
N GLY C 245 -4.64 36.86 -11.35
CA GLY C 245 -5.57 35.84 -10.91
C GLY C 245 -6.93 36.05 -11.49
N SER C 246 -7.45 37.27 -11.39
CA SER C 246 -8.85 37.51 -11.78
C SER C 246 -9.07 37.39 -13.29
N LEU C 247 -8.01 37.52 -14.07
CA LEU C 247 -8.14 37.30 -15.51
C LEU C 247 -7.65 35.89 -15.91
N VAL C 248 -6.36 35.63 -15.75
CA VAL C 248 -5.75 34.37 -16.17
C VAL C 248 -6.18 33.19 -15.31
N GLY C 249 -6.08 33.36 -13.99
CA GLY C 249 -6.47 32.32 -13.06
C GLY C 249 -7.92 31.93 -13.21
N GLN C 250 -8.78 32.95 -13.39
CA GLN C 250 -10.22 32.75 -13.59
C GLN C 250 -10.49 31.89 -14.82
N ARG C 251 -9.88 32.25 -15.95
CA ARG C 251 -10.10 31.52 -17.19
C ARG C 251 -9.66 30.06 -17.10
N LEU C 252 -8.56 29.80 -16.38
CA LEU C 252 -8.11 28.43 -16.11
C LEU C 252 -9.15 27.65 -15.33
N SER C 253 -9.74 28.27 -14.31
CA SER C 253 -10.76 27.60 -13.50
C SER C 253 -12.05 27.37 -14.29
N ASP C 254 -12.31 28.25 -15.27
CA ASP C 254 -13.55 28.16 -16.08
C ASP C 254 -13.41 27.25 -17.29
N HIS C 255 -12.16 26.98 -17.69
CA HIS C 255 -11.91 26.39 -19.00
C HIS C 255 -12.46 24.97 -19.15
N PRO C 256 -13.21 24.73 -20.24
CA PRO C 256 -13.87 23.45 -20.44
C PRO C 256 -12.90 22.29 -20.68
N ASP C 257 -11.66 22.57 -21.07
CA ASP C 257 -10.67 21.51 -21.34
C ASP C 257 -9.68 21.31 -20.20
N VAL C 258 -9.75 22.16 -19.17
CA VAL C 258 -8.96 21.94 -17.96
C VAL C 258 -9.75 20.97 -17.06
N ARG C 259 -9.10 19.93 -16.57
CA ARG C 259 -9.77 18.88 -15.80
C ARG C 259 -9.43 18.86 -14.31
N LYS C 260 -8.47 19.68 -13.89
CA LYS C 260 -8.02 19.72 -12.50
C LYS C 260 -7.30 21.04 -12.24
N ILE C 261 -7.66 21.68 -11.14
CA ILE C 261 -6.94 22.87 -10.65
C ILE C 261 -6.20 22.53 -9.36
N GLY C 262 -4.91 22.86 -9.32
CA GLY C 262 -4.12 22.78 -8.11
C GLY C 262 -3.90 24.20 -7.65
N PHE C 263 -4.43 24.53 -6.47
CA PHE C 263 -4.36 25.88 -5.98
C PHE C 263 -3.69 26.01 -4.60
N THR C 264 -2.88 27.06 -4.48
CA THR C 264 -2.25 27.46 -3.23
C THR C 264 -2.42 28.98 -3.12
N GLY C 265 -3.00 29.44 -2.02
CA GLY C 265 -3.18 30.88 -1.80
C GLY C 265 -4.09 31.16 -0.61
N SER C 266 -4.77 32.29 -0.64
CA SER C 266 -5.66 32.68 0.45
C SER C 266 -6.93 31.83 0.43
N THR C 267 -7.55 31.70 1.60
CA THR C 267 -8.84 31.03 1.78
C THR C 267 -9.93 31.65 0.91
N GLU C 268 -10.03 32.98 0.88
CA GLU C 268 -11.13 33.61 0.11
C GLU C 268 -11.05 33.33 -1.40
N VAL C 269 -9.83 33.36 -1.95
CA VAL C 269 -9.64 33.06 -3.37
C VAL C 269 -9.87 31.56 -3.63
N GLY C 270 -9.44 30.75 -2.66
CA GLY C 270 -9.66 29.32 -2.66
C GLY C 270 -11.14 28.97 -2.80
N LYS C 271 -11.99 29.69 -2.05
CA LYS C 271 -13.43 29.45 -2.10
C LYS C 271 -13.93 29.75 -3.51
N HIS C 272 -13.50 30.90 -4.03
CA HIS C 272 -13.89 31.32 -5.37
C HIS C 272 -13.42 30.36 -6.46
N ILE C 273 -12.16 29.91 -6.36
CA ILE C 273 -11.59 28.91 -7.27
C ILE C 273 -12.45 27.64 -7.27
N MET C 274 -12.78 27.13 -6.09
CA MET C 274 -13.58 25.91 -5.97
C MET C 274 -14.95 26.12 -6.60
N LYS C 275 -15.53 27.29 -6.33
CA LYS C 275 -16.82 27.64 -6.91
C LYS C 275 -16.72 27.64 -8.45
N SER C 276 -15.66 28.25 -8.97
CA SER C 276 -15.44 28.31 -10.40
C SER C 276 -15.28 26.91 -11.05
N CYS C 277 -14.57 26.01 -10.38
CA CYS C 277 -14.44 24.61 -10.84
C CYS C 277 -15.80 23.92 -10.89
N ALA C 278 -16.60 24.12 -9.84
CA ALA C 278 -17.96 23.60 -9.79
C ALA C 278 -18.82 24.04 -10.98
N LEU C 279 -18.87 25.36 -11.22
CA LEU C 279 -19.80 25.93 -12.20
C LEU C 279 -19.42 25.67 -13.66
N SER C 280 -18.14 25.39 -13.92
CA SER C 280 -17.72 25.08 -15.28
C SER C 280 -18.01 23.61 -15.62
N ASN C 281 -17.08 22.71 -15.29
CA ASN C 281 -17.19 21.30 -15.68
C ASN C 281 -16.87 20.32 -14.54
N VAL C 282 -17.20 20.69 -13.30
CA VAL C 282 -16.78 19.95 -12.07
C VAL C 282 -15.35 19.39 -12.12
N LYS C 283 -14.42 20.21 -12.60
CA LYS C 283 -13.02 19.80 -12.59
C LYS C 283 -12.54 19.57 -11.14
N LYS C 284 -11.64 18.61 -10.97
CA LYS C 284 -11.06 18.38 -9.65
C LYS C 284 -10.32 19.62 -9.17
N VAL C 285 -10.29 19.77 -7.84
CA VAL C 285 -9.60 20.89 -7.23
C VAL C 285 -8.87 20.43 -5.94
N SER C 286 -7.68 20.97 -5.70
CA SER C 286 -7.00 20.83 -4.42
C SER C 286 -6.72 22.23 -3.94
N LEU C 287 -6.78 22.42 -2.62
CA LEU C 287 -6.73 23.74 -2.00
C LEU C 287 -5.75 23.74 -0.83
N GLU C 288 -4.72 24.56 -0.94
CA GLU C 288 -3.75 24.78 0.12
C GLU C 288 -3.95 26.25 0.53
N LEU C 289 -4.60 26.46 1.67
CA LEU C 289 -5.09 27.80 1.95
C LEU C 289 -4.34 28.43 3.12
N GLY C 290 -4.96 29.37 3.83
CA GLY C 290 -4.24 30.04 4.89
C GLY C 290 -3.86 29.16 6.09
N GLY C 291 -3.04 29.72 6.98
CA GLY C 291 -2.84 29.14 8.32
C GLY C 291 -2.93 30.16 9.47
N LYS C 292 -3.32 29.71 10.65
CA LYS C 292 -3.06 30.45 11.87
C LYS C 292 -2.55 29.41 12.86
N SER C 293 -1.33 28.95 12.61
CA SER C 293 -0.80 27.75 13.23
C SER C 293 -0.29 27.97 14.66
N PRO C 294 -0.74 27.13 15.60
CA PRO C 294 -0.33 27.32 16.99
C PRO C 294 0.93 26.55 17.36
N LEU C 295 1.84 27.21 18.07
CA LEU C 295 3.01 26.55 18.63
C LEU C 295 2.88 26.60 20.15
N ILE C 296 2.78 25.43 20.77
CA ILE C 296 2.65 25.31 22.20
C ILE C 296 3.99 24.91 22.80
N ILE C 297 4.51 25.78 23.68
CA ILE C 297 5.83 25.61 24.30
C ILE C 297 5.69 25.36 25.82
N PHE C 298 5.98 24.14 26.24
CA PHE C 298 5.89 23.77 27.65
C PHE C 298 7.16 24.11 28.45
N ALA C 299 6.99 24.29 29.77
CA ALA C 299 8.09 24.64 30.67
C ALA C 299 9.15 23.57 30.75
N ASP C 300 8.78 22.31 30.51
CA ASP C 300 9.78 21.23 30.47
C ASP C 300 10.54 21.07 29.14
N CYS C 301 10.44 22.02 28.22
CA CYS C 301 11.25 21.99 27.00
C CYS C 301 12.68 22.49 27.24
N ASP C 302 13.53 22.30 26.23
CA ASP C 302 14.88 22.88 26.20
C ASP C 302 14.67 24.33 25.76
N LEU C 303 14.80 25.26 26.72
CA LEU C 303 14.42 26.66 26.53
C LEU C 303 15.20 27.37 25.43
N ASN C 304 16.53 27.24 25.44
CA ASN C 304 17.35 27.90 24.43
C ASN C 304 17.07 27.39 23.01
N LYS C 305 16.85 26.09 22.89
CA LYS C 305 16.38 25.50 21.64
C LYS C 305 15.00 26.02 21.25
N ALA C 306 14.10 26.12 22.23
CA ALA C 306 12.75 26.62 22.02
C ALA C 306 12.78 28.02 21.47
N VAL C 307 13.72 28.83 21.98
CA VAL C 307 13.86 30.21 21.50
C VAL C 307 14.34 30.21 20.04
N GLN C 308 15.33 29.37 19.72
CA GLN C 308 15.87 29.32 18.35
C GLN C 308 14.80 28.83 17.37
N MET C 309 14.14 27.74 17.72
CA MET C 309 13.10 27.20 16.86
C MET C 309 11.82 28.03 16.84
N GLY C 310 11.52 28.66 17.99
CA GLY C 310 10.37 29.55 18.12
C GLY C 310 10.55 30.71 17.18
N MET C 311 11.74 31.29 17.20
CA MET C 311 12.04 32.39 16.31
C MET C 311 11.96 32.05 14.85
N SER C 312 12.50 30.90 14.52
CA SER C 312 12.47 30.41 13.19
C SER C 312 11.04 30.13 12.73
N SER C 313 10.22 29.58 13.63
CA SER C 313 8.84 29.28 13.31
C SER C 313 8.06 30.51 12.84
N VAL C 314 8.52 31.71 13.23
CA VAL C 314 7.87 32.96 12.84
C VAL C 314 8.65 33.67 11.72
N PHE C 315 9.95 33.82 11.91
CA PHE C 315 10.73 34.73 11.06
C PHE C 315 11.27 34.10 9.76
N PHE C 316 11.18 32.77 9.64
CA PHE C 316 11.71 32.09 8.46
C PHE C 316 11.12 32.72 7.22
N ASN C 317 11.96 32.97 6.22
CA ASN C 317 11.55 33.58 4.95
C ASN C 317 10.73 34.84 5.17
N LYS C 318 11.21 35.70 6.07
CA LYS C 318 10.52 36.93 6.51
C LYS C 318 9.03 36.78 6.87
N GLY C 319 8.69 35.62 7.44
CA GLY C 319 7.31 35.33 7.83
C GLY C 319 6.38 34.98 6.68
N GLU C 320 6.88 35.04 5.46
CA GLU C 320 6.04 34.76 4.29
C GLU C 320 6.01 33.25 4.06
N ASN C 321 5.18 32.58 4.86
CA ASN C 321 5.27 31.16 5.07
C ASN C 321 3.91 30.71 5.64
N ALA C 322 3.19 29.93 4.87
CA ALA C 322 1.83 29.56 5.23
C ALA C 322 1.74 28.76 6.53
N ILE C 323 2.79 28.03 6.84
CA ILE C 323 2.81 27.25 8.09
C ILE C 323 3.51 27.97 9.25
N ALA C 324 3.90 29.22 9.07
CA ALA C 324 4.48 30.02 10.16
C ALA C 324 3.60 29.91 11.41
N ALA C 325 4.22 29.80 12.58
CA ALA C 325 3.48 29.80 13.83
C ALA C 325 2.82 31.17 13.99
N GLY C 326 1.49 31.21 13.93
CA GLY C 326 0.73 32.45 14.03
C GLY C 326 0.32 32.78 15.47
N ARG C 327 0.49 31.82 16.39
CA ARG C 327 0.42 32.11 17.83
C ARG C 327 1.43 31.22 18.52
N LEU C 328 2.15 31.80 19.48
CA LEU C 328 2.95 30.97 20.40
C LEU C 328 2.28 30.98 21.76
N PHE C 329 1.96 29.80 22.26
CA PHE C 329 1.42 29.65 23.60
C PHE C 329 2.56 29.18 24.49
N VAL C 330 2.96 30.01 25.44
CA VAL C 330 4.13 29.71 26.27
C VAL C 330 3.71 29.51 27.73
N GLU C 331 4.11 28.39 28.32
CA GLU C 331 3.70 28.05 29.67
C GLU C 331 4.15 29.16 30.65
N GLU C 332 3.24 29.57 31.53
CA GLU C 332 3.43 30.70 32.45
C GLU C 332 4.83 30.82 33.08
N SER C 333 5.32 29.74 33.70
CA SER C 333 6.59 29.82 34.41
C SER C 333 7.84 30.09 33.56
N ILE C 334 7.76 29.92 32.23
CA ILE C 334 8.91 30.24 31.38
C ILE C 334 8.66 31.43 30.49
N HIS C 335 7.45 31.98 30.52
CA HIS C 335 7.07 33.04 29.60
C HIS C 335 8.05 34.20 29.52
N ASN C 336 8.35 34.81 30.66
CA ASN C 336 9.11 36.05 30.64
C ASN C 336 10.56 35.81 30.24
N GLN C 337 11.14 34.71 30.70
CA GLN C 337 12.49 34.33 30.29
C GLN C 337 12.54 34.04 28.78
N PHE C 338 11.53 33.31 28.29
CA PHE C 338 11.38 33.09 26.85
C PHE C 338 11.36 34.42 26.07
N VAL C 339 10.51 35.36 26.49
CA VAL C 339 10.44 36.66 25.81
C VAL C 339 11.77 37.43 25.90
N GLN C 340 12.42 37.41 27.07
CA GLN C 340 13.73 38.05 27.23
C GLN C 340 14.69 37.53 26.16
N LYS C 341 14.85 36.21 26.12
CA LYS C 341 15.77 35.58 25.19
C LYS C 341 15.41 35.89 23.73
N VAL C 342 14.12 35.91 23.42
CA VAL C 342 13.69 36.23 22.06
C VAL C 342 14.14 37.64 21.68
N VAL C 343 13.91 38.59 22.57
CA VAL C 343 14.30 39.98 22.30
C VAL C 343 15.81 40.12 22.10
N GLU C 344 16.59 39.44 22.94
CA GLU C 344 18.04 39.36 22.79
C GLU C 344 18.41 38.84 21.40
N GLU C 345 17.78 37.72 20.99
CA GLU C 345 18.05 37.12 19.67
C GLU C 345 17.59 37.95 18.49
N VAL C 346 16.43 38.61 18.63
CA VAL C 346 15.90 39.47 17.58
C VAL C 346 16.85 40.65 17.31
N GLU C 347 17.45 41.19 18.37
CA GLU C 347 18.38 42.31 18.25
C GLU C 347 19.63 41.89 17.47
N LYS C 348 19.98 40.61 17.51
CA LYS C 348 21.13 40.12 16.76
C LYS C 348 20.87 39.88 15.26
N MET C 349 19.61 39.96 14.84
CA MET C 349 19.26 39.68 13.44
C MET C 349 19.76 40.77 12.51
N LYS C 350 20.48 40.38 11.47
CA LYS C 350 20.96 41.31 10.47
C LYS C 350 19.89 41.50 9.38
N ILE C 351 19.39 42.73 9.25
CA ILE C 351 18.40 43.08 8.26
C ILE C 351 19.11 43.75 7.10
N GLY C 352 18.81 43.32 5.88
CA GLY C 352 19.41 43.95 4.71
C GLY C 352 19.23 43.26 3.38
N ASN C 353 19.98 43.75 2.41
CA ASN C 353 20.00 43.23 1.05
C ASN C 353 20.11 41.70 1.04
N PRO C 354 19.22 41.02 0.31
CA PRO C 354 19.24 39.55 0.30
C PRO C 354 20.54 38.96 -0.27
N LEU C 355 21.31 39.76 -1.02
CA LEU C 355 22.59 39.30 -1.54
C LEU C 355 23.77 39.38 -0.55
N GLU C 356 23.64 40.17 0.52
CA GLU C 356 24.70 40.20 1.53
C GLU C 356 24.69 38.88 2.25
N ARG C 357 25.83 38.21 2.31
CA ARG C 357 25.88 36.86 2.84
C ARG C 357 25.62 36.77 4.34
N ASP C 358 25.68 37.88 5.07
CA ASP C 358 25.34 37.85 6.49
C ASP C 358 23.89 38.29 6.79
N THR C 359 23.11 38.61 5.76
CA THR C 359 21.70 38.94 5.97
C THR C 359 20.94 37.75 6.57
N ASN C 360 20.20 38.03 7.65
CA ASN C 360 19.27 37.06 8.28
C ASN C 360 17.84 37.32 7.84
N HIS C 361 17.55 38.58 7.56
CA HIS C 361 16.19 39.01 7.37
C HIS C 361 16.12 39.92 6.14
N GLY C 362 15.45 39.44 5.08
CA GLY C 362 15.31 40.21 3.85
C GLY C 362 14.08 41.09 3.83
N PRO C 363 13.82 41.76 2.69
CA PRO C 363 12.62 42.59 2.63
C PRO C 363 11.37 41.75 2.38
N GLN C 364 10.21 42.30 2.72
CA GLN C 364 8.94 41.68 2.43
C GLN C 364 8.76 41.68 0.90
N ASN C 365 7.88 40.80 0.42
CA ASN C 365 7.86 40.44 -0.98
C ASN C 365 7.50 41.60 -1.90
N HIS C 366 6.50 42.38 -1.52
CA HIS C 366 6.10 43.54 -2.31
C HIS C 366 5.41 44.62 -1.43
N GLU C 367 5.21 45.80 -2.01
CA GLU C 367 4.79 46.97 -1.26
C GLU C 367 3.44 46.80 -0.56
N ALA C 368 2.40 46.40 -1.30
CA ALA C 368 1.08 46.20 -0.69
C ALA C 368 1.12 45.29 0.56
N HIS C 369 2.02 44.31 0.57
CA HIS C 369 2.08 43.40 1.70
C HIS C 369 2.71 44.08 2.90
N LEU C 370 3.74 44.89 2.64
CA LEU C 370 4.36 45.70 3.69
C LEU C 370 3.32 46.60 4.36
N ARG C 371 2.46 47.23 3.55
CA ARG C 371 1.44 48.11 4.11
C ARG C 371 0.44 47.34 4.97
N LYS C 372 0.03 46.16 4.48
CA LYS C 372 -0.82 45.27 5.27
C LYS C 372 -0.15 44.97 6.62
N LEU C 373 1.17 44.78 6.63
CA LEU C 373 1.83 44.41 7.87
C LEU C 373 1.88 45.59 8.85
N VAL C 374 2.02 46.81 8.33
CA VAL C 374 2.00 48.01 9.16
C VAL C 374 0.63 48.14 9.83
N GLU C 375 -0.44 47.99 9.04
CA GLU C 375 -1.82 48.04 9.54
C GLU C 375 -2.10 46.91 10.52
N TYR C 376 -1.56 45.73 10.24
CA TYR C 376 -1.82 44.60 11.12
C TYR C 376 -1.29 44.94 12.52
N CYS C 377 -0.11 45.54 12.57
CA CYS C 377 0.51 45.83 13.85
C CYS C 377 -0.13 47.03 14.60
N GLN C 378 -0.59 48.04 13.85
CA GLN C 378 -1.32 49.15 14.44
C GLN C 378 -2.55 48.58 15.12
N ARG C 379 -3.20 47.62 14.46
CA ARG C 379 -4.41 47.01 14.99
C ARG C 379 -4.16 46.17 16.26
N GLY C 380 -3.07 45.42 16.29
CA GLY C 380 -2.71 44.67 17.50
C GLY C 380 -2.47 45.55 18.71
N VAL C 381 -1.84 46.72 18.49
CA VAL C 381 -1.57 47.65 19.59
C VAL C 381 -2.89 48.26 20.08
N LYS C 382 -3.68 48.72 19.12
CA LYS C 382 -4.94 49.35 19.40
C LYS C 382 -5.90 48.47 20.22
N GLU C 383 -5.86 47.17 20.03
CA GLU C 383 -6.79 46.27 20.70
C GLU C 383 -6.22 45.78 22.01
N GLY C 384 -5.00 46.22 22.33
CA GLY C 384 -4.49 46.04 23.68
C GLY C 384 -3.33 45.08 23.89
N ALA C 385 -2.78 44.55 22.80
CA ALA C 385 -1.61 43.68 22.91
C ALA C 385 -0.36 44.55 23.17
N THR C 386 0.63 43.99 23.84
CA THR C 386 1.88 44.69 24.12
C THR C 386 2.91 44.50 22.98
N LEU C 387 3.24 45.59 22.31
CA LEU C 387 4.32 45.62 21.33
C LEU C 387 5.70 45.58 22.01
N VAL C 388 6.32 44.41 22.09
CA VAL C 388 7.62 44.30 22.75
C VAL C 388 8.76 44.82 21.88
N CYS C 389 8.70 44.58 20.58
CA CYS C 389 9.65 45.17 19.63
C CYS C 389 9.12 45.14 18.20
N GLY C 390 9.66 46.02 17.37
CA GLY C 390 9.32 46.08 15.97
C GLY C 390 7.99 46.74 15.73
N GLY C 391 7.26 46.25 14.74
CA GLY C 391 5.93 46.75 14.44
C GLY C 391 5.86 47.73 13.29
N ASN C 392 7.00 48.09 12.71
CA ASN C 392 6.96 49.04 11.61
C ASN C 392 7.94 48.76 10.46
N GLN C 393 7.76 49.48 9.36
CA GLN C 393 8.70 49.44 8.25
C GLN C 393 10.09 49.86 8.71
N VAL C 394 11.13 49.11 8.35
CA VAL C 394 12.49 49.56 8.62
C VAL C 394 12.75 50.80 7.74
N PRO C 395 13.25 51.90 8.36
CA PRO C 395 13.53 53.04 7.50
C PRO C 395 14.79 52.72 6.65
N ARG C 396 14.55 52.47 5.37
CA ARG C 396 15.56 52.17 4.35
C ARG C 396 14.84 51.98 3.03
N PRO C 397 15.57 52.07 1.92
CA PRO C 397 14.84 51.87 0.66
C PRO C 397 14.32 50.42 0.54
N GLY C 398 13.31 50.22 -0.30
CA GLY C 398 12.66 48.92 -0.42
C GLY C 398 11.59 48.68 0.65
N PHE C 399 11.21 47.41 0.83
CA PHE C 399 10.04 47.09 1.65
C PHE C 399 10.35 46.19 2.85
N PHE C 400 11.20 46.70 3.73
CA PHE C 400 11.62 45.95 4.88
C PHE C 400 10.70 46.24 6.05
N PHE C 401 10.43 45.19 6.84
CA PHE C 401 9.59 45.27 8.02
C PHE C 401 10.38 44.71 9.19
N GLN C 402 10.28 45.39 10.34
CA GLN C 402 11.01 45.00 11.54
C GLN C 402 10.49 43.69 12.12
N PRO C 403 11.40 42.77 12.50
CA PRO C 403 10.93 41.60 13.23
C PRO C 403 10.19 42.03 14.52
N THR C 404 8.99 41.50 14.70
CA THR C 404 8.04 41.99 15.68
C THR C 404 7.66 40.95 16.70
N VAL C 405 7.56 41.39 17.95
CA VAL C 405 7.10 40.53 19.04
C VAL C 405 5.94 41.23 19.74
N PHE C 406 4.83 40.50 19.88
CA PHE C 406 3.67 40.93 20.67
C PHE C 406 3.53 39.98 21.87
N THR C 407 3.26 40.53 23.06
CA THR C 407 2.90 39.74 24.23
C THR C 407 1.51 40.18 24.72
N ASP C 408 1.04 39.55 25.81
CA ASP C 408 -0.29 39.86 26.38
C ASP C 408 -1.36 39.78 25.31
N VAL C 409 -1.21 38.81 24.41
CA VAL C 409 -2.20 38.55 23.37
C VAL C 409 -3.31 37.68 23.95
N GLU C 410 -4.55 38.06 23.68
CA GLU C 410 -5.70 37.34 24.22
C GLU C 410 -6.55 36.74 23.12
N ASP C 411 -7.28 35.66 23.44
CA ASP C 411 -7.94 34.83 22.41
C ASP C 411 -8.94 35.57 21.52
N HIS C 412 -9.55 36.64 22.02
CA HIS C 412 -10.58 37.38 21.25
C HIS C 412 -9.98 38.36 20.25
N MET C 413 -8.69 38.61 20.39
CA MET C 413 -8.04 39.64 19.60
C MET C 413 -7.92 39.28 18.13
N TYR C 414 -8.00 40.32 17.29
CA TYR C 414 -7.80 40.20 15.86
C TYR C 414 -6.45 39.52 15.52
N ILE C 415 -5.37 39.89 16.18
CA ILE C 415 -4.08 39.30 15.85
C ILE C 415 -3.96 37.88 16.42
N ALA C 416 -4.91 37.48 17.27
CA ALA C 416 -4.97 36.08 17.71
C ALA C 416 -5.73 35.21 16.70
N LYS C 417 -6.37 35.85 15.72
CA LYS C 417 -7.28 35.13 14.84
C LYS C 417 -6.82 35.19 13.40
N GLU C 418 -6.23 36.31 13.00
CA GLU C 418 -5.93 36.61 11.61
C GLU C 418 -4.47 36.30 11.29
N GLU C 419 -4.25 35.81 10.06
CA GLU C 419 -2.92 35.43 9.61
C GLU C 419 -2.18 36.69 9.14
N SER C 420 -1.01 36.95 9.72
CA SER C 420 -0.23 38.12 9.30
C SER C 420 0.56 37.84 8.02
N PHE C 421 1.09 36.61 7.89
CA PHE C 421 1.97 36.26 6.78
C PHE C 421 3.20 37.18 6.75
N GLY C 422 3.64 37.64 7.94
CA GLY C 422 4.80 38.51 8.07
C GLY C 422 5.57 38.13 9.31
N PRO C 423 6.68 38.83 9.59
CA PRO C 423 7.55 38.40 10.68
C PRO C 423 7.06 38.92 12.05
N ILE C 424 5.96 38.34 12.54
CA ILE C 424 5.27 38.85 13.73
C ILE C 424 4.98 37.74 14.71
N MET C 425 5.77 37.72 15.78
CA MET C 425 5.65 36.72 16.83
C MET C 425 4.54 37.15 17.80
N ILE C 426 3.56 36.28 17.97
CA ILE C 426 2.34 36.62 18.67
C ILE C 426 2.17 35.68 19.88
N ILE C 427 2.50 36.18 21.07
CA ILE C 427 2.66 35.32 22.24
C ILE C 427 1.55 35.47 23.29
N SER C 428 0.99 34.35 23.72
CA SER C 428 0.05 34.26 24.84
C SER C 428 0.59 33.27 25.86
N ARG C 429 0.43 33.57 27.16
CA ARG C 429 0.71 32.62 28.24
C ARG C 429 -0.38 31.55 28.28
N PHE C 430 -0.03 30.40 28.85
CA PHE C 430 -1.02 29.45 29.32
C PHE C 430 -0.60 28.92 30.69
N ALA C 431 -1.56 28.41 31.46
CA ALA C 431 -1.34 28.13 32.87
C ALA C 431 -0.52 26.88 33.10
N ASP C 432 0.37 26.98 34.07
CA ASP C 432 1.22 25.88 34.47
C ASP C 432 0.41 24.61 34.69
N GLY C 433 0.93 23.49 34.19
CA GLY C 433 0.27 22.19 34.36
C GLY C 433 -1.07 22.01 33.67
N ASP C 434 -1.45 22.97 32.82
CA ASP C 434 -2.66 22.82 32.02
C ASP C 434 -2.29 22.25 30.63
N VAL C 435 -3.14 21.37 30.08
CA VAL C 435 -2.88 20.81 28.75
C VAL C 435 -4.10 20.93 27.86
N ASP C 436 -5.24 20.39 28.29
CA ASP C 436 -6.48 20.48 27.53
C ASP C 436 -6.95 21.90 27.32
N ALA C 437 -6.69 22.78 28.27
CA ALA C 437 -7.15 24.15 28.13
C ALA C 437 -6.36 24.89 27.05
N VAL C 438 -5.03 24.73 27.04
CA VAL C 438 -4.25 25.31 25.93
C VAL C 438 -4.61 24.68 24.57
N LEU C 439 -4.81 23.36 24.54
CA LEU C 439 -5.25 22.70 23.30
C LEU C 439 -6.53 23.31 22.70
N SER C 440 -7.52 23.56 23.57
CA SER C 440 -8.78 24.19 23.16
C SER C 440 -8.54 25.53 22.53
N ARG C 441 -7.66 26.33 23.15
CA ARG C 441 -7.36 27.65 22.60
C ARG C 441 -6.61 27.56 21.26
N ALA C 442 -5.67 26.62 21.19
CA ALA C 442 -4.89 26.39 19.98
C ALA C 442 -5.80 25.92 18.85
N ASN C 443 -6.80 25.10 19.18
CA ASN C 443 -7.75 24.58 18.19
C ASN C 443 -8.91 25.52 17.80
N ALA C 444 -9.03 26.66 18.48
CA ALA C 444 -10.23 27.52 18.33
C ALA C 444 -10.04 28.45 17.15
N THR C 445 -9.95 27.87 15.97
CA THR C 445 -9.66 28.60 14.73
C THR C 445 -10.25 27.76 13.61
N GLU C 446 -10.65 28.41 12.54
CA GLU C 446 -11.11 27.69 11.34
C GLU C 446 -9.94 27.33 10.40
N PHE C 447 -8.74 27.77 10.74
CA PHE C 447 -7.55 27.29 10.04
C PHE C 447 -7.13 25.96 10.63
N GLY C 448 -6.25 25.27 9.91
CA GLY C 448 -5.80 23.96 10.35
C GLY C 448 -4.64 23.46 9.52
N LEU C 449 -3.71 24.35 9.22
CA LEU C 449 -2.63 23.97 8.31
C LEU C 449 -1.44 23.32 9.01
N ALA C 450 -0.95 23.94 10.08
CA ALA C 450 0.14 23.36 10.85
C ALA C 450 0.02 23.70 12.31
N SER C 451 1.00 23.26 13.09
CA SER C 451 1.04 23.42 14.52
C SER C 451 2.34 22.79 15.02
N GLY C 452 2.72 23.09 16.25
CA GLY C 452 3.89 22.49 16.85
C GLY C 452 3.76 22.40 18.36
N VAL C 453 4.61 21.59 18.97
CA VAL C 453 4.69 21.50 20.40
C VAL C 453 6.15 21.26 20.79
N PHE C 454 6.63 22.05 21.76
CA PHE C 454 7.95 21.85 22.34
C PHE C 454 7.79 21.33 23.76
N THR C 455 8.30 20.12 24.00
CA THR C 455 8.30 19.49 25.31
C THR C 455 9.27 18.31 25.32
N ARG C 456 9.93 18.07 26.45
CA ARG C 456 10.82 16.91 26.61
C ARG C 456 10.00 15.70 27.05
N ASP C 457 8.74 15.93 27.41
CA ASP C 457 7.86 14.88 27.92
C ASP C 457 7.16 14.10 26.79
N ILE C 458 7.51 12.83 26.66
CA ILE C 458 6.93 12.00 25.62
C ILE C 458 5.39 11.92 25.67
N ASN C 459 4.82 11.89 26.87
CA ASN C 459 3.39 11.73 27.02
C ASN C 459 2.59 12.96 26.56
N LYS C 460 3.07 14.14 26.94
CA LYS C 460 2.51 15.40 26.44
C LYS C 460 2.64 15.51 24.92
N ALA C 461 3.82 15.18 24.42
CA ALA C 461 4.10 15.29 22.97
C ALA C 461 3.13 14.43 22.17
N LEU C 462 2.97 13.17 22.57
CA LEU C 462 2.07 12.26 21.87
C LEU C 462 0.60 12.69 22.00
N TYR C 463 0.20 13.08 23.21
CA TYR C 463 -1.17 13.47 23.46
C TYR C 463 -1.54 14.75 22.72
N VAL C 464 -0.65 15.74 22.81
CA VAL C 464 -0.86 17.03 22.12
C VAL C 464 -0.88 16.86 20.60
N SER C 465 -0.04 15.99 20.07
CA SER C 465 -0.06 15.79 18.63
C SER C 465 -1.36 15.11 18.14
N ASP C 466 -1.92 14.21 18.96
CA ASP C 466 -3.24 13.62 18.67
C ASP C 466 -4.33 14.65 18.60
N LYS C 467 -4.31 15.58 19.56
CA LYS C 467 -5.40 16.53 19.79
C LYS C 467 -5.35 17.77 18.92
N LEU C 468 -4.18 18.11 18.38
CA LEU C 468 -4.07 19.30 17.54
C LEU C 468 -4.82 19.07 16.23
N GLN C 469 -5.71 20.00 15.90
CA GLN C 469 -6.51 19.89 14.68
C GLN C 469 -5.78 20.54 13.51
N ALA C 470 -4.72 19.89 13.03
CA ALA C 470 -3.91 20.49 11.97
C ALA C 470 -3.25 19.43 11.13
N GLY C 471 -3.10 19.70 9.83
CA GLY C 471 -2.50 18.78 8.87
C GLY C 471 -1.06 18.37 9.16
N THR C 472 -0.31 19.26 9.80
CA THR C 472 1.04 18.93 10.22
C THR C 472 1.21 19.33 11.67
N VAL C 473 1.78 18.42 12.44
CA VAL C 473 2.22 18.72 13.80
C VAL C 473 3.73 18.50 13.89
N PHE C 474 4.45 19.57 14.22
CA PHE C 474 5.88 19.49 14.49
C PHE C 474 6.12 19.23 15.97
N ILE C 475 7.04 18.32 16.29
CA ILE C 475 7.39 18.04 17.67
C ILE C 475 8.86 18.31 17.90
N ASN C 476 9.15 19.31 18.73
CA ASN C 476 10.51 19.72 19.04
C ASN C 476 11.31 20.19 17.83
N THR C 477 10.57 20.70 16.84
CA THR C 477 11.14 21.31 15.66
C THR C 477 10.08 22.23 15.04
N TYR C 478 10.42 22.93 13.96
CA TYR C 478 9.42 23.69 13.24
C TYR C 478 9.88 23.90 11.80
N ASN C 479 8.94 24.05 10.88
CA ASN C 479 9.25 24.24 9.45
C ASN C 479 10.00 23.08 8.83
N LYS C 480 9.93 21.91 9.46
CA LYS C 480 10.62 20.75 8.97
C LYS C 480 9.75 20.04 7.93
N THR C 481 9.59 20.65 6.76
CA THR C 481 8.87 20.00 5.69
C THR C 481 9.87 19.10 4.93
N ASP C 482 9.35 18.21 4.09
CA ASP C 482 10.23 17.28 3.38
C ASP C 482 9.47 16.83 2.16
N VAL C 483 10.16 16.69 1.03
CA VAL C 483 9.49 16.32 -0.21
C VAL C 483 8.74 14.98 -0.09
N ALA C 484 9.12 14.14 0.88
CA ALA C 484 8.44 12.85 1.03
C ALA C 484 7.25 12.90 2.02
N ALA C 485 7.13 14.01 2.74
CA ALA C 485 6.16 14.15 3.81
C ALA C 485 4.97 14.99 3.35
N PRO C 486 3.77 14.40 3.32
CA PRO C 486 2.62 15.14 2.76
C PRO C 486 2.27 16.40 3.55
N PHE C 487 1.83 17.42 2.82
CA PHE C 487 1.64 18.77 3.33
C PHE C 487 0.28 19.29 2.81
N GLY C 488 -0.61 19.61 3.74
CA GLY C 488 -1.97 20.09 3.41
C GLY C 488 -2.79 20.41 4.65
N GLY C 489 -3.89 21.11 4.47
CA GLY C 489 -4.67 21.59 5.61
C GLY C 489 -5.93 20.82 5.93
N PHE C 490 -6.46 21.11 7.11
CA PHE C 490 -7.79 20.68 7.54
C PHE C 490 -8.68 21.91 7.59
N LYS C 491 -10.00 21.72 7.69
CA LYS C 491 -10.97 22.83 7.90
C LYS C 491 -10.80 23.87 6.79
N GLN C 492 -10.72 25.16 7.12
CA GLN C 492 -10.62 26.19 6.07
C GLN C 492 -9.19 26.43 5.52
N SER C 493 -8.23 25.62 5.96
CA SER C 493 -6.90 25.59 5.33
C SER C 493 -6.91 24.73 4.06
N GLY C 494 -8.02 24.05 3.81
CA GLY C 494 -8.22 23.40 2.54
C GLY C 494 -8.19 21.89 2.57
N PHE C 495 -7.76 21.29 1.46
CA PHE C 495 -7.73 19.83 1.35
C PHE C 495 -6.82 19.40 0.19
N GLY C 496 -6.37 18.16 0.25
CA GLY C 496 -5.40 17.65 -0.69
C GLY C 496 -4.00 17.88 -0.16
N LYS C 497 -3.05 17.05 -0.61
CA LYS C 497 -1.67 17.17 -0.20
C LYS C 497 -0.80 17.59 -1.35
N ASP C 498 0.17 18.46 -1.05
CA ASP C 498 1.39 18.60 -1.81
C ASP C 498 2.46 17.77 -1.10
N LEU C 499 3.41 17.25 -1.90
CA LEU C 499 4.50 16.40 -1.42
C LEU C 499 4.05 15.02 -0.98
N GLY C 500 5.00 14.09 -0.97
CA GLY C 500 4.74 12.71 -0.61
C GLY C 500 3.95 11.95 -1.67
N GLU C 501 3.84 10.65 -1.42
CA GLU C 501 3.06 9.78 -2.27
C GLU C 501 1.64 10.36 -2.39
N ALA C 502 1.08 10.83 -1.28
CA ALA C 502 -0.28 11.36 -1.24
C ALA C 502 -0.57 12.45 -2.28
N ALA C 503 0.42 13.29 -2.59
CA ALA C 503 0.22 14.35 -3.59
C ALA C 503 -0.19 13.79 -4.96
N LEU C 504 0.32 12.59 -5.28
CA LEU C 504 0.08 11.97 -6.58
C LEU C 504 -1.39 11.76 -6.82
N ASN C 505 -2.13 11.55 -5.76
CA ASN C 505 -3.53 11.17 -5.87
C ASN C 505 -4.45 12.30 -6.34
N GLU C 506 -3.99 13.53 -6.20
CA GLU C 506 -4.69 14.69 -6.75
C GLU C 506 -4.52 14.76 -8.27
N TYR C 507 -3.57 14.01 -8.81
CA TYR C 507 -3.20 14.16 -10.21
C TYR C 507 -3.40 12.90 -11.02
N LEU C 508 -4.06 11.92 -10.41
CA LEU C 508 -4.34 10.63 -11.02
C LEU C 508 -5.83 10.35 -10.90
N ARG C 509 -6.37 9.52 -11.80
CA ARG C 509 -7.73 9.00 -11.67
C ARG C 509 -7.62 7.48 -11.65
N ILE C 510 -8.64 6.81 -11.12
CA ILE C 510 -8.65 5.35 -11.03
C ILE C 510 -9.72 4.80 -11.96
N LYS C 511 -9.31 3.93 -12.89
CA LYS C 511 -10.24 3.21 -13.78
C LYS C 511 -10.34 1.77 -13.29
N THR C 512 -11.56 1.32 -13.02
CA THR C 512 -11.80 -0.05 -12.65
C THR C 512 -12.13 -0.81 -13.92
N VAL C 513 -11.43 -1.91 -14.15
CA VAL C 513 -11.67 -2.72 -15.34
C VAL C 513 -12.07 -4.10 -14.86
N THR C 514 -13.29 -4.51 -15.20
CA THR C 514 -13.83 -5.77 -14.72
C THR C 514 -14.20 -6.72 -15.88
N PHE C 515 -13.54 -7.88 -15.90
CA PHE C 515 -13.79 -8.91 -16.90
C PHE C 515 -14.71 -9.99 -16.36
N GLU C 516 -15.50 -10.58 -17.25
CA GLU C 516 -16.06 -11.91 -16.99
C GLU C 516 -15.48 -12.85 -18.02
N TYR C 517 -15.07 -14.04 -17.59
CA TYR C 517 -14.55 -15.04 -18.50
C TYR C 517 -14.90 -16.45 -18.06
N VAL D 20 -40.65 3.43 22.93
CA VAL D 20 -41.46 2.85 21.80
C VAL D 20 -41.54 3.84 20.62
N ILE D 21 -41.54 3.29 19.41
CA ILE D 21 -41.48 4.05 18.16
C ILE D 21 -42.81 3.91 17.42
N ASN D 22 -43.29 5.00 16.83
CA ASN D 22 -44.50 4.95 16.00
C ASN D 22 -44.20 4.40 14.62
N TYR D 23 -45.06 3.49 14.18
CA TYR D 23 -44.95 2.85 12.88
C TYR D 23 -46.19 3.06 12.04
N VAL D 24 -45.99 3.03 10.74
CA VAL D 24 -47.07 2.73 9.83
C VAL D 24 -47.00 1.22 9.65
N GLU D 25 -48.09 0.53 9.99
CA GLU D 25 -48.12 -0.92 9.89
C GLU D 25 -48.82 -1.30 8.60
N LYS D 26 -48.31 -2.33 7.93
CA LYS D 26 -48.90 -2.75 6.67
C LYS D 26 -48.70 -4.23 6.45
N ALA D 27 -49.81 -4.93 6.24
CA ALA D 27 -49.77 -6.37 5.97
C ALA D 27 -49.68 -6.56 4.45
N VAL D 28 -48.54 -7.06 4.00
CA VAL D 28 -48.26 -7.17 2.57
C VAL D 28 -47.08 -8.09 2.35
N ASN D 29 -47.09 -8.83 1.24
CA ASN D 29 -46.02 -9.78 0.90
C ASN D 29 -45.80 -10.87 1.98
N LYS D 30 -46.88 -11.23 2.67
CA LYS D 30 -46.86 -12.22 3.76
C LYS D 30 -46.09 -11.75 5.01
N LEU D 31 -45.92 -10.44 5.15
CA LEU D 31 -45.22 -9.91 6.30
C LEU D 31 -46.07 -8.82 6.91
N THR D 32 -45.71 -8.43 8.13
CA THR D 32 -46.28 -7.22 8.70
C THR D 32 -45.15 -6.22 8.79
N LEU D 33 -45.18 -5.24 7.89
CA LEU D 33 -44.21 -4.18 7.85
C LEU D 33 -44.44 -3.21 9.01
N GLN D 34 -43.36 -2.87 9.70
CA GLN D 34 -43.41 -1.82 10.72
C GLN D 34 -42.44 -0.74 10.28
N MET D 35 -42.98 0.33 9.72
CA MET D 35 -42.21 1.36 9.08
C MET D 35 -42.22 2.65 9.87
N PRO D 36 -41.05 3.06 10.39
CA PRO D 36 -40.99 4.40 10.96
C PRO D 36 -41.19 5.45 9.87
N TYR D 37 -41.66 6.63 10.25
CA TYR D 37 -42.08 7.63 9.29
C TYR D 37 -41.62 9.02 9.72
N GLN D 38 -40.94 9.10 10.87
CA GLN D 38 -40.45 10.38 11.41
C GLN D 38 -38.96 10.68 11.15
N LEU D 39 -38.53 11.91 11.44
CA LEU D 39 -37.10 12.26 11.42
C LEU D 39 -36.35 11.40 12.43
N PHE D 40 -35.10 11.09 12.14
CA PHE D 40 -34.28 10.34 13.08
C PHE D 40 -33.12 11.23 13.52
N ILE D 41 -33.21 11.72 14.75
CA ILE D 41 -32.24 12.69 15.28
C ILE D 41 -31.78 12.28 16.69
N GLY D 42 -30.46 12.28 16.90
CA GLY D 42 -29.87 11.98 18.19
C GLY D 42 -30.43 10.70 18.79
N GLY D 43 -30.67 9.71 17.94
CA GLY D 43 -31.07 8.37 18.40
C GLY D 43 -32.55 8.21 18.70
N GLU D 44 -33.37 9.18 18.29
CA GLU D 44 -34.81 9.00 18.43
C GLU D 44 -35.60 9.51 17.24
N PHE D 45 -36.75 8.88 17.02
CA PHE D 45 -37.70 9.34 16.01
C PHE D 45 -38.54 10.50 16.56
N VAL D 46 -38.52 11.62 15.84
CA VAL D 46 -39.22 12.84 16.27
C VAL D 46 -39.91 13.48 15.07
N ASP D 47 -40.96 14.28 15.35
CA ASP D 47 -41.63 15.04 14.28
C ASP D 47 -40.72 16.16 13.86
N ALA D 48 -40.87 16.62 12.62
CA ALA D 48 -40.24 17.84 12.16
C ALA D 48 -40.82 19.09 12.87
N GLU D 49 -40.10 20.21 12.76
CA GLU D 49 -40.61 21.49 13.21
C GLU D 49 -42.04 21.70 12.70
N GLY D 50 -42.95 22.02 13.61
CA GLY D 50 -44.34 22.32 13.24
C GLY D 50 -45.14 21.11 12.81
N SER D 51 -44.60 19.92 13.04
CA SER D 51 -45.25 18.66 12.66
C SER D 51 -45.57 18.51 11.17
N LYS D 52 -44.81 19.22 10.35
CA LYS D 52 -44.97 19.18 8.91
C LYS D 52 -44.66 17.79 8.36
N THR D 53 -45.41 17.42 7.32
CA THR D 53 -45.32 16.11 6.70
C THR D 53 -45.55 16.24 5.19
N TYR D 54 -45.36 15.11 4.51
CA TYR D 54 -45.59 15.02 3.07
C TYR D 54 -45.91 13.56 2.78
N ASN D 55 -46.44 13.30 1.59
CA ASN D 55 -46.84 11.94 1.24
C ASN D 55 -45.78 11.24 0.42
N THR D 56 -45.59 9.96 0.70
CA THR D 56 -44.73 9.13 -0.13
C THR D 56 -45.63 8.22 -0.97
N ILE D 57 -45.37 8.18 -2.27
CA ILE D 57 -46.27 7.58 -3.25
C ILE D 57 -45.80 6.20 -3.72
N ASN D 58 -46.70 5.23 -3.70
CA ASN D 58 -46.42 3.89 -4.20
C ASN D 58 -46.50 3.92 -5.75
N PRO D 59 -45.40 3.59 -6.44
CA PRO D 59 -45.45 3.78 -7.89
C PRO D 59 -46.21 2.70 -8.66
N THR D 60 -46.54 1.59 -8.02
CA THR D 60 -47.34 0.54 -8.66
C THR D 60 -48.78 0.98 -8.94
N ASP D 61 -49.31 1.91 -8.15
CA ASP D 61 -50.72 2.29 -8.27
C ASP D 61 -50.98 3.75 -7.98
N GLY D 62 -49.94 4.51 -7.67
CA GLY D 62 -50.10 5.94 -7.47
C GLY D 62 -50.68 6.33 -6.11
N SER D 63 -50.94 5.35 -5.25
CA SER D 63 -51.51 5.65 -3.93
C SER D 63 -50.47 6.17 -2.93
N VAL D 64 -50.97 6.84 -1.89
CA VAL D 64 -50.17 7.29 -0.78
C VAL D 64 -49.85 6.09 0.10
N ILE D 65 -48.57 5.83 0.35
CA ILE D 65 -48.16 4.78 1.28
C ILE D 65 -48.44 5.28 2.69
N CYS D 66 -48.01 6.50 2.98
CA CYS D 66 -48.16 7.08 4.31
C CYS D 66 -47.60 8.48 4.28
N GLN D 67 -47.80 9.18 5.40
CA GLN D 67 -47.23 10.52 5.61
C GLN D 67 -45.85 10.39 6.25
N VAL D 68 -44.91 11.22 5.82
CA VAL D 68 -43.56 11.21 6.40
C VAL D 68 -43.19 12.61 6.89
N SER D 69 -42.52 12.71 8.03
CA SER D 69 -42.04 14.03 8.50
C SER D 69 -41.21 14.73 7.42
N LEU D 70 -41.34 16.06 7.38
CA LEU D 70 -40.71 16.90 6.40
C LEU D 70 -39.73 17.85 7.08
N ALA D 71 -38.45 17.49 7.06
CA ALA D 71 -37.43 18.21 7.83
C ALA D 71 -37.35 19.68 7.43
N GLN D 72 -37.18 20.52 8.44
CA GLN D 72 -36.99 21.96 8.26
C GLN D 72 -35.54 22.32 8.62
N VAL D 73 -35.17 23.58 8.38
CA VAL D 73 -33.81 24.06 8.69
C VAL D 73 -33.43 23.78 10.15
N SER D 74 -34.34 24.04 11.09
CA SER D 74 -34.01 23.86 12.49
C SER D 74 -33.77 22.37 12.81
N ASP D 75 -34.40 21.50 12.04
CA ASP D 75 -34.20 20.06 12.16
C ASP D 75 -32.80 19.66 11.68
N VAL D 76 -32.35 20.27 10.60
CA VAL D 76 -31.02 20.03 10.09
C VAL D 76 -30.00 20.44 11.17
N ASP D 77 -30.15 21.66 11.69
CA ASP D 77 -29.26 22.13 12.76
C ASP D 77 -29.26 21.17 13.95
N LYS D 78 -30.43 20.66 14.31
CA LYS D 78 -30.48 19.69 15.40
C LYS D 78 -29.72 18.39 15.08
N ALA D 79 -29.89 17.90 13.84
CA ALA D 79 -29.20 16.70 13.36
C ALA D 79 -27.68 16.89 13.40
N VAL D 80 -27.23 18.02 12.84
CA VAL D 80 -25.82 18.34 12.81
C VAL D 80 -25.26 18.46 14.22
N ALA D 81 -26.00 19.12 15.11
CA ALA D 81 -25.58 19.22 16.52
C ALA D 81 -25.44 17.85 17.19
N ALA D 82 -26.41 16.97 16.95
CA ALA D 82 -26.31 15.62 17.48
C ALA D 82 -25.11 14.86 16.89
N ALA D 83 -24.83 15.06 15.60
CA ALA D 83 -23.72 14.38 14.95
C ALA D 83 -22.39 14.88 15.55
N LYS D 84 -22.30 16.19 15.72
CA LYS D 84 -21.14 16.82 16.32
C LYS D 84 -20.86 16.34 17.75
N GLU D 85 -21.89 16.34 18.59
CA GLU D 85 -21.76 15.84 19.94
C GLU D 85 -21.33 14.37 19.96
N ALA D 86 -21.99 13.53 19.15
CA ALA D 86 -21.63 12.10 19.11
C ALA D 86 -20.15 11.87 18.69
N PHE D 87 -19.66 12.71 17.78
CA PHE D 87 -18.28 12.59 17.33
C PHE D 87 -17.30 13.10 18.37
N GLU D 88 -17.55 14.30 18.90
CA GLU D 88 -16.61 14.95 19.81
C GLU D 88 -16.59 14.38 21.21
N ASN D 89 -17.75 13.98 21.74
CA ASN D 89 -17.83 13.56 23.14
C ASN D 89 -18.46 12.20 23.35
N GLY D 90 -19.21 11.73 22.36
CA GLY D 90 -19.90 10.45 22.47
C GLY D 90 -18.97 9.27 22.34
N LEU D 91 -19.52 8.09 22.58
CA LEU D 91 -18.79 6.82 22.57
C LEU D 91 -18.11 6.49 21.22
N TRP D 92 -18.75 6.84 20.11
CA TRP D 92 -18.21 6.56 18.77
C TRP D 92 -16.81 7.11 18.59
N GLY D 93 -16.54 8.27 19.19
CA GLY D 93 -15.24 8.90 19.07
C GLY D 93 -14.21 8.33 20.01
N LYS D 94 -14.62 7.46 20.93
CA LYS D 94 -13.71 6.93 21.97
C LYS D 94 -13.34 5.46 21.77
N ILE D 95 -14.25 4.69 21.19
CA ILE D 95 -14.03 3.25 21.07
C ILE D 95 -12.86 2.91 20.13
N ASN D 96 -12.32 1.70 20.25
CA ASN D 96 -11.32 1.18 19.34
C ASN D 96 -11.88 1.03 17.92
N ALA D 97 -11.03 1.31 16.93
CA ALA D 97 -11.35 1.03 15.54
C ALA D 97 -11.91 -0.39 15.42
N ARG D 98 -11.30 -1.35 16.11
CA ARG D 98 -11.78 -2.74 16.06
C ARG D 98 -13.22 -2.89 16.51
N ASP D 99 -13.61 -2.14 17.54
CA ASP D 99 -14.93 -2.24 18.12
C ASP D 99 -15.97 -1.44 17.32
N ARG D 100 -15.53 -0.36 16.70
CA ARG D 100 -16.33 0.33 15.69
C ARG D 100 -16.69 -0.66 14.58
N GLY D 101 -15.70 -1.45 14.17
CA GLY D 101 -15.91 -2.51 13.17
C GLY D 101 -16.95 -3.54 13.58
N ARG D 102 -16.84 -4.04 14.82
CA ARG D 102 -17.81 -4.96 15.40
C ARG D 102 -19.24 -4.41 15.35
N LEU D 103 -19.39 -3.12 15.64
CA LEU D 103 -20.72 -2.49 15.60
C LEU D 103 -21.28 -2.49 14.17
N LEU D 104 -20.44 -2.17 13.19
CA LEU D 104 -20.86 -2.17 11.79
C LEU D 104 -21.14 -3.59 11.28
N TYR D 105 -20.39 -4.60 11.75
CA TYR D 105 -20.73 -5.99 11.39
C TYR D 105 -22.12 -6.29 11.96
C TYR D 105 -22.03 -6.48 12.05
N ARG D 106 -22.32 -5.95 13.23
CA ARG D 106 -23.58 -6.23 13.91
C ARG D 106 -24.73 -5.54 13.16
N LEU D 107 -24.51 -4.28 12.75
CA LEU D 107 -25.46 -3.60 11.89
C LEU D 107 -25.82 -4.40 10.62
N ALA D 108 -24.80 -4.90 9.93
CA ALA D 108 -25.07 -5.75 8.77
C ALA D 108 -25.93 -6.97 9.17
N ASP D 109 -25.59 -7.62 10.27
CA ASP D 109 -26.37 -8.78 10.73
C ASP D 109 -27.82 -8.41 10.98
N VAL D 110 -28.04 -7.29 11.65
CA VAL D 110 -29.39 -6.84 11.90
C VAL D 110 -30.13 -6.62 10.56
N MET D 111 -29.49 -5.95 9.60
CA MET D 111 -30.06 -5.77 8.27
C MET D 111 -30.40 -7.11 7.59
N GLU D 112 -29.52 -8.10 7.71
CA GLU D 112 -29.81 -9.43 7.21
C GLU D 112 -31.06 -10.06 7.86
N GLN D 113 -31.20 -9.90 9.18
CA GLN D 113 -32.36 -10.39 9.93
C GLN D 113 -33.66 -9.74 9.46
N HIS D 114 -33.56 -8.56 8.85
CA HIS D 114 -34.72 -7.83 8.35
C HIS D 114 -34.76 -7.74 6.82
N GLN D 115 -34.05 -8.63 6.12
CA GLN D 115 -33.86 -8.45 4.68
C GLN D 115 -35.16 -8.51 3.87
N GLU D 116 -36.07 -9.41 4.24
CA GLU D 116 -37.36 -9.54 3.55
C GLU D 116 -38.22 -8.32 3.77
N GLU D 117 -38.27 -7.87 5.01
CA GLU D 117 -38.97 -6.64 5.34
C GLU D 117 -38.40 -5.43 4.59
N LEU D 118 -37.07 -5.27 4.57
CA LEU D 118 -36.43 -4.15 3.87
C LEU D 118 -36.68 -4.18 2.37
N ALA D 119 -36.57 -5.37 1.77
CA ALA D 119 -36.83 -5.54 0.34
C ALA D 119 -38.30 -5.22 -0.03
N THR D 120 -39.24 -5.57 0.86
CA THR D 120 -40.65 -5.26 0.65
C THR D 120 -40.90 -3.76 0.70
N ILE D 121 -40.35 -3.09 1.72
CA ILE D 121 -40.43 -1.63 1.81
C ILE D 121 -39.85 -0.98 0.56
N GLU D 122 -38.71 -1.48 0.08
CA GLU D 122 -38.10 -0.94 -1.12
C GLU D 122 -39.01 -1.16 -2.36
N ALA D 123 -39.64 -2.34 -2.42
CA ALA D 123 -40.65 -2.62 -3.44
C ALA D 123 -41.81 -1.61 -3.44
N LEU D 124 -42.37 -1.32 -2.25
CA LEU D 124 -43.43 -0.32 -2.13
C LEU D 124 -42.96 1.08 -2.45
N ASP D 125 -41.78 1.44 -1.94
CA ASP D 125 -41.35 2.84 -1.97
C ASP D 125 -40.76 3.24 -3.31
N ALA D 126 -39.99 2.33 -3.92
CA ALA D 126 -39.24 2.64 -5.14
C ALA D 126 -39.67 1.82 -6.36
N GLY D 127 -40.62 0.91 -6.17
CA GLY D 127 -41.01 0.01 -7.25
C GLY D 127 -39.95 -1.02 -7.59
N ALA D 128 -39.02 -1.28 -6.67
CA ALA D 128 -38.00 -2.30 -6.90
C ALA D 128 -38.64 -3.68 -6.91
N VAL D 129 -38.35 -4.45 -7.95
CA VAL D 129 -38.88 -5.79 -8.05
C VAL D 129 -38.34 -6.58 -6.86
N TYR D 130 -39.26 -7.13 -6.06
CA TYR D 130 -38.90 -7.77 -4.80
C TYR D 130 -37.71 -8.74 -4.89
N THR D 131 -37.72 -9.63 -5.87
CA THR D 131 -36.63 -10.61 -5.96
C THR D 131 -35.27 -9.93 -6.21
N LEU D 132 -35.31 -8.83 -6.95
CA LEU D 132 -34.13 -8.04 -7.20
C LEU D 132 -33.73 -7.23 -5.97
N ALA D 133 -34.72 -6.61 -5.32
CA ALA D 133 -34.48 -5.83 -4.11
C ALA D 133 -33.78 -6.68 -3.04
N LEU D 134 -34.21 -7.92 -2.92
CA LEU D 134 -33.63 -8.84 -1.94
C LEU D 134 -32.16 -9.13 -2.24
N LYS D 135 -31.88 -9.45 -3.49
CA LYS D 135 -30.52 -9.79 -3.95
C LYS D 135 -29.57 -8.58 -4.05
N THR D 136 -30.08 -7.48 -4.58
CA THR D 136 -29.30 -6.28 -4.87
C THR D 136 -29.53 -5.11 -3.88
N HIS D 137 -30.67 -4.40 -3.99
CA HIS D 137 -30.90 -3.23 -3.12
C HIS D 137 -30.49 -3.54 -1.67
N VAL D 138 -30.94 -4.69 -1.17
CA VAL D 138 -30.76 -5.08 0.22
C VAL D 138 -29.49 -5.93 0.38
N GLY D 139 -29.35 -6.97 -0.44
CA GLY D 139 -28.22 -7.91 -0.32
C GLY D 139 -26.87 -7.23 -0.44
N MET D 140 -26.74 -6.32 -1.40
CA MET D 140 -25.51 -5.56 -1.58
C MET D 140 -25.28 -4.56 -0.44
N SER D 141 -26.36 -4.00 0.11
CA SER D 141 -26.26 -3.12 1.29
C SER D 141 -25.66 -3.87 2.47
N ILE D 142 -26.07 -5.13 2.65
CA ILE D 142 -25.53 -5.96 3.71
C ILE D 142 -24.02 -6.21 3.49
N GLN D 143 -23.65 -6.62 2.28
CA GLN D 143 -22.26 -6.83 1.90
C GLN D 143 -21.40 -5.57 2.14
N THR D 144 -21.99 -4.39 1.89
CA THR D 144 -21.31 -3.11 2.02
C THR D 144 -20.90 -2.87 3.46
N PHE D 145 -21.85 -3.02 4.38
CA PHE D 145 -21.54 -2.88 5.80
C PHE D 145 -20.52 -3.92 6.30
N ARG D 146 -20.66 -5.19 5.89
CA ARG D 146 -19.67 -6.20 6.30
C ARG D 146 -18.29 -5.92 5.75
N TYR D 147 -18.25 -5.48 4.48
CA TYR D 147 -16.99 -5.20 3.81
C TYR D 147 -16.26 -4.06 4.54
N PHE D 148 -16.94 -2.93 4.73
CA PHE D 148 -16.32 -1.77 5.37
C PHE D 148 -16.04 -1.95 6.86
N ALA D 149 -16.87 -2.74 7.54
CA ALA D 149 -16.57 -3.13 8.93
C ALA D 149 -15.16 -3.74 9.05
N GLY D 150 -14.77 -4.52 8.03
CA GLY D 150 -13.46 -5.15 8.00
C GLY D 150 -12.31 -4.18 7.84
N TRP D 151 -12.59 -2.98 7.33
CA TRP D 151 -11.57 -1.96 7.10
C TRP D 151 -11.17 -1.19 8.36
N CYS D 152 -12.08 -1.09 9.33
CA CYS D 152 -11.87 -0.21 10.48
C CYS D 152 -10.51 -0.33 11.11
N ASP D 153 -10.10 -1.55 11.46
CA ASP D 153 -8.79 -1.70 12.11
C ASP D 153 -7.65 -1.99 11.12
N LYS D 154 -7.91 -1.76 9.82
CA LYS D 154 -6.88 -1.94 8.79
C LYS D 154 -6.58 -0.62 8.05
N ILE D 155 -7.17 0.47 8.52
CA ILE D 155 -6.85 1.79 7.99
C ILE D 155 -5.54 2.21 8.64
N GLN D 156 -4.50 2.42 7.86
CA GLN D 156 -3.15 2.61 8.38
C GLN D 156 -2.48 3.85 7.78
N GLY D 157 -1.66 4.53 8.56
CA GLY D 157 -0.83 5.61 8.05
C GLY D 157 0.55 5.07 7.75
N ALA D 158 1.53 5.96 7.74
CA ALA D 158 2.85 5.66 7.20
C ALA D 158 3.94 6.12 8.17
N THR D 159 5.14 5.53 8.05
CA THR D 159 6.35 6.17 8.56
C THR D 159 7.25 6.39 7.37
N ILE D 160 7.86 7.56 7.30
CA ILE D 160 8.43 8.09 6.09
C ILE D 160 9.90 8.49 6.30
N PRO D 161 10.79 8.06 5.40
CA PRO D 161 12.23 8.33 5.63
C PRO D 161 12.70 9.71 5.15
N ILE D 162 12.32 10.76 5.85
CA ILE D 162 12.65 12.12 5.48
C ILE D 162 14.14 12.42 5.74
N ASN D 163 14.69 13.48 5.14
CA ASN D 163 16.06 13.90 5.41
C ASN D 163 16.23 14.29 6.87
N GLN D 164 17.37 13.90 7.45
CA GLN D 164 17.67 14.16 8.86
C GLN D 164 18.41 15.48 9.09
N ALA D 165 17.90 16.26 10.03
CA ALA D 165 18.50 17.51 10.49
C ALA D 165 19.74 17.25 11.36
N ARG D 166 20.80 16.74 10.72
CA ARG D 166 22.04 16.39 11.41
C ARG D 166 22.63 17.60 12.15
N PRO D 167 23.23 17.38 13.36
CA PRO D 167 23.51 16.11 14.07
C PRO D 167 22.31 15.46 14.76
N ASN D 168 21.13 16.06 14.63
CA ASN D 168 19.91 15.46 15.18
C ASN D 168 19.24 14.42 14.26
N ARG D 169 18.17 13.82 14.76
CA ARG D 169 17.42 12.81 14.04
C ARG D 169 15.99 13.28 13.84
N ASN D 170 15.32 12.77 12.81
CA ASN D 170 13.90 13.03 12.60
C ASN D 170 13.10 11.75 12.45
N LEU D 171 11.87 11.78 12.98
CA LEU D 171 10.89 10.75 12.72
C LEU D 171 9.64 11.42 12.14
N THR D 172 9.17 10.95 10.98
CA THR D 172 7.95 11.45 10.39
C THR D 172 6.97 10.30 10.23
N LEU D 173 5.75 10.52 10.69
CA LEU D 173 4.73 9.51 10.54
C LEU D 173 3.45 10.21 10.10
N THR D 174 2.51 9.44 9.55
CA THR D 174 1.19 9.98 9.30
C THR D 174 0.16 9.24 10.10
N LYS D 175 -0.88 9.97 10.49
CA LYS D 175 -2.04 9.39 11.13
C LYS D 175 -3.24 9.61 10.22
C LYS D 175 -3.29 9.64 10.30
N LYS D 176 -4.04 8.56 10.05
CA LYS D 176 -5.31 8.66 9.34
C LYS D 176 -6.37 8.99 10.37
N GLU D 177 -7.07 10.10 10.20
CA GLU D 177 -8.06 10.52 11.18
C GLU D 177 -9.42 10.70 10.48
N PRO D 178 -10.52 10.57 11.24
CA PRO D 178 -11.84 10.89 10.65
C PRO D 178 -11.90 12.34 10.25
N VAL D 179 -12.79 12.69 9.31
CA VAL D 179 -12.99 14.10 8.95
C VAL D 179 -13.95 14.78 9.92
N GLY D 180 -14.81 13.99 10.57
CA GLY D 180 -15.76 14.53 11.53
C GLY D 180 -17.18 14.41 11.02
N VAL D 181 -17.96 15.48 11.15
CA VAL D 181 -19.38 15.45 10.79
C VAL D 181 -19.52 15.50 9.27
N CYS D 182 -20.19 14.51 8.71
CA CYS D 182 -20.45 14.44 7.27
C CYS D 182 -21.93 14.60 6.95
N GLY D 183 -22.24 15.09 5.76
CA GLY D 183 -23.58 15.05 5.21
C GLY D 183 -23.57 14.13 4.00
N ILE D 184 -24.57 13.25 3.91
CA ILE D 184 -24.71 12.37 2.75
C ILE D 184 -26.05 12.67 2.08
N VAL D 185 -26.00 12.96 0.78
CA VAL D 185 -27.18 13.35 0.02
C VAL D 185 -27.27 12.40 -1.15
N ILE D 186 -28.37 11.66 -1.21
CA ILE D 186 -28.49 10.56 -2.14
C ILE D 186 -29.75 10.63 -3.01
N PRO D 187 -29.79 9.84 -4.09
CA PRO D 187 -30.96 9.81 -4.96
C PRO D 187 -31.88 8.62 -4.65
N TRP D 188 -32.84 8.40 -5.55
CA TRP D 188 -33.99 7.56 -5.29
C TRP D 188 -33.94 6.21 -6.00
N ASN D 189 -32.97 6.01 -6.90
CA ASN D 189 -32.95 4.80 -7.71
C ASN D 189 -32.70 3.51 -6.94
N TYR D 190 -31.73 3.51 -6.03
CA TYR D 190 -31.60 2.41 -5.04
C TYR D 190 -31.50 3.03 -3.67
N PRO D 191 -32.66 3.34 -3.06
CA PRO D 191 -32.60 4.17 -1.86
C PRO D 191 -31.70 3.58 -0.76
N LEU D 192 -31.95 2.34 -0.34
CA LEU D 192 -31.16 1.76 0.73
C LEU D 192 -29.70 1.52 0.32
N MET D 193 -29.48 1.17 -0.95
CA MET D 193 -28.15 0.74 -1.39
C MET D 193 -27.22 1.93 -1.53
N MET D 194 -27.73 3.03 -2.08
CA MET D 194 -26.97 4.28 -2.16
C MET D 194 -26.67 4.85 -0.78
N LEU D 195 -27.63 4.74 0.14
CA LEU D 195 -27.42 5.12 1.52
C LEU D 195 -26.25 4.28 2.08
N SER D 196 -26.35 2.96 1.90
CA SER D 196 -25.42 2.00 2.46
C SER D 196 -23.99 2.16 1.93
N TRP D 197 -23.84 2.20 0.61
CA TRP D 197 -22.54 2.48 -0.02
C TRP D 197 -21.81 3.58 0.71
N LYS D 198 -22.44 4.75 0.82
CA LYS D 198 -21.75 5.90 1.34
C LYS D 198 -21.64 5.88 2.87
N THR D 199 -22.70 5.42 3.55
CA THR D 199 -22.75 5.47 5.01
C THR D 199 -21.75 4.47 5.61
N ALA D 200 -21.64 3.30 5.00
CA ALA D 200 -20.71 2.27 5.46
C ALA D 200 -19.28 2.81 5.46
N ALA D 201 -18.86 3.43 4.35
CA ALA D 201 -17.50 3.99 4.27
C ALA D 201 -17.32 5.12 5.27
N CYS D 202 -18.33 5.96 5.39
CA CYS D 202 -18.32 7.09 6.28
C CYS D 202 -18.13 6.66 7.75
N LEU D 203 -18.94 5.71 8.18
CA LEU D 203 -18.89 5.25 9.56
C LEU D 203 -17.63 4.43 9.80
N ALA D 204 -17.21 3.62 8.82
CA ALA D 204 -16.03 2.78 9.01
C ALA D 204 -14.78 3.63 9.28
N ALA D 205 -14.77 4.83 8.68
CA ALA D 205 -13.67 5.76 8.85
C ALA D 205 -13.76 6.55 10.16
N GLY D 206 -14.82 6.31 10.96
CA GLY D 206 -14.89 6.93 12.28
C GLY D 206 -15.71 8.21 12.37
N ASN D 207 -16.37 8.56 11.28
CA ASN D 207 -17.18 9.77 11.23
C ASN D 207 -18.59 9.58 11.81
N THR D 208 -19.31 10.68 11.94
CA THR D 208 -20.74 10.66 12.20
C THR D 208 -21.42 11.35 11.05
N VAL D 209 -22.73 11.15 10.92
CA VAL D 209 -23.38 11.49 9.67
C VAL D 209 -24.82 12.01 9.82
N VAL D 210 -25.15 12.97 8.96
CA VAL D 210 -26.52 13.37 8.71
C VAL D 210 -26.85 12.98 7.25
N ILE D 211 -27.86 12.14 7.08
CA ILE D 211 -28.24 11.62 5.79
C ILE D 211 -29.55 12.24 5.29
N LYS D 212 -29.55 12.68 4.04
CA LYS D 212 -30.75 13.15 3.35
C LYS D 212 -31.11 12.17 2.24
N PRO D 213 -32.11 11.30 2.48
CA PRO D 213 -32.58 10.50 1.35
C PRO D 213 -33.31 11.37 0.33
N ALA D 214 -33.46 10.88 -0.90
CA ALA D 214 -34.29 11.58 -1.90
C ALA D 214 -35.65 11.78 -1.24
N GLN D 215 -36.24 12.97 -1.37
CA GLN D 215 -37.56 13.15 -0.76
C GLN D 215 -38.56 12.05 -1.15
N VAL D 216 -38.54 11.62 -2.42
CA VAL D 216 -39.53 10.65 -2.90
C VAL D 216 -39.38 9.23 -2.34
N THR D 217 -38.23 8.92 -1.73
CA THR D 217 -37.98 7.55 -1.22
C THR D 217 -37.33 7.52 0.17
N PRO D 218 -38.11 7.85 1.23
CA PRO D 218 -37.57 7.90 2.57
C PRO D 218 -37.65 6.62 3.38
N LEU D 219 -38.40 5.62 2.90
CA LEU D 219 -38.83 4.58 3.83
C LEU D 219 -37.74 3.60 4.29
N THR D 220 -36.95 3.05 3.37
CA THR D 220 -35.89 2.12 3.83
C THR D 220 -34.82 2.85 4.66
N ALA D 221 -34.60 4.15 4.38
CA ALA D 221 -33.67 4.93 5.19
C ALA D 221 -34.12 4.97 6.65
N LEU D 222 -35.43 5.23 6.83
CA LEU D 222 -36.01 5.35 8.18
C LEU D 222 -36.01 4.01 8.86
N LYS D 223 -36.31 2.95 8.11
CA LYS D 223 -36.22 1.62 8.70
C LYS D 223 -34.75 1.32 9.08
N PHE D 224 -33.83 1.64 8.18
CA PHE D 224 -32.40 1.49 8.47
C PHE D 224 -32.05 2.23 9.77
N ALA D 225 -32.57 3.46 9.93
CA ALA D 225 -32.37 4.23 11.16
C ALA D 225 -32.74 3.41 12.41
N GLU D 226 -33.91 2.75 12.35
CA GLU D 226 -34.35 1.92 13.45
C GLU D 226 -33.35 0.79 13.68
N LEU D 227 -32.84 0.22 12.60
CA LEU D 227 -31.90 -0.90 12.72
C LEU D 227 -30.57 -0.52 13.35
N THR D 228 -30.17 0.75 13.22
CA THR D 228 -28.96 1.20 13.89
C THR D 228 -29.15 1.11 15.41
N LEU D 229 -30.36 1.42 15.88
CA LEU D 229 -30.69 1.28 17.32
C LEU D 229 -30.55 -0.16 17.76
N LYS D 230 -31.09 -1.09 16.97
CA LYS D 230 -31.04 -2.52 17.29
C LYS D 230 -29.61 -3.02 17.35
N ALA D 231 -28.74 -2.45 16.52
CA ALA D 231 -27.34 -2.88 16.43
C ALA D 231 -26.44 -2.23 17.49
N GLY D 232 -26.96 -1.26 18.22
CA GLY D 232 -26.22 -0.59 19.28
C GLY D 232 -25.34 0.56 18.82
N ILE D 233 -25.63 1.14 17.65
CA ILE D 233 -24.88 2.29 17.20
C ILE D 233 -25.19 3.45 18.14
N PRO D 234 -24.16 4.07 18.77
CA PRO D 234 -24.39 5.16 19.71
C PRO D 234 -25.27 6.24 19.11
N LYS D 235 -26.10 6.87 19.94
N LYS D 235 -26.10 6.87 19.95
CA LYS D 235 -27.09 7.83 19.45
CA LYS D 235 -27.02 7.89 19.50
C LYS D 235 -26.39 9.12 18.97
C LYS D 235 -26.26 9.03 18.85
N GLY D 236 -26.85 9.64 17.83
CA GLY D 236 -26.25 10.78 17.15
C GLY D 236 -25.24 10.44 16.06
N VAL D 237 -24.82 9.18 15.99
CA VAL D 237 -23.85 8.76 14.97
C VAL D 237 -24.51 8.76 13.59
N VAL D 238 -25.74 8.24 13.51
CA VAL D 238 -26.54 8.24 12.30
C VAL D 238 -27.79 9.10 12.53
N ASN D 239 -28.01 10.07 11.65
CA ASN D 239 -29.19 10.93 11.73
C ASN D 239 -29.76 11.03 10.33
N ILE D 240 -31.08 10.95 10.23
CA ILE D 240 -31.73 10.83 8.92
C ILE D 240 -32.89 11.83 8.78
N LEU D 241 -32.84 12.58 7.68
CA LEU D 241 -33.74 13.72 7.48
C LEU D 241 -34.48 13.70 6.14
N PRO D 242 -35.63 12.97 6.06
CA PRO D 242 -36.47 13.12 4.86
C PRO D 242 -36.84 14.58 4.64
N GLY D 243 -36.79 15.01 3.39
CA GLY D 243 -37.01 16.42 3.06
C GLY D 243 -36.41 16.75 1.71
N SER D 244 -36.55 18.00 1.30
CA SER D 244 -36.14 18.40 -0.05
C SER D 244 -34.66 18.76 -0.11
N GLY D 245 -34.08 18.59 -1.28
CA GLY D 245 -32.71 19.01 -1.51
C GLY D 245 -32.53 20.51 -1.35
N SER D 246 -33.48 21.29 -1.85
CA SER D 246 -33.30 22.74 -1.85
C SER D 246 -33.37 23.34 -0.45
N LEU D 247 -33.92 22.59 0.49
CA LEU D 247 -33.99 23.05 1.88
C LEU D 247 -32.99 22.29 2.78
N VAL D 248 -33.20 20.99 2.94
CA VAL D 248 -32.39 20.18 3.85
C VAL D 248 -30.99 19.96 3.30
N GLY D 249 -30.94 19.53 2.04
CA GLY D 249 -29.66 19.29 1.37
C GLY D 249 -28.83 20.54 1.34
N GLN D 250 -29.49 21.65 1.01
CA GLN D 250 -28.83 22.95 0.93
C GLN D 250 -28.23 23.35 2.26
N ARG D 251 -28.98 23.16 3.35
CA ARG D 251 -28.50 23.55 4.67
C ARG D 251 -27.29 22.71 5.08
N LEU D 252 -27.31 21.41 4.77
CA LEU D 252 -26.16 20.54 5.03
C LEU D 252 -24.90 21.05 4.34
N SER D 253 -25.04 21.47 3.10
CA SER D 253 -23.89 21.94 2.34
C SER D 253 -23.40 23.28 2.86
N ASP D 254 -24.28 24.04 3.50
CA ASP D 254 -23.94 25.38 4.00
C ASP D 254 -23.42 25.34 5.42
N HIS D 255 -23.67 24.24 6.13
CA HIS D 255 -23.53 24.25 7.57
C HIS D 255 -22.05 24.39 8.03
N PRO D 256 -21.79 25.29 9.01
CA PRO D 256 -20.39 25.53 9.36
C PRO D 256 -19.75 24.37 10.14
N ASP D 257 -20.54 23.43 10.64
CA ASP D 257 -20.00 22.27 11.38
C ASP D 257 -19.95 20.97 10.58
N VAL D 258 -20.44 20.99 9.35
CA VAL D 258 -20.30 19.83 8.45
C VAL D 258 -18.97 20.03 7.74
N ARG D 259 -18.16 18.98 7.65
CA ARG D 259 -16.79 19.12 7.11
C ARG D 259 -16.58 18.36 5.81
N LYS D 260 -17.60 17.62 5.39
CA LYS D 260 -17.54 16.80 4.17
C LYS D 260 -18.95 16.51 3.69
N ILE D 261 -19.20 16.72 2.40
CA ILE D 261 -20.43 16.25 1.76
C ILE D 261 -20.14 15.06 0.85
N GLY D 262 -20.88 13.97 1.03
CA GLY D 262 -20.86 12.88 0.06
C GLY D 262 -22.13 12.97 -0.77
N PHE D 263 -21.99 13.22 -2.08
CA PHE D 263 -23.14 13.43 -2.98
C PHE D 263 -23.21 12.46 -4.16
N THR D 264 -24.42 11.92 -4.36
CA THR D 264 -24.75 11.16 -5.56
C THR D 264 -26.07 11.70 -6.14
N GLY D 265 -26.08 12.05 -7.42
CA GLY D 265 -27.26 12.60 -8.08
C GLY D 265 -26.91 13.16 -9.44
N SER D 266 -27.64 14.20 -9.86
CA SER D 266 -27.45 14.75 -11.19
C SER D 266 -26.24 15.65 -11.22
N THR D 267 -25.67 15.80 -12.41
CA THR D 267 -24.54 16.69 -12.63
C THR D 267 -24.85 18.16 -12.23
N GLU D 268 -26.04 18.66 -12.56
CA GLU D 268 -26.35 20.07 -12.27
C GLU D 268 -26.53 20.36 -10.78
N VAL D 269 -27.09 19.41 -10.02
CA VAL D 269 -27.17 19.55 -8.57
C VAL D 269 -25.76 19.35 -7.94
N GLY D 270 -24.97 18.47 -8.55
CA GLY D 270 -23.57 18.27 -8.16
C GLY D 270 -22.78 19.56 -8.22
N LYS D 271 -22.92 20.29 -9.33
CA LYS D 271 -22.28 21.59 -9.51
C LYS D 271 -22.70 22.54 -8.40
N HIS D 272 -24.01 22.59 -8.13
CA HIS D 272 -24.52 23.47 -7.08
C HIS D 272 -24.02 23.09 -5.69
N ILE D 273 -23.98 21.77 -5.40
CA ILE D 273 -23.49 21.26 -4.11
C ILE D 273 -22.03 21.67 -3.87
N MET D 274 -21.20 21.47 -4.90
CA MET D 274 -19.80 21.80 -4.83
C MET D 274 -19.60 23.31 -4.64
N LYS D 275 -20.37 24.11 -5.37
CA LYS D 275 -20.38 25.55 -5.18
C LYS D 275 -20.72 25.92 -3.74
N SER D 276 -21.73 25.27 -3.18
CA SER D 276 -22.17 25.55 -1.81
C SER D 276 -21.12 25.14 -0.77
N CYS D 277 -20.39 24.05 -1.04
CA CYS D 277 -19.32 23.60 -0.15
C CYS D 277 -18.24 24.66 -0.11
N ALA D 278 -17.92 25.22 -1.27
CA ALA D 278 -16.89 26.24 -1.42
C ALA D 278 -17.24 27.50 -0.62
N LEU D 279 -18.46 27.98 -0.78
CA LEU D 279 -18.86 29.30 -0.31
C LEU D 279 -19.07 29.36 1.19
N SER D 280 -19.30 28.21 1.82
CA SER D 280 -19.42 28.17 3.28
C SER D 280 -18.04 28.03 3.96
N ASN D 281 -17.53 26.78 4.10
CA ASN D 281 -16.30 26.52 4.86
C ASN D 281 -15.28 25.57 4.17
N VAL D 282 -15.23 25.65 2.84
CA VAL D 282 -14.49 24.70 2.01
C VAL D 282 -14.57 23.27 2.50
N LYS D 283 -15.76 22.83 2.87
CA LYS D 283 -15.93 21.41 3.22
C LYS D 283 -15.53 20.49 2.04
N LYS D 284 -14.96 19.35 2.34
CA LYS D 284 -14.65 18.39 1.28
C LYS D 284 -15.93 17.89 0.60
N VAL D 285 -15.79 17.52 -0.67
CA VAL D 285 -16.94 17.01 -1.41
C VAL D 285 -16.49 15.87 -2.33
N SER D 286 -17.34 14.86 -2.46
CA SER D 286 -17.23 13.86 -3.51
C SER D 286 -18.53 13.88 -4.30
N LEU D 287 -18.41 13.68 -5.61
CA LEU D 287 -19.51 13.77 -6.55
C LEU D 287 -19.61 12.53 -7.45
N GLU D 288 -20.75 11.84 -7.36
CA GLU D 288 -21.11 10.72 -8.24
C GLU D 288 -22.30 11.27 -9.04
N LEU D 289 -22.04 11.62 -10.30
CA LEU D 289 -22.99 12.41 -11.09
C LEU D 289 -23.61 11.58 -12.22
N GLY D 290 -24.05 12.20 -13.30
CA GLY D 290 -24.70 11.41 -14.35
C GLY D 290 -23.82 10.45 -15.14
N GLY D 291 -24.46 9.69 -16.03
CA GLY D 291 -23.74 8.87 -17.02
C GLY D 291 -24.39 8.83 -18.40
N LYS D 292 -23.56 8.73 -19.44
CA LYS D 292 -24.00 8.38 -20.77
C LYS D 292 -23.04 7.31 -21.26
N SER D 293 -23.16 6.14 -20.63
CA SER D 293 -22.13 5.10 -20.72
C SER D 293 -22.20 4.27 -22.00
N PRO D 294 -21.09 4.21 -22.76
CA PRO D 294 -21.16 3.45 -24.02
C PRO D 294 -20.84 1.99 -23.86
N LEU D 295 -21.53 1.16 -24.64
CA LEU D 295 -21.26 -0.27 -24.72
C LEU D 295 -20.96 -0.59 -26.17
N ILE D 296 -19.75 -1.09 -26.43
CA ILE D 296 -19.30 -1.37 -27.80
C ILE D 296 -19.33 -2.88 -28.00
N ILE D 297 -20.11 -3.32 -28.98
CA ILE D 297 -20.33 -4.75 -29.21
C ILE D 297 -19.74 -5.11 -30.57
N PHE D 298 -18.64 -5.85 -30.55
CA PHE D 298 -17.96 -6.30 -31.77
C PHE D 298 -18.55 -7.59 -32.33
N ALA D 299 -18.39 -7.76 -33.64
CA ALA D 299 -18.92 -8.91 -34.37
C ALA D 299 -18.34 -10.23 -33.84
N ASP D 300 -17.12 -10.19 -33.32
CA ASP D 300 -16.53 -11.42 -32.82
C ASP D 300 -16.94 -11.81 -31.41
N CYS D 301 -17.93 -11.14 -30.83
CA CYS D 301 -18.42 -11.51 -29.48
C CYS D 301 -19.30 -12.77 -29.54
N ASP D 302 -19.66 -13.29 -28.37
CA ASP D 302 -20.67 -14.34 -28.27
C ASP D 302 -22.00 -13.61 -28.35
N LEU D 303 -22.71 -13.81 -29.45
CA LEU D 303 -23.85 -12.95 -29.76
C LEU D 303 -25.02 -13.16 -28.80
N ASN D 304 -25.29 -14.39 -28.42
CA ASN D 304 -26.42 -14.63 -27.53
C ASN D 304 -26.17 -14.02 -26.15
N LYS D 305 -24.94 -14.17 -25.66
CA LYS D 305 -24.53 -13.56 -24.41
C LYS D 305 -24.54 -12.02 -24.48
N ALA D 306 -24.15 -11.47 -25.63
CA ALA D 306 -24.20 -10.03 -25.86
C ALA D 306 -25.64 -9.50 -25.79
N VAL D 307 -26.58 -10.30 -26.28
CA VAL D 307 -27.98 -9.91 -26.19
C VAL D 307 -28.43 -9.89 -24.72
N GLN D 308 -28.13 -10.96 -23.99
CA GLN D 308 -28.52 -11.05 -22.58
C GLN D 308 -27.88 -9.95 -21.73
N MET D 309 -26.56 -9.77 -21.84
CA MET D 309 -25.85 -8.74 -21.10
C MET D 309 -26.23 -7.36 -21.62
N GLY D 310 -26.48 -7.25 -22.93
CA GLY D 310 -26.93 -6.01 -23.55
C GLY D 310 -28.27 -5.60 -23.00
N MET D 311 -29.20 -6.55 -22.90
CA MET D 311 -30.50 -6.36 -22.28
C MET D 311 -30.34 -5.82 -20.88
N SER D 312 -29.53 -6.52 -20.09
CA SER D 312 -29.34 -6.21 -18.69
C SER D 312 -28.71 -4.83 -18.49
N SER D 313 -27.76 -4.46 -19.36
CA SER D 313 -27.07 -3.18 -19.28
C SER D 313 -28.01 -1.97 -19.39
N VAL D 314 -29.13 -2.17 -20.09
CA VAL D 314 -30.12 -1.11 -20.22
C VAL D 314 -31.27 -1.29 -19.23
N PHE D 315 -31.82 -2.49 -19.15
CA PHE D 315 -33.10 -2.67 -18.47
C PHE D 315 -33.01 -2.95 -16.97
N PHE D 316 -31.82 -3.31 -16.49
CA PHE D 316 -31.64 -3.59 -15.06
C PHE D 316 -32.25 -2.50 -14.18
N ASN D 317 -33.00 -2.91 -13.16
CA ASN D 317 -33.67 -1.98 -12.25
C ASN D 317 -34.49 -0.91 -13.01
N LYS D 318 -35.30 -1.35 -13.98
CA LYS D 318 -36.06 -0.45 -14.89
C LYS D 318 -35.24 0.71 -15.44
N GLY D 319 -33.96 0.44 -15.76
CA GLY D 319 -33.06 1.46 -16.29
C GLY D 319 -32.67 2.57 -15.33
N GLU D 320 -33.13 2.50 -14.08
CA GLU D 320 -32.84 3.53 -13.07
C GLU D 320 -31.51 3.18 -12.39
N ASN D 321 -30.44 3.46 -13.13
CA ASN D 321 -29.13 2.89 -12.89
C ASN D 321 -28.11 3.85 -13.49
N ALA D 322 -27.32 4.50 -12.63
CA ALA D 322 -26.40 5.52 -13.13
C ALA D 322 -25.40 5.01 -14.18
N ILE D 323 -25.07 3.72 -14.13
CA ILE D 323 -24.08 3.17 -15.06
C ILE D 323 -24.72 2.40 -16.23
N ALA D 324 -26.05 2.48 -16.38
CA ALA D 324 -26.75 1.89 -17.51
C ALA D 324 -26.05 2.24 -18.82
N ALA D 325 -25.91 1.28 -19.73
CA ALA D 325 -25.39 1.61 -21.03
C ALA D 325 -26.38 2.58 -21.69
N GLY D 326 -25.92 3.79 -21.96
CA GLY D 326 -26.74 4.83 -22.55
C GLY D 326 -26.64 4.91 -24.06
N ARG D 327 -25.67 4.19 -24.62
CA ARG D 327 -25.51 3.99 -26.07
C ARG D 327 -24.93 2.61 -26.22
N LEU D 328 -25.48 1.85 -27.17
CA LEU D 328 -24.87 0.61 -27.61
C LEU D 328 -24.41 0.84 -29.04
N PHE D 329 -23.14 0.56 -29.29
CA PHE D 329 -22.58 0.65 -30.63
C PHE D 329 -22.41 -0.79 -31.05
N VAL D 330 -23.06 -1.16 -32.14
CA VAL D 330 -23.02 -2.56 -32.58
C VAL D 330 -22.38 -2.61 -33.97
N GLU D 331 -21.42 -3.52 -34.13
CA GLU D 331 -20.66 -3.63 -35.37
C GLU D 331 -21.61 -3.98 -36.53
N GLU D 332 -21.41 -3.33 -37.67
CA GLU D 332 -22.32 -3.48 -38.83
C GLU D 332 -22.77 -4.92 -39.13
N SER D 333 -21.84 -5.86 -39.21
CA SER D 333 -22.20 -7.21 -39.66
C SER D 333 -23.13 -7.99 -38.73
N ILE D 334 -23.25 -7.57 -37.47
CA ILE D 334 -24.16 -8.27 -36.52
C ILE D 334 -25.30 -7.38 -36.03
N HIS D 335 -25.34 -6.13 -36.49
CA HIS D 335 -26.32 -5.14 -35.99
C HIS D 335 -27.76 -5.61 -36.11
N ASN D 336 -28.15 -5.97 -37.34
CA ASN D 336 -29.55 -6.33 -37.62
C ASN D 336 -29.94 -7.58 -36.84
N GLN D 337 -29.06 -8.58 -36.83
CA GLN D 337 -29.31 -9.78 -36.05
C GLN D 337 -29.40 -9.50 -34.52
N PHE D 338 -28.57 -8.58 -34.03
CA PHE D 338 -28.59 -8.17 -32.62
C PHE D 338 -29.91 -7.52 -32.29
N VAL D 339 -30.34 -6.54 -33.09
CA VAL D 339 -31.63 -5.90 -32.87
C VAL D 339 -32.77 -6.94 -32.89
N GLN D 340 -32.74 -7.85 -33.87
CA GLN D 340 -33.77 -8.89 -34.01
C GLN D 340 -33.93 -9.66 -32.69
N LYS D 341 -32.80 -10.14 -32.16
CA LYS D 341 -32.78 -10.91 -30.92
C LYS D 341 -33.16 -10.07 -29.69
N VAL D 342 -32.81 -8.79 -29.69
CA VAL D 342 -33.17 -7.91 -28.57
C VAL D 342 -34.69 -7.78 -28.50
N VAL D 343 -35.31 -7.52 -29.65
CA VAL D 343 -36.77 -7.42 -29.74
C VAL D 343 -37.46 -8.71 -29.26
N GLU D 344 -36.96 -9.86 -29.68
CA GLU D 344 -37.49 -11.14 -29.20
C GLU D 344 -37.49 -11.22 -27.67
N GLU D 345 -36.35 -10.88 -27.07
CA GLU D 345 -36.18 -10.94 -25.62
C GLU D 345 -36.98 -9.86 -24.89
N VAL D 346 -37.01 -8.65 -25.44
CA VAL D 346 -37.84 -7.57 -24.89
C VAL D 346 -39.32 -8.02 -24.77
N GLU D 347 -39.79 -8.74 -25.78
CA GLU D 347 -41.17 -9.22 -25.80
C GLU D 347 -41.48 -10.24 -24.69
N LYS D 348 -40.47 -10.91 -24.18
CA LYS D 348 -40.69 -11.88 -23.10
C LYS D 348 -40.72 -11.26 -21.72
N MET D 349 -40.37 -9.98 -21.61
CA MET D 349 -40.36 -9.33 -20.30
C MET D 349 -41.73 -9.21 -19.67
N LYS D 350 -41.88 -9.69 -18.45
CA LYS D 350 -43.15 -9.52 -17.77
C LYS D 350 -43.20 -8.24 -16.94
N ILE D 351 -44.08 -7.34 -17.36
CA ILE D 351 -44.31 -6.10 -16.68
C ILE D 351 -45.41 -6.31 -15.64
N GLY D 352 -45.20 -5.83 -14.42
CA GLY D 352 -46.19 -5.95 -13.38
C GLY D 352 -45.79 -5.41 -12.01
N ASN D 353 -46.59 -5.78 -11.01
CA ASN D 353 -46.39 -5.41 -9.62
C ASN D 353 -45.07 -6.03 -9.14
N PRO D 354 -44.18 -5.21 -8.53
CA PRO D 354 -42.86 -5.67 -8.04
C PRO D 354 -42.94 -6.82 -7.02
N LEU D 355 -44.07 -6.93 -6.31
CA LEU D 355 -44.28 -8.00 -5.34
C LEU D 355 -44.65 -9.35 -5.97
N GLU D 356 -45.01 -9.36 -7.25
CA GLU D 356 -45.35 -10.61 -7.93
C GLU D 356 -44.08 -11.27 -8.43
N ARG D 357 -43.92 -12.56 -8.14
CA ARG D 357 -42.67 -13.28 -8.40
C ARG D 357 -42.30 -13.42 -9.87
N ASP D 358 -43.28 -13.42 -10.77
CA ASP D 358 -42.98 -13.54 -12.20
C ASP D 358 -42.65 -12.19 -12.86
N THR D 359 -42.85 -11.09 -12.13
CA THR D 359 -42.52 -9.76 -12.66
C THR D 359 -41.02 -9.65 -12.92
N ASN D 360 -40.65 -9.12 -14.07
CA ASN D 360 -39.26 -8.73 -14.22
C ASN D 360 -39.05 -7.31 -14.67
N HIS D 361 -40.12 -6.56 -14.86
CA HIS D 361 -39.99 -5.14 -15.12
C HIS D 361 -41.03 -4.43 -14.29
N GLY D 362 -40.56 -3.71 -13.28
CA GLY D 362 -41.43 -3.01 -12.36
C GLY D 362 -41.66 -1.62 -12.87
N PRO D 363 -42.42 -0.81 -12.10
CA PRO D 363 -42.75 0.55 -12.48
C PRO D 363 -41.57 1.49 -12.28
N GLN D 364 -41.61 2.65 -12.91
CA GLN D 364 -40.63 3.69 -12.70
C GLN D 364 -40.83 4.30 -11.31
N ASN D 365 -39.78 4.95 -10.80
CA ASN D 365 -39.71 5.28 -9.40
C ASN D 365 -40.82 6.20 -8.93
N HIS D 366 -41.09 7.23 -9.72
CA HIS D 366 -42.11 8.22 -9.39
C HIS D 366 -42.60 8.91 -10.67
N GLU D 367 -43.67 9.69 -10.52
CA GLU D 367 -44.40 10.25 -11.64
C GLU D 367 -43.61 11.25 -12.47
N ALA D 368 -43.00 12.22 -11.79
CA ALA D 368 -42.18 13.21 -12.49
C ALA D 368 -41.14 12.53 -13.39
N HIS D 369 -40.57 11.42 -12.90
CA HIS D 369 -39.59 10.69 -13.72
C HIS D 369 -40.25 10.02 -14.93
N LEU D 370 -41.37 9.33 -14.71
CA LEU D 370 -42.19 8.83 -15.82
C LEU D 370 -42.46 9.91 -16.90
N ARG D 371 -42.83 11.12 -16.49
CA ARG D 371 -43.08 12.22 -17.44
C ARG D 371 -41.86 12.52 -18.30
N LYS D 372 -40.71 12.59 -17.65
CA LYS D 372 -39.44 12.87 -18.32
C LYS D 372 -39.14 11.78 -19.36
N LEU D 373 -39.36 10.52 -19.00
CA LEU D 373 -39.13 9.44 -19.94
C LEU D 373 -40.03 9.54 -21.19
N VAL D 374 -41.29 9.96 -20.97
CA VAL D 374 -42.24 10.13 -22.08
C VAL D 374 -41.71 11.20 -23.04
N GLU D 375 -41.32 12.35 -22.47
CA GLU D 375 -40.77 13.47 -23.24
C GLU D 375 -39.48 13.09 -23.95
N TYR D 376 -38.63 12.35 -23.24
CA TYR D 376 -37.35 11.90 -23.78
C TYR D 376 -37.61 11.16 -25.09
N CYS D 377 -38.50 10.18 -25.06
CA CYS D 377 -38.82 9.39 -26.26
C CYS D 377 -39.56 10.18 -27.35
N GLN D 378 -40.41 11.14 -26.98
CA GLN D 378 -41.02 12.00 -27.97
C GLN D 378 -39.92 12.69 -28.77
N ARG D 379 -38.94 13.23 -28.06
CA ARG D 379 -37.83 13.94 -28.69
C ARG D 379 -37.00 13.02 -29.57
N GLY D 380 -36.83 11.78 -29.12
CA GLY D 380 -36.09 10.80 -29.90
C GLY D 380 -36.74 10.60 -31.25
N VAL D 381 -38.06 10.46 -31.26
CA VAL D 381 -38.81 10.25 -32.50
C VAL D 381 -38.77 11.52 -33.35
N LYS D 382 -38.96 12.66 -32.71
CA LYS D 382 -38.92 13.93 -33.40
C LYS D 382 -37.60 14.15 -34.16
N GLU D 383 -36.48 13.72 -33.58
CA GLU D 383 -35.17 14.04 -34.15
C GLU D 383 -34.71 13.00 -35.17
N GLY D 384 -35.52 11.98 -35.39
CA GLY D 384 -35.31 11.09 -36.53
C GLY D 384 -34.88 9.68 -36.22
N ALA D 385 -34.73 9.35 -34.93
CA ALA D 385 -34.36 7.96 -34.59
C ALA D 385 -35.52 7.00 -34.85
N THR D 386 -35.21 5.75 -35.15
CA THR D 386 -36.21 4.74 -35.38
C THR D 386 -36.66 4.13 -34.05
N LEU D 387 -37.93 4.33 -33.69
CA LEU D 387 -38.47 3.69 -32.51
C LEU D 387 -38.95 2.29 -32.84
N VAL D 388 -38.17 1.28 -32.44
CA VAL D 388 -38.50 -0.11 -32.73
C VAL D 388 -39.62 -0.65 -31.84
N CYS D 389 -39.60 -0.31 -30.55
CA CYS D 389 -40.68 -0.68 -29.63
C CYS D 389 -40.70 0.22 -28.39
N GLY D 390 -41.83 0.23 -27.68
CA GLY D 390 -42.00 0.99 -26.45
C GLY D 390 -42.00 2.48 -26.68
N GLY D 391 -41.50 3.23 -25.71
CA GLY D 391 -41.46 4.67 -25.77
C GLY D 391 -42.57 5.34 -24.98
N ASN D 392 -43.48 4.53 -24.42
CA ASN D 392 -44.71 5.05 -23.82
C ASN D 392 -44.99 4.54 -22.41
N GLN D 393 -45.74 5.32 -21.64
CA GLN D 393 -46.35 4.80 -20.41
C GLN D 393 -47.22 3.57 -20.72
N VAL D 394 -47.03 2.48 -19.97
CA VAL D 394 -47.91 1.33 -20.08
C VAL D 394 -49.30 1.73 -19.58
N PRO D 395 -50.37 1.38 -20.34
CA PRO D 395 -51.73 1.69 -19.87
C PRO D 395 -52.14 0.79 -18.70
N ARG D 396 -51.96 1.33 -17.50
CA ARG D 396 -52.35 0.70 -16.26
C ARG D 396 -52.12 1.70 -15.16
N PRO D 397 -52.66 1.44 -13.96
CA PRO D 397 -52.37 2.41 -12.89
C PRO D 397 -50.87 2.39 -12.52
N GLY D 398 -50.44 3.43 -11.83
CA GLY D 398 -49.04 3.56 -11.45
C GLY D 398 -48.26 4.23 -12.55
N PHE D 399 -46.94 4.02 -12.54
CA PHE D 399 -46.05 4.78 -13.43
C PHE D 399 -45.12 3.85 -14.18
N PHE D 400 -45.72 2.91 -14.92
CA PHE D 400 -45.00 1.91 -15.69
C PHE D 400 -44.61 2.45 -17.07
N PHE D 401 -43.43 2.08 -17.54
CA PHE D 401 -42.92 2.57 -18.82
C PHE D 401 -42.48 1.37 -19.63
N GLN D 402 -42.95 1.33 -20.88
CA GLN D 402 -42.70 0.18 -21.76
C GLN D 402 -41.21 0.10 -22.15
N PRO D 403 -40.59 -1.09 -22.00
CA PRO D 403 -39.18 -1.19 -22.41
C PRO D 403 -39.02 -0.75 -23.87
N THR D 404 -38.01 0.08 -24.09
CA THR D 404 -37.88 0.86 -25.32
C THR D 404 -36.58 0.55 -26.06
N VAL D 405 -36.66 0.46 -27.39
CA VAL D 405 -35.50 0.25 -28.25
C VAL D 405 -35.54 1.25 -29.38
N PHE D 406 -34.48 2.04 -29.50
CA PHE D 406 -34.27 2.96 -30.61
C PHE D 406 -33.10 2.45 -31.45
N THR D 407 -33.20 2.57 -32.77
CA THR D 407 -32.09 2.31 -33.67
C THR D 407 -31.88 3.53 -34.56
N ASP D 408 -30.94 3.41 -35.51
CA ASP D 408 -30.54 4.53 -36.37
C ASP D 408 -30.27 5.80 -35.58
N VAL D 409 -29.60 5.64 -34.43
CA VAL D 409 -29.26 6.80 -33.61
C VAL D 409 -27.93 7.41 -34.08
N GLU D 410 -27.95 8.71 -34.35
CA GLU D 410 -26.81 9.41 -34.89
C GLU D 410 -26.21 10.29 -33.79
N ASP D 411 -24.89 10.47 -33.85
CA ASP D 411 -24.13 11.13 -32.78
C ASP D 411 -24.62 12.52 -32.39
N HIS D 412 -25.20 13.27 -33.35
CA HIS D 412 -25.69 14.62 -33.05
C HIS D 412 -27.01 14.62 -32.27
N MET D 413 -27.68 13.47 -32.19
CA MET D 413 -29.02 13.44 -31.59
C MET D 413 -29.01 13.63 -30.08
N TYR D 414 -30.02 14.35 -29.62
CA TYR D 414 -30.29 14.52 -28.21
C TYR D 414 -30.16 13.21 -27.44
N ILE D 415 -30.80 12.16 -27.92
CA ILE D 415 -30.82 10.91 -27.17
C ILE D 415 -29.47 10.17 -27.24
N ALA D 416 -28.58 10.66 -28.10
CA ALA D 416 -27.20 10.18 -28.13
C ALA D 416 -26.33 10.91 -27.08
N LYS D 417 -26.83 12.03 -26.56
CA LYS D 417 -26.06 12.86 -25.65
C LYS D 417 -26.56 12.81 -24.23
N GLU D 418 -27.87 12.76 -24.07
CA GLU D 418 -28.52 12.98 -22.78
C GLU D 418 -28.87 11.66 -22.11
C GLU D 418 -28.84 11.65 -22.11
N GLU D 419 -28.71 11.62 -20.79
CA GLU D 419 -29.00 10.44 -19.99
C GLU D 419 -30.53 10.28 -19.81
N SER D 420 -31.07 9.11 -20.15
CA SER D 420 -32.51 8.86 -19.94
C SER D 420 -32.81 8.42 -18.51
N PHE D 421 -31.96 7.56 -17.97
CA PHE D 421 -32.17 6.97 -16.65
C PHE D 421 -33.46 6.17 -16.65
N GLY D 422 -33.80 5.58 -17.80
CA GLY D 422 -35.01 4.77 -17.95
C GLY D 422 -34.71 3.62 -18.87
N PRO D 423 -35.69 2.71 -19.11
CA PRO D 423 -35.43 1.49 -19.85
C PRO D 423 -35.47 1.68 -21.36
N ILE D 424 -34.45 2.35 -21.88
CA ILE D 424 -34.42 2.81 -23.25
C ILE D 424 -33.07 2.46 -23.90
N MET D 425 -33.06 1.38 -24.67
CA MET D 425 -31.87 0.97 -25.41
C MET D 425 -31.68 1.81 -26.67
N ILE D 426 -30.52 2.46 -26.78
CA ILE D 426 -30.25 3.46 -27.80
C ILE D 426 -29.09 2.99 -28.68
N ILE D 427 -29.40 2.48 -29.87
CA ILE D 427 -28.45 1.71 -30.70
C ILE D 427 -27.92 2.46 -31.93
N SER D 428 -26.58 2.44 -32.08
CA SER D 428 -25.93 2.98 -33.28
C SER D 428 -25.08 1.91 -33.92
N ARG D 429 -24.78 2.07 -35.22
CA ARG D 429 -23.89 1.14 -35.94
C ARG D 429 -22.50 1.72 -35.96
N PHE D 430 -21.52 0.85 -36.11
CA PHE D 430 -20.18 1.27 -36.56
C PHE D 430 -19.68 0.26 -37.59
N ALA D 431 -18.83 0.72 -38.51
CA ALA D 431 -18.38 -0.10 -39.64
C ALA D 431 -17.46 -1.21 -39.19
N ASP D 432 -17.58 -2.38 -39.81
CA ASP D 432 -16.69 -3.52 -39.54
C ASP D 432 -15.22 -3.13 -39.60
N GLY D 433 -14.46 -3.56 -38.60
CA GLY D 433 -13.03 -3.26 -38.52
C GLY D 433 -12.67 -1.87 -38.03
N ASP D 434 -13.66 -1.01 -37.80
CA ASP D 434 -13.36 0.31 -37.20
C ASP D 434 -13.16 0.04 -35.72
N VAL D 435 -12.16 0.67 -35.10
CA VAL D 435 -11.99 0.54 -33.65
C VAL D 435 -11.79 1.94 -33.08
N ASP D 436 -10.83 2.67 -33.63
CA ASP D 436 -10.60 4.04 -33.19
C ASP D 436 -11.77 4.97 -33.47
N ALA D 437 -12.47 4.73 -34.58
CA ALA D 437 -13.60 5.56 -34.93
C ALA D 437 -14.73 5.37 -33.93
N VAL D 438 -15.08 4.12 -33.63
CA VAL D 438 -16.14 3.91 -32.63
C VAL D 438 -15.72 4.41 -31.22
N LEU D 439 -14.46 4.19 -30.84
CA LEU D 439 -13.91 4.75 -29.60
C LEU D 439 -14.11 6.26 -29.49
N SER D 440 -13.81 6.98 -30.57
CA SER D 440 -14.00 8.43 -30.62
C SER D 440 -15.45 8.79 -30.34
N ARG D 441 -16.37 8.09 -31.02
CA ARG D 441 -17.78 8.36 -30.83
C ARG D 441 -18.23 8.07 -29.39
N ALA D 442 -17.70 6.96 -28.83
CA ALA D 442 -18.00 6.54 -27.47
C ALA D 442 -17.48 7.56 -26.43
N ASN D 443 -16.34 8.18 -26.73
CA ASN D 443 -15.71 9.15 -25.82
C ASN D 443 -16.17 10.58 -25.99
N ALA D 444 -16.98 10.86 -27.02
CA ALA D 444 -17.41 12.22 -27.32
C ALA D 444 -18.57 12.62 -26.43
N THR D 445 -18.34 12.63 -25.13
CA THR D 445 -19.38 12.99 -24.15
C THR D 445 -18.66 13.61 -22.96
N GLU D 446 -19.33 14.52 -22.26
CA GLU D 446 -18.77 15.10 -21.04
C GLU D 446 -18.96 14.19 -19.81
N PHE D 447 -19.69 13.08 -20.00
CA PHE D 447 -19.83 12.04 -18.98
C PHE D 447 -18.67 11.04 -19.07
N GLY D 448 -18.54 10.18 -18.06
CA GLY D 448 -17.44 9.24 -18.02
C GLY D 448 -17.55 8.35 -16.80
N LEU D 449 -18.75 7.81 -16.57
CA LEU D 449 -18.99 7.00 -15.40
C LEU D 449 -18.70 5.53 -15.62
N ALA D 450 -19.17 4.98 -16.73
CA ALA D 450 -18.94 3.56 -17.02
C ALA D 450 -18.92 3.33 -18.51
N SER D 451 -18.70 2.10 -18.90
CA SER D 451 -18.56 1.76 -20.30
C SER D 451 -18.41 0.26 -20.34
N GLY D 452 -18.46 -0.31 -21.54
CA GLY D 452 -18.31 -1.75 -21.69
C GLY D 452 -17.91 -2.12 -23.10
N VAL D 453 -17.33 -3.31 -23.25
CA VAL D 453 -16.97 -3.86 -24.54
C VAL D 453 -17.25 -5.36 -24.55
N PHE D 454 -17.89 -5.87 -25.61
CA PHE D 454 -18.07 -7.32 -25.79
C PHE D 454 -17.25 -7.73 -27.00
N THR D 455 -16.34 -8.67 -26.80
CA THR D 455 -15.48 -9.19 -27.86
C THR D 455 -14.72 -10.40 -27.32
N ARG D 456 -14.46 -11.38 -28.17
CA ARG D 456 -13.66 -12.54 -27.75
C ARG D 456 -12.16 -12.28 -27.99
N ASP D 457 -11.85 -11.16 -28.64
CA ASP D 457 -10.47 -10.81 -28.98
C ASP D 457 -9.73 -10.10 -27.82
N ILE D 458 -8.73 -10.79 -27.27
CA ILE D 458 -7.96 -10.24 -26.15
C ILE D 458 -7.33 -8.88 -26.46
N ASN D 459 -6.78 -8.73 -27.65
CA ASN D 459 -6.10 -7.50 -28.01
C ASN D 459 -7.06 -6.33 -28.10
N LYS D 460 -8.22 -6.56 -28.71
CA LYS D 460 -9.26 -5.56 -28.79
C LYS D 460 -9.82 -5.18 -27.41
N ALA D 461 -10.07 -6.19 -26.58
CA ALA D 461 -10.59 -5.93 -25.23
C ALA D 461 -9.64 -5.03 -24.42
N LEU D 462 -8.36 -5.36 -24.42
CA LEU D 462 -7.36 -4.62 -23.64
C LEU D 462 -7.15 -3.21 -24.19
N TYR D 463 -7.08 -3.10 -25.51
CA TYR D 463 -6.93 -1.81 -26.18
C TYR D 463 -8.14 -0.91 -25.95
N VAL D 464 -9.34 -1.46 -26.10
CA VAL D 464 -10.56 -0.67 -25.93
C VAL D 464 -10.70 -0.16 -24.49
N SER D 465 -10.35 -1.03 -23.54
CA SER D 465 -10.42 -0.65 -22.15
C SER D 465 -9.36 0.40 -21.76
N ASP D 466 -8.17 0.40 -22.40
CA ASP D 466 -7.23 1.55 -22.21
C ASP D 466 -7.88 2.85 -22.69
N LYS D 467 -8.53 2.80 -23.85
CA LYS D 467 -8.94 4.01 -24.55
C LYS D 467 -10.26 4.61 -24.08
N LEU D 468 -11.13 3.80 -23.48
CA LEU D 468 -12.41 4.31 -22.99
C LEU D 468 -12.20 5.30 -21.85
N GLN D 469 -12.83 6.46 -21.95
CA GLN D 469 -12.65 7.52 -20.98
C GLN D 469 -13.72 7.41 -19.87
N ALA D 470 -13.67 6.33 -19.10
CA ALA D 470 -14.71 6.07 -18.11
C ALA D 470 -14.11 5.43 -16.84
N GLY D 471 -14.70 5.79 -15.71
CA GLY D 471 -14.32 5.27 -14.39
C GLY D 471 -14.38 3.75 -14.21
N THR D 472 -15.31 3.11 -14.93
CA THR D 472 -15.39 1.64 -14.96
C THR D 472 -15.50 1.20 -16.42
N VAL D 473 -14.76 0.15 -16.76
CA VAL D 473 -14.92 -0.53 -18.05
C VAL D 473 -15.26 -1.98 -17.77
N PHE D 474 -16.43 -2.42 -18.25
CA PHE D 474 -16.82 -3.84 -18.21
C PHE D 474 -16.36 -4.54 -19.47
N ILE D 475 -15.86 -5.76 -19.32
CA ILE D 475 -15.38 -6.53 -20.46
C ILE D 475 -16.11 -7.87 -20.50
N ASN D 476 -16.95 -8.05 -21.52
CA ASN D 476 -17.77 -9.26 -21.65
C ASN D 476 -18.73 -9.51 -20.47
N THR D 477 -19.17 -8.41 -19.86
CA THR D 477 -20.17 -8.43 -18.80
C THR D 477 -20.69 -7.01 -18.69
N TYR D 478 -21.63 -6.77 -17.77
CA TYR D 478 -22.09 -5.41 -17.51
C TYR D 478 -22.80 -5.41 -16.16
N ASN D 479 -22.85 -4.25 -15.53
CA ASN D 479 -23.43 -4.09 -14.18
C ASN D 479 -22.77 -4.94 -13.10
N LYS D 480 -21.56 -5.39 -13.37
CA LYS D 480 -20.82 -6.17 -12.40
C LYS D 480 -20.09 -5.23 -11.42
N THR D 481 -20.86 -4.60 -10.54
CA THR D 481 -20.25 -3.86 -9.44
C THR D 481 -19.93 -4.82 -8.30
N ASP D 482 -19.08 -4.39 -7.39
CA ASP D 482 -18.71 -5.20 -6.24
C ASP D 482 -18.30 -4.24 -5.13
N VAL D 483 -18.61 -4.60 -3.88
CA VAL D 483 -18.30 -3.72 -2.75
C VAL D 483 -16.79 -3.45 -2.59
N ALA D 484 -15.95 -4.30 -3.19
CA ALA D 484 -14.51 -4.14 -3.07
C ALA D 484 -13.93 -3.37 -4.24
N ALA D 485 -14.77 -3.12 -5.25
CA ALA D 485 -14.33 -2.52 -6.51
C ALA D 485 -14.76 -1.06 -6.59
N PRO D 486 -13.79 -0.13 -6.59
CA PRO D 486 -14.12 1.30 -6.52
C PRO D 486 -14.95 1.77 -7.71
N PHE D 487 -15.84 2.72 -7.45
CA PHE D 487 -16.87 3.11 -8.40
C PHE D 487 -16.95 4.65 -8.37
N GLY D 488 -16.69 5.29 -9.51
CA GLY D 488 -16.75 6.76 -9.58
C GLY D 488 -16.46 7.22 -11.00
N GLY D 489 -16.71 8.50 -11.26
CA GLY D 489 -16.67 9.01 -12.63
C GLY D 489 -15.50 9.87 -12.97
N PHE D 490 -15.33 10.10 -14.27
CA PHE D 490 -14.36 11.06 -14.80
C PHE D 490 -15.16 12.21 -15.39
N LYS D 491 -14.45 13.28 -15.75
CA LYS D 491 -15.05 14.49 -16.37
C LYS D 491 -16.26 14.92 -15.55
N GLN D 492 -17.40 15.13 -16.22
CA GLN D 492 -18.58 15.67 -15.55
C GLN D 492 -19.43 14.61 -14.87
N SER D 493 -18.99 13.35 -14.91
CA SER D 493 -19.56 12.36 -14.00
C SER D 493 -19.03 12.48 -12.56
N GLY D 494 -18.18 13.47 -12.29
CA GLY D 494 -17.73 13.75 -10.92
C GLY D 494 -16.33 13.25 -10.55
N PHE D 495 -16.12 13.00 -9.25
CA PHE D 495 -14.82 12.57 -8.73
C PHE D 495 -15.01 11.92 -7.35
N GLY D 496 -14.06 11.07 -6.97
CA GLY D 496 -14.11 10.37 -5.70
C GLY D 496 -14.74 9.03 -5.95
N LYS D 497 -14.45 8.06 -5.08
CA LYS D 497 -14.99 6.71 -5.24
C LYS D 497 -15.95 6.34 -4.14
N ASP D 498 -16.98 5.60 -4.52
CA ASP D 498 -17.71 4.79 -3.58
C ASP D 498 -17.24 3.36 -3.78
N LEU D 499 -17.28 2.59 -2.70
CA LEU D 499 -16.86 1.19 -2.72
C LEU D 499 -15.35 1.07 -2.78
N GLY D 500 -14.86 -0.06 -2.29
CA GLY D 500 -13.44 -0.35 -2.33
C GLY D 500 -12.67 0.42 -1.28
N GLU D 501 -11.40 0.06 -1.15
CA GLU D 501 -10.50 0.78 -0.27
C GLU D 501 -10.50 2.28 -0.57
N ALA D 502 -10.50 2.64 -1.85
CA ALA D 502 -10.46 4.05 -2.28
C ALA D 502 -11.56 4.91 -1.68
N ALA D 503 -12.73 4.33 -1.40
CA ALA D 503 -13.85 5.08 -0.82
C ALA D 503 -13.48 5.72 0.52
N LEU D 504 -12.69 4.99 1.32
CA LEU D 504 -12.26 5.45 2.63
C LEU D 504 -11.53 6.81 2.59
N ASN D 505 -10.79 7.06 1.51
CA ASN D 505 -10.02 8.28 1.38
C ASN D 505 -10.85 9.57 1.39
N GLU D 506 -12.10 9.50 0.90
CA GLU D 506 -13.03 10.63 0.95
C GLU D 506 -13.49 10.96 2.38
N TYR D 507 -13.35 10.00 3.30
CA TYR D 507 -13.89 10.11 4.65
C TYR D 507 -12.78 10.15 5.71
N LEU D 508 -11.54 10.28 5.24
CA LEU D 508 -10.37 10.34 6.12
C LEU D 508 -9.56 11.60 5.82
N ARG D 509 -8.77 12.02 6.81
CA ARG D 509 -7.77 13.05 6.60
C ARG D 509 -6.42 12.50 7.07
N ILE D 510 -5.34 13.05 6.50
CA ILE D 510 -4.01 12.62 6.84
C ILE D 510 -3.33 13.73 7.64
N LYS D 511 -2.88 13.39 8.85
CA LYS D 511 -2.08 14.29 9.67
C LYS D 511 -0.62 13.81 9.63
N THR D 512 0.28 14.70 9.27
CA THR D 512 1.71 14.40 9.29
C THR D 512 2.30 14.86 10.62
N VAL D 513 3.04 13.96 11.29
CA VAL D 513 3.65 14.28 12.56
C VAL D 513 5.14 14.10 12.43
N THR D 514 5.88 15.19 12.63
CA THR D 514 7.31 15.18 12.42
C THR D 514 8.03 15.56 13.70
N PHE D 515 8.83 14.64 14.23
CA PHE D 515 9.61 14.84 15.45
C PHE D 515 11.04 15.20 15.10
N GLU D 516 11.69 15.98 15.94
CA GLU D 516 13.14 15.99 15.91
C GLU D 516 13.63 15.50 17.27
N TYR D 517 14.67 14.67 17.28
CA TYR D 517 15.20 14.17 18.56
C TYR D 517 16.71 13.96 18.53
PA NDP E . 24.69 -23.63 -9.55
O1A NDP E . 23.64 -23.85 -8.52
O2A NDP E . 25.56 -24.81 -9.69
O5B NDP E . 25.59 -22.35 -9.14
C5B NDP E . 25.05 -21.08 -8.84
C4B NDP E . 25.99 -20.37 -7.90
O4B NDP E . 26.01 -21.06 -6.65
C3B NDP E . 27.43 -20.36 -8.41
O3B NDP E . 28.08 -19.13 -8.11
C2B NDP E . 28.06 -21.49 -7.60
O2B NDP E . 29.45 -21.41 -7.47
C1B NDP E . 27.36 -21.33 -6.27
N9A NDP E . 27.50 -22.48 -5.35
C8A NDP E . 27.75 -23.80 -5.66
N7A NDP E . 27.80 -24.50 -4.49
C5A NDP E . 27.63 -23.65 -3.45
C6A NDP E . 27.60 -23.82 -2.06
N6A NDP E . 27.80 -24.99 -1.48
N1A NDP E . 27.39 -22.73 -1.25
C2A NDP E . 27.19 -21.48 -1.80
N3A NDP E . 27.21 -21.31 -3.17
C4A NDP E . 27.43 -22.38 -3.99
O3 NDP E . 23.93 -23.19 -10.88
PN NDP E . 24.36 -23.56 -12.40
O1N NDP E . 23.88 -24.93 -12.75
O2N NDP E . 25.79 -23.26 -12.56
O5D NDP E . 23.43 -22.50 -13.20
C5D NDP E . 22.27 -22.96 -13.89
C4D NDP E . 21.06 -23.11 -12.96
O4D NDP E . 20.78 -21.84 -12.37
C3D NDP E . 19.79 -23.52 -13.70
O3D NDP E . 19.05 -24.47 -12.98
C2D NDP E . 19.02 -22.21 -13.83
O2D NDP E . 17.62 -22.35 -13.96
C1D NDP E . 19.42 -21.48 -12.55
N1N NDP E . 19.19 -20.02 -12.61
C2N NDP E . 18.06 -19.51 -12.03
C3N NDP E . 17.65 -18.17 -12.23
C7N NDP E . 16.41 -17.64 -11.57
O7N NDP E . 16.27 -16.25 -11.48
N7N NDP E . 15.47 -18.44 -11.08
C4N NDP E . 18.48 -17.20 -13.09
C5N NDP E . 19.71 -17.88 -13.66
C6N NDP E . 20.00 -19.22 -13.39
P2B NDP E . 30.42 -21.90 -8.68
O1X NDP E . 29.73 -22.92 -9.54
O2X NDP E . 30.83 -20.71 -9.51
O3X NDP E . 31.62 -22.50 -7.99
S SO4 F . -7.95 -21.92 -9.68
O1 SO4 F . -7.91 -20.73 -10.52
O2 SO4 F . -8.99 -22.82 -10.17
O3 SO4 F . -6.66 -22.62 -9.67
O4 SO4 F . -8.27 -21.53 -8.30
S SO4 G . 32.87 -18.89 12.85
O1 SO4 G . 33.43 -17.59 12.49
O2 SO4 G . 32.03 -19.49 11.83
O3 SO4 G . 33.97 -19.81 13.12
O4 SO4 G . 32.06 -18.70 14.06
S SO4 H . 19.01 -39.41 -14.29
O1 SO4 H . 20.36 -39.23 -14.82
O2 SO4 H . 19.10 -39.85 -12.90
O3 SO4 H . 18.28 -38.14 -14.34
O4 SO4 H . 18.29 -40.43 -15.06
S SO4 I . 10.74 -9.37 8.81
O1 SO4 I . 9.55 -8.92 8.09
O2 SO4 I . 11.13 -8.41 9.84
O3 SO4 I . 10.47 -10.70 9.38
O4 SO4 I . 11.79 -9.55 7.82
S SO4 J . -8.30 10.84 26.75
O1 SO4 J . -7.00 10.25 26.43
O2 SO4 J . -8.96 11.28 25.52
O3 SO4 J . -9.10 9.86 27.45
O4 SO4 J . -8.10 12.03 27.61
S SO4 K . -8.09 -5.76 24.05
O1 SO4 K . -7.08 -6.09 23.05
O2 SO4 K . -8.59 -4.39 23.85
O3 SO4 K . -9.22 -6.66 23.99
O4 SO4 K . -7.51 -5.85 25.40
S SO4 L . 13.20 -1.57 -22.39
O1 SO4 L . 14.00 -2.57 -23.09
O2 SO4 L . 12.05 -1.18 -23.21
O3 SO4 L . 12.76 -2.13 -21.11
O4 SO4 L . 14.00 -0.37 -22.19
S SO4 M . 35.66 -15.23 -35.17
O1 SO4 M . 36.58 -15.71 -36.20
O2 SO4 M . 34.29 -15.64 -35.49
O3 SO4 M . 36.03 -15.78 -33.87
O4 SO4 M . 35.70 -13.77 -35.11
C1 GOL N . 15.63 -11.30 -18.59
O1 GOL N . 15.67 -10.69 -19.86
C2 GOL N . 15.89 -12.80 -18.72
O2 GOL N . 15.39 -13.30 -19.94
C3 GOL N . 15.17 -13.46 -17.56
O3 GOL N . 16.02 -14.39 -16.96
PA NDP O . 10.42 -26.57 21.11
O1A NDP O . 11.21 -25.97 20.01
O2A NDP O . 11.15 -27.66 21.79
O5B NDP O . 9.05 -27.15 20.50
C5B NDP O . 8.14 -26.32 19.80
C4B NDP O . 7.31 -27.22 18.90
O4B NDP O . 8.16 -27.82 17.93
C3B NDP O . 6.69 -28.39 19.69
O3B NDP O . 5.42 -28.68 19.15
C2B NDP O . 7.64 -29.54 19.38
O2B NDP O . 7.05 -30.81 19.46
C1B NDP O . 7.98 -29.22 17.95
N9A NDP O . 9.15 -29.98 17.47
C8A NDP O . 10.20 -30.51 18.20
N7A NDP O . 11.04 -31.13 17.34
C5A NDP O . 10.52 -31.01 16.08
C6A NDP O . 10.95 -31.45 14.84
N6A NDP O . 12.03 -32.21 14.73
N1A NDP O . 10.20 -31.17 13.71
C2A NDP O . 9.03 -30.44 13.81
N3A NDP O . 8.60 -30.02 15.05
C4A NDP O . 9.34 -30.30 16.16
O3 NDP O . 9.99 -25.36 22.05
PN NDP O . 9.89 -25.40 23.65
O1N NDP O . 11.24 -25.21 24.25
O2N NDP O . 9.05 -26.56 24.04
O5D NDP O . 9.10 -24.01 23.85
C5D NDP O . 9.78 -22.89 24.39
C4D NDP O . 10.48 -22.06 23.30
O4D NDP O . 9.53 -21.61 22.34
C3D NDP O . 11.09 -20.82 23.91
O3D NDP O . 12.41 -20.60 23.45
C2D NDP O . 10.17 -19.70 23.47
O2D NDP O . 10.80 -18.44 23.39
C1D NDP O . 9.67 -20.22 22.13
N1N NDP O . 8.39 -19.59 21.70
C2N NDP O . 8.45 -18.59 20.77
C3N NDP O . 7.34 -17.79 20.50
C7N NDP O . 7.46 -16.73 19.46
O7N NDP O . 6.26 -16.19 18.98
N7N NDP O . 8.66 -16.36 19.04
C4N NDP O . 5.99 -17.96 21.19
C5N NDP O . 6.06 -19.08 22.18
C6N NDP O . 7.22 -19.83 22.38
P2B NDP O . 6.89 -31.51 20.90
O1X NDP O . 7.83 -30.87 21.90
O2X NDP O . 5.45 -31.34 21.33
O3X NDP O . 7.22 -32.97 20.69
S SO4 P . 20.74 3.53 13.77
O1 SO4 P . 21.78 4.30 14.47
O2 SO4 P . 20.93 3.67 12.33
O3 SO4 P . 20.81 2.12 14.16
O4 SO4 P . 19.43 4.09 14.13
S SO4 Q . 7.68 -39.42 0.55
O1 SO4 Q . 8.31 -39.32 -0.76
O2 SO4 Q . 6.25 -39.13 0.43
O3 SO4 Q . 7.85 -40.79 1.04
O4 SO4 Q . 8.38 -38.50 1.46
S SO4 R . 26.03 -24.82 29.30
O1 SO4 R . 25.56 -23.62 28.60
O2 SO4 R . 24.95 -25.38 30.09
O3 SO4 R . 26.48 -25.81 28.33
O4 SO4 R . 27.16 -24.48 30.16
S SO4 S . 6.49 -15.04 -3.20
O1 SO4 S . 5.68 -15.49 -4.35
O2 SO4 S . 6.27 -13.63 -2.91
O3 SO4 S . 6.14 -15.82 -2.01
O4 SO4 S . 7.91 -15.27 -3.44
S SO4 T . -1.12 2.85 -29.84
O1 SO4 T . -2.30 2.69 -30.70
O2 SO4 T . -1.29 4.05 -29.02
O3 SO4 T . -0.99 1.64 -29.02
O4 SO4 T . 0.08 2.96 -30.66
S SO4 U . -6.41 -26.17 44.83
O1 SO4 U . -5.14 -26.10 44.10
O2 SO4 U . -7.48 -26.62 43.96
O3 SO4 U . -6.27 -27.15 45.91
O4 SO4 U . -6.75 -24.87 45.39
C1 GOL V . 0.53 -11.86 23.79
O1 GOL V . -0.37 -11.31 24.74
C2 GOL V . 1.71 -12.49 24.51
O2 GOL V . 2.08 -11.71 25.62
C3 GOL V . 2.86 -12.53 23.52
O3 GOL V . 3.50 -13.78 23.58
PA NDP W . -4.14 35.02 -3.14
O1A NDP W . -5.25 34.06 -2.89
O2A NDP W . -4.58 36.42 -3.26
O5B NDP W . -3.41 34.63 -4.50
C5B NDP W . -2.94 33.32 -4.77
C4B NDP W . -3.00 33.16 -6.28
O4B NDP W . -4.36 33.14 -6.68
C3B NDP W . -2.35 34.32 -7.00
O3B NDP W . -1.62 33.83 -8.11
C2B NDP W . -3.56 35.13 -7.46
O2B NDP W . -3.35 35.94 -8.58
C1B NDP W . -4.54 34.01 -7.78
N9A NDP W . -5.93 34.47 -7.94
C8A NDP W . -6.55 35.61 -7.44
N7A NDP W . -7.84 35.61 -7.84
C5A NDP W . -8.07 34.50 -8.57
C6A NDP W . -9.21 34.02 -9.22
N6A NDP W . -10.24 34.82 -9.43
N1A NDP W . -9.12 32.83 -9.91
C2A NDP W . -7.93 32.14 -9.97
N3A NDP W . -6.81 32.61 -9.33
C4A NDP W . -6.88 33.77 -8.65
O3 NDP W . -3.07 34.74 -1.98
PN NDP W . -2.12 35.88 -1.31
O1N NDP W . -2.85 36.61 -0.23
O2N NDP W . -1.55 36.67 -2.42
O5D NDP W . -0.99 34.94 -0.61
C5D NDP W . -1.02 34.76 0.80
C4D NDP W . -1.98 33.63 1.20
O4D NDP W . -1.57 32.45 0.55
C3D NDP W . -1.92 33.34 2.70
O3D NDP W . -3.21 33.09 3.22
C2D NDP W . -1.08 32.08 2.78
O2D NDP W . -1.33 31.29 3.92
C1D NDP W . -1.47 31.37 1.48
N1N NDP W . -0.55 30.31 1.05
C2N NDP W . -0.83 29.00 1.35
C3N NDP W . 0.15 28.00 1.23
C7N NDP W . -0.16 26.58 1.56
O7N NDP W . 0.77 25.60 1.17
N7N NDP W . -1.30 26.26 2.16
C4N NDP W . 1.58 28.28 0.76
C5N NDP W . 1.77 29.75 0.46
C6N NDP W . 0.71 30.66 0.60
P2B NDP W . -2.65 37.39 -8.43
O1X NDP W . -2.85 37.93 -7.02
O2X NDP W . -1.19 37.26 -8.70
O3X NDP W . -3.33 38.30 -9.42
S SO4 X . -8.93 12.33 19.84
O1 SO4 X . -7.57 11.83 19.73
O2 SO4 X . -9.85 11.42 19.16
O3 SO4 X . -9.31 12.40 21.24
O4 SO4 X . -9.05 13.66 19.24
S SO4 Y . -15.80 28.43 -23.33
O1 SO4 Y . -15.89 29.75 -23.94
O2 SO4 Y . -16.89 27.57 -23.76
O3 SO4 Y . -14.56 27.82 -23.80
O4 SO4 Y . -15.90 28.55 -21.87
S SO4 Z . -12.40 42.83 10.52
O1 SO4 Z . -13.72 43.01 9.93
O2 SO4 Z . -11.56 43.96 10.13
O3 SO4 Z . -12.53 42.76 11.97
O4 SO4 Z . -11.81 41.58 10.04
S SO4 AA . -10.67 9.30 -8.67
O1 SO4 AA . -10.68 8.62 -9.97
O2 SO4 AA . -10.01 10.59 -8.76
O3 SO4 AA . -12.02 9.61 -8.20
O4 SO4 AA . -9.94 8.48 -7.70
S SO4 BA . -13.91 -23.33 -13.34
O1 SO4 BA . -13.79 -22.00 -13.91
O2 SO4 BA . -13.88 -24.31 -14.43
O3 SO4 BA . -12.80 -23.63 -12.43
O4 SO4 BA . -15.18 -23.42 -12.64
S SO4 CA . 21.83 47.78 -0.02
O1 SO4 CA . 22.37 48.15 -1.32
O2 SO4 CA . 20.52 47.17 -0.22
O3 SO4 CA . 22.78 46.89 0.66
O4 SO4 CA . 21.62 48.96 0.81
S SO4 DA . 30.04 33.37 -1.89
O1 SO4 DA . 30.73 34.64 -2.22
O2 SO4 DA . 29.03 33.00 -2.89
O3 SO4 DA . 31.02 32.31 -1.78
O4 SO4 DA . 29.35 33.46 -0.61
C1 GOL EA . 9.13 24.66 3.63
O1 GOL EA . 10.50 24.99 3.72
C2 GOL EA . 8.28 25.92 3.79
O2 GOL EA . 8.61 26.60 4.98
C3 GOL EA . 6.82 25.48 3.79
O3 GOL EA . 6.00 26.62 3.65
PA NDP FA . -30.90 15.10 -8.28
O1A NDP FA . -29.58 15.70 -8.53
O2A NDP FA . -32.02 15.97 -8.75
O5B NDP FA . -31.11 14.81 -6.72
C5B NDP FA . -30.24 13.97 -5.98
C4B NDP FA . -30.30 14.39 -4.52
O4B NDP FA . -29.83 15.72 -4.38
C3B NDP FA . -31.73 14.40 -3.99
O3B NDP FA . -31.76 13.90 -2.68
C2B NDP FA . -32.09 15.88 -4.05
O2B NDP FA . -33.14 16.27 -3.19
C1B NDP FA . -30.78 16.50 -3.64
N9A NDP FA . -30.72 17.94 -3.93
C8A NDP FA . -31.43 18.68 -4.86
N7A NDP FA . -31.06 19.99 -4.75
C5A NDP FA . -30.13 20.09 -3.76
C6A NDP FA . -29.41 21.16 -3.22
N6A NDP FA . -29.67 22.45 -3.55
N1A NDP FA . -28.51 20.91 -2.20
C2A NDP FA . -28.32 19.65 -1.72
N3A NDP FA . -29.04 18.59 -2.25
C4A NDP FA . -29.91 18.81 -3.26
O3 NDP FA . -30.89 13.65 -8.97
PN NDP FA . -32.11 12.97 -9.77
O1N NDP FA . -32.28 13.63 -11.11
O2N NDP FA . -33.29 12.89 -8.87
O5D NDP FA . -31.47 11.49 -9.99
C5D NDP FA . -30.96 11.12 -11.26
C4D NDP FA . -29.47 11.43 -11.42
O4D NDP FA . -28.74 10.81 -10.37
C3D NDP FA . -28.92 10.85 -12.72
O3D NDP FA . -28.10 11.76 -13.39
C2D NDP FA . -28.10 9.65 -12.25
O2D NDP FA . -27.06 9.26 -13.12
C1D NDP FA . -27.60 10.16 -10.89
N1N NDP FA . -27.10 9.08 -10.02
C2N NDP FA . -25.75 8.88 -9.97
C3N NDP FA . -25.20 7.72 -9.35
C7N NDP FA . -23.72 7.56 -9.33
O7N NDP FA . -23.18 6.54 -8.55
N7N NDP FA . -22.96 8.39 -10.04
C4N NDP FA . -26.07 6.65 -8.68
C5N NDP FA . -27.53 7.01 -8.79
C6N NDP FA . -27.96 8.17 -9.44
P2B NDP FA . -34.66 16.03 -3.63
O1X NDP FA . -34.75 15.86 -5.14
O2X NDP FA . -35.14 14.75 -3.00
O3X NDP FA . -35.47 17.23 -3.19
S SO4 GA . -3.87 5.83 -24.17
O1 SO4 GA . -3.75 5.74 -25.63
O2 SO4 GA . -5.07 6.59 -23.84
O3 SO4 GA . -3.95 4.49 -23.61
O4 SO4 GA . -2.70 6.51 -23.63
S SO4 HA . -24.73 29.62 10.21
O1 SO4 HA . -24.85 28.52 11.19
O2 SO4 HA . -24.94 29.17 8.83
O3 SO4 HA . -25.78 30.59 10.55
O4 SO4 HA . -23.40 30.19 10.32
S SO4 IA . -32.72 21.64 -25.10
O1 SO4 IA . -31.65 21.30 -26.02
O2 SO4 IA . -32.29 22.73 -24.23
O3 SO4 IA . -33.90 22.06 -25.85
O4 SO4 IA . -33.07 20.49 -24.26
S SO4 JA . -6.37 14.98 3.15
O1 SO4 JA . -6.06 16.23 2.42
O2 SO4 JA . -5.97 15.11 4.56
O3 SO4 JA . -7.79 14.83 2.99
O4 SO4 JA . -5.76 13.80 2.54
S SO4 KA . 23.73 9.25 15.98
O1 SO4 KA . 24.56 10.44 15.82
O2 SO4 KA . 24.02 8.27 14.92
O3 SO4 KA . 24.00 8.62 17.26
O4 SO4 KA . 22.32 9.67 15.94
S SO4 LA . -23.03 -11.97 -4.99
O1 SO4 LA . -22.37 -13.14 -5.57
O2 SO4 LA . -24.10 -11.53 -5.88
O3 SO4 LA . -23.59 -12.38 -3.71
O4 SO4 LA . -22.08 -10.88 -4.78
S SO4 MA . -51.60 -5.14 -9.28
O1 SO4 MA . -51.10 -5.80 -10.48
O2 SO4 MA . -53.05 -5.21 -9.22
O3 SO4 MA . -51.04 -5.84 -8.12
O4 SO4 MA . -51.19 -3.74 -9.27
C1 GOL NA . -25.38 0.31 -9.21
O1 GOL NA . -25.52 1.27 -10.23
C2 GOL NA . -25.15 -1.09 -9.78
O2 GOL NA . -26.20 -1.47 -10.66
C3 GOL NA . -25.05 -2.03 -8.58
O3 GOL NA . -25.74 -3.24 -8.82
#